data_6U7L
#
_entry.id   6U7L
#
_cell.length_a   58.462
_cell.length_b   167.574
_cell.length_c   117.065
_cell.angle_alpha   90.000
_cell.angle_beta   103.970
_cell.angle_gamma   90.000
#
_symmetry.space_group_name_H-M   'P 1 21 1'
#
loop_
_entity.id
_entity.type
_entity.pdbx_description
1 polymer 'Galactarate dehydratase (L-threo-forming)'
2 polymer 'Galactarate dehydratase (L-threo-forming)'
3 non-polymer 'CALCIUM ION'
4 non-polymer 'CHLORIDE ION'
5 water water
#
loop_
_entity_poly.entity_id
_entity_poly.type
_entity_poly.pdbx_seq_one_letter_code
_entity_poly.pdbx_strand_id
1 'polypeptide(L)'
;SNA(MSE)ANIEIRQETPTAFYIKVHDTDNVAIIVNDNGLKAGTRFPDGLELIEHIPQGHKVALLDIPANGEIIRYGEVI
GYAVRAIPRGSWIDES(MSE)VVLPEAPPLHTLPLATKVPEPLPPLEGYTFEGYRNADGSVGTKNLLGITTSVHCVAGVV
DYVVKIIERDLLPKYPNV(PHD)GVVGLNHLYGCGVAINAPAAVVPIRTIHNISLNPNFGGEV(MSE)VIGLGCEKLQPE
RLLTGTDDVQAIPVESASIVSLQDEKHVGFQS(MSE)VEDILQIAERHLQKLNQRQRETCPASELVVG(MSE)QCGGSDA
FSGVTANPAVGYASDLLVRCGATV(MSE)FSEVTEVRDAIHLLTPRAVNEEVGKRLLEE(MSE)EWYDNYLN(MSE)GKT
DRSANPSPGNKKGGLANVVEKALGSIAKSGKSAIVEVLSPGQRPTKRGLIYAATPASDFVCGTQQVASGITVQVFTTGRG
TPYGL(MSE)AVPVIK(MSE)ATRTELANRWFDL(MSE)DINAGTIATGEETIEEVGWKLFHFILDVASGKKKTFSDQWG
LHNQLAVFNPAPVT
;
A,B
2 'polypeptide(L)'
;SNA(MSE)ANIEIRQETPTAFYIKVHDTDNVAIIVNDNGLKAGTRFPDGLELIEHIPQGHKVALLDIPANGEIIRYGEVI
GYAVRAIPRGSWIDES(MSE)VVLPEAPPLHTLPLATKVPEPLPPLEGYTFEGYRNADGSVGTKNLLGITTSVHCVAGVV
DYVVKIIERDLLPKYPNVDGVVGLNHLYGCGVAINAPAAVVPIRTIHNISLNPNFGGEV(MSE)VIGLGCEKLQPERLLT
GTDDVQAIPVESASIVSLQDEKHVGFQS(MSE)VEDILQIAERHLQKLNQRQRETCPASELVVG(MSE)QCGGSDAFSGV
TANPAVGYASDLLVRCGATV(MSE)FSEVTEVRDAIHLLTPRAVNEEVGKRLLEE(MSE)EWYDNYLN(MSE)GKTDRSA
NPSPGNKKGGLANVVEKALGSIAKSGKSAIVEVLSPGQRPTKRGLIYAATPASDFVCGTQQVASGITVQVFTTGRGTPYG
L(MSE)AVPVIK(MSE)ATRTELANRWFDL(MSE)DINAGTIATGEETIEEVGWKLFHFILDVASGKKKTFSDQWGLHNQ
LAVFNPAPVT
;
C,D
#
loop_
_chem_comp.id
_chem_comp.type
_chem_comp.name
_chem_comp.formula
CA non-polymer 'CALCIUM ION' 'Ca 2'
CL non-polymer 'CHLORIDE ION' 'Cl -1'
#
# COMPACT_ATOMS: atom_id res chain seq x y z
N THR A 13 -9.82 -30.53 6.89
CA THR A 13 -8.81 -31.18 7.79
C THR A 13 -9.53 -32.12 8.75
N PRO A 14 -9.09 -33.40 8.88
CA PRO A 14 -9.71 -34.34 9.81
C PRO A 14 -9.04 -34.31 11.20
N THR A 15 -8.12 -33.36 11.43
CA THR A 15 -7.38 -33.25 12.73
C THR A 15 -8.17 -32.39 13.72
N ALA A 16 -8.61 -33.02 14.82
CA ALA A 16 -9.38 -32.34 15.89
C ALA A 16 -8.41 -31.59 16.79
N PHE A 17 -8.79 -30.36 17.19
CA PHE A 17 -7.95 -29.54 18.08
C PHE A 17 -8.83 -28.79 19.09
N TYR A 18 -8.24 -28.50 20.26
CA TYR A 18 -8.88 -27.68 21.33
C TYR A 18 -7.78 -26.72 21.79
N ILE A 19 -8.14 -25.53 22.29
CA ILE A 19 -7.07 -24.58 22.71
C ILE A 19 -7.24 -24.24 24.20
N LYS A 20 -6.23 -24.63 24.99
CA LYS A 20 -6.15 -24.42 26.45
C LYS A 20 -5.20 -23.24 26.68
N VAL A 21 -5.74 -22.09 27.10
CA VAL A 21 -4.95 -20.85 27.29
C VAL A 21 -3.91 -21.03 28.39
N HIS A 22 -4.34 -21.23 29.65
CA HIS A 22 -3.37 -21.37 30.76
C HIS A 22 -3.23 -22.84 31.18
N ASP A 23 -2.08 -23.18 31.77
CA ASP A 23 -1.69 -24.53 32.25
C ASP A 23 -2.69 -25.07 33.29
N THR A 24 -3.11 -24.24 34.25
CA THR A 24 -4.02 -24.66 35.35
C THR A 24 -5.49 -24.72 34.90
N ASP A 25 -5.80 -24.41 33.64
CA ASP A 25 -7.21 -24.44 33.17
C ASP A 25 -7.78 -25.88 33.22
N ASN A 26 -9.10 -25.98 33.38
CA ASN A 26 -9.83 -27.27 33.42
C ASN A 26 -10.87 -27.23 32.28
N VAL A 27 -10.79 -26.23 31.40
CA VAL A 27 -11.72 -26.10 30.24
C VAL A 27 -10.91 -25.60 29.05
N ALA A 28 -11.36 -25.93 27.83
CA ALA A 28 -10.68 -25.53 26.58
C ALA A 28 -11.74 -25.16 25.54
N ILE A 29 -11.32 -24.60 24.40
CA ILE A 29 -12.27 -24.19 23.32
C ILE A 29 -12.05 -25.08 22.09
N ILE A 30 -13.14 -25.48 21.43
CA ILE A 30 -13.08 -26.31 20.19
C ILE A 30 -12.77 -25.37 19.02
N VAL A 31 -11.81 -25.72 18.15
CA VAL A 31 -11.44 -24.81 17.01
C VAL A 31 -12.06 -25.32 15.69
N ASN A 32 -12.12 -26.63 15.46
CA ASN A 32 -12.64 -27.19 14.19
C ASN A 32 -13.98 -26.55 13.81
N ASP A 33 -14.09 -26.11 12.55
CA ASP A 33 -15.36 -25.51 12.02
C ASP A 33 -16.40 -26.64 12.07
N ASN A 34 -17.65 -26.32 12.39
CA ASN A 34 -18.74 -27.32 12.50
C ASN A 34 -18.61 -28.07 13.84
N GLY A 35 -17.53 -27.83 14.59
CA GLY A 35 -17.32 -28.47 15.91
C GLY A 35 -16.80 -29.88 15.79
N LEU A 36 -16.79 -30.61 16.91
CA LEU A 36 -16.32 -32.03 16.96
C LEU A 36 -17.45 -32.94 17.45
N LYS A 37 -17.65 -34.07 16.77
CA LYS A 37 -18.74 -35.03 17.13
C LYS A 37 -18.25 -35.94 18.26
N ALA A 38 -19.19 -36.59 18.95
CA ALA A 38 -18.87 -37.50 20.07
C ALA A 38 -17.99 -38.64 19.56
N GLY A 39 -17.05 -39.10 20.39
CA GLY A 39 -16.13 -40.20 20.02
C GLY A 39 -14.74 -39.67 19.71
N THR A 40 -14.66 -38.42 19.23
CA THR A 40 -13.36 -37.76 18.91
C THR A 40 -12.46 -37.83 20.15
N ARG A 41 -11.21 -38.27 19.93
CA ARG A 41 -10.20 -38.40 21.01
C ARG A 41 -9.08 -37.37 20.77
N PHE A 42 -8.31 -37.07 21.81
CA PHE A 42 -7.20 -36.09 21.73
C PHE A 42 -5.91 -36.75 22.20
N PRO A 43 -4.74 -36.14 21.92
CA PRO A 43 -3.45 -36.71 22.33
C PRO A 43 -3.33 -37.05 23.83
N ASP A 44 -3.70 -36.11 24.71
CA ASP A 44 -3.61 -36.32 26.19
C ASP A 44 -4.39 -37.58 26.61
N GLY A 45 -5.48 -37.92 25.91
CA GLY A 45 -6.27 -39.12 26.24
C GLY A 45 -7.75 -38.83 26.48
N LEU A 46 -8.14 -37.55 26.48
CA LEU A 46 -9.56 -37.15 26.69
C LEU A 46 -10.42 -37.62 25.50
N GLU A 47 -11.74 -37.65 25.69
CA GLU A 47 -12.71 -38.06 24.62
C GLU A 47 -14.04 -37.33 24.87
N LEU A 48 -14.62 -36.74 23.81
CA LEU A 48 -15.91 -36.01 23.95
C LEU A 48 -17.04 -37.02 24.14
N ILE A 49 -18.02 -36.68 24.97
CA ILE A 49 -19.19 -37.57 25.25
C ILE A 49 -20.37 -37.12 24.38
N GLU A 50 -20.30 -35.89 23.85
CA GLU A 50 -21.38 -35.32 22.99
C GLU A 50 -20.77 -34.37 21.96
N HIS A 51 -21.60 -33.89 21.03
CA HIS A 51 -21.12 -32.94 19.99
C HIS A 51 -20.94 -31.56 20.64
N ILE A 52 -19.84 -30.88 20.32
CA ILE A 52 -19.55 -29.53 20.89
C ILE A 52 -19.22 -28.59 19.73
N PRO A 53 -19.98 -27.48 19.54
CA PRO A 53 -19.71 -26.54 18.45
C PRO A 53 -18.39 -25.78 18.63
N GLN A 54 -17.91 -25.11 17.57
CA GLN A 54 -16.64 -24.36 17.70
C GLN A 54 -16.89 -23.12 18.57
N GLY A 55 -15.88 -22.73 19.36
CA GLY A 55 -15.98 -21.55 20.25
C GLY A 55 -16.52 -21.90 21.61
N HIS A 56 -17.23 -23.03 21.73
CA HIS A 56 -17.79 -23.44 23.04
C HIS A 56 -16.74 -24.19 23.86
N LYS A 57 -16.91 -24.16 25.18
CA LYS A 57 -15.97 -24.80 26.15
C LYS A 57 -16.27 -26.29 26.33
N VAL A 58 -15.22 -27.06 26.64
CA VAL A 58 -15.27 -28.53 26.89
C VAL A 58 -14.55 -28.79 28.22
N ALA A 59 -15.09 -29.67 29.07
CA ALA A 59 -14.44 -29.98 30.36
C ALA A 59 -13.27 -30.95 30.12
N LEU A 60 -12.08 -30.59 30.61
CA LEU A 60 -10.86 -31.42 30.48
C LEU A 60 -10.85 -32.48 31.59
N LEU A 61 -11.48 -32.18 32.73
CA LEU A 61 -11.52 -33.14 33.87
C LEU A 61 -12.93 -33.17 34.46
N ASP A 62 -13.25 -34.21 35.25
CA ASP A 62 -14.56 -34.28 35.95
C ASP A 62 -14.58 -33.15 36.99
N ILE A 63 -15.52 -32.21 36.85
CA ILE A 63 -15.63 -31.07 37.80
C ILE A 63 -16.82 -31.32 38.72
N PRO A 64 -16.64 -31.24 40.06
CA PRO A 64 -17.74 -31.46 41.00
C PRO A 64 -18.70 -30.26 41.12
N ALA A 65 -19.82 -30.46 41.82
CA ALA A 65 -20.83 -29.40 42.04
C ALA A 65 -20.18 -28.24 42.81
N ASN A 66 -20.51 -27.00 42.44
CA ASN A 66 -19.94 -25.78 43.07
C ASN A 66 -18.43 -25.79 42.89
N GLY A 67 -17.92 -26.61 41.97
CA GLY A 67 -16.48 -26.69 41.67
C GLY A 67 -16.03 -25.51 40.82
N GLU A 68 -14.80 -25.05 41.04
CA GLU A 68 -14.26 -23.88 40.28
C GLU A 68 -14.12 -24.20 38.79
N ILE A 69 -14.46 -23.22 37.95
CA ILE A 69 -14.30 -23.30 36.47
C ILE A 69 -13.12 -22.37 36.16
N ILE A 70 -11.99 -22.93 35.73
CA ILE A 70 -10.75 -22.11 35.51
C ILE A 70 -10.43 -21.96 34.02
N ARG A 71 -10.24 -20.71 33.59
CA ARG A 71 -9.84 -20.39 32.20
C ARG A 71 -9.00 -19.10 32.26
N TYR A 72 -7.88 -19.07 31.54
CA TYR A 72 -6.93 -17.92 31.55
C TYR A 72 -6.22 -17.89 32.91
N GLY A 73 -6.25 -19.01 33.63
CA GLY A 73 -5.60 -19.15 34.94
C GLY A 73 -6.38 -18.51 36.07
N GLU A 74 -7.62 -18.11 35.82
CA GLU A 74 -8.47 -17.45 36.86
C GLU A 74 -9.85 -18.10 36.92
N VAL A 75 -10.54 -17.93 38.04
CA VAL A 75 -11.91 -18.50 38.26
C VAL A 75 -12.91 -17.67 37.44
N ILE A 76 -13.57 -18.30 36.47
CA ILE A 76 -14.60 -17.60 35.63
C ILE A 76 -16.00 -17.92 36.16
N GLY A 77 -16.11 -18.86 37.10
CA GLY A 77 -17.43 -19.23 37.65
C GLY A 77 -17.38 -20.54 38.43
N TYR A 78 -18.56 -21.07 38.77
CA TYR A 78 -18.70 -22.35 39.53
C TYR A 78 -19.75 -23.22 38.83
N ALA A 79 -19.57 -24.55 38.88
CA ALA A 79 -20.51 -25.48 38.21
C ALA A 79 -21.83 -25.56 38.98
N VAL A 80 -22.95 -25.45 38.26
CA VAL A 80 -24.32 -25.54 38.87
C VAL A 80 -24.57 -26.98 39.29
N ARG A 81 -24.01 -27.93 38.54
CA ARG A 81 -24.17 -29.39 38.78
C ARG A 81 -22.84 -30.07 38.42
N ALA A 82 -22.63 -31.31 38.86
CA ALA A 82 -21.39 -32.05 38.51
C ALA A 82 -21.26 -32.15 36.99
N ILE A 83 -20.14 -31.66 36.44
CA ILE A 83 -19.90 -31.68 34.96
C ILE A 83 -18.91 -32.81 34.64
N PRO A 84 -19.29 -33.81 33.83
CA PRO A 84 -18.39 -34.90 33.48
C PRO A 84 -17.35 -34.43 32.44
N ARG A 85 -16.25 -35.19 32.29
CA ARG A 85 -15.18 -34.79 31.34
C ARG A 85 -15.68 -34.94 29.90
N GLY A 86 -15.11 -34.16 28.98
CA GLY A 86 -15.46 -34.18 27.55
C GLY A 86 -16.90 -33.79 27.31
N SER A 87 -17.47 -32.96 28.18
CA SER A 87 -18.88 -32.51 28.03
C SER A 87 -18.91 -31.03 27.65
N TRP A 88 -19.96 -30.61 26.94
CA TRP A 88 -20.13 -29.21 26.49
C TRP A 88 -20.65 -28.34 27.65
N ILE A 89 -19.86 -27.35 28.05
CA ILE A 89 -20.20 -26.40 29.15
C ILE A 89 -20.87 -25.17 28.55
N ASP A 90 -22.20 -25.05 28.69
CA ASP A 90 -22.94 -23.86 28.16
C ASP A 90 -23.03 -22.82 29.28
N GLU A 91 -23.34 -21.57 28.94
CA GLU A 91 -23.41 -20.45 29.91
C GLU A 91 -24.45 -20.72 31.01
N SER A 92 -25.33 -21.72 30.82
CA SER A 92 -26.37 -22.02 31.84
C SER A 92 -25.86 -23.02 32.89
N MSE A 93 -24.65 -23.55 32.68
CA MSE A 93 -24.07 -24.53 33.60
C MSE A 93 -23.04 -23.88 34.52
O MSE A 93 -22.47 -24.55 35.37
CB MSE A 93 -23.38 -25.65 32.82
CG MSE A 93 -24.30 -26.77 32.37
SE MSE A 93 -23.46 -27.74 30.88
CE MSE A 93 -22.39 -29.26 31.55
N VAL A 94 -22.81 -22.56 34.36
CA VAL A 94 -21.86 -21.86 35.20
C VAL A 94 -22.56 -20.75 35.99
N VAL A 95 -22.04 -20.43 37.18
CA VAL A 95 -22.59 -19.36 38.06
C VAL A 95 -21.49 -18.30 38.19
N LEU A 96 -21.77 -17.07 37.75
CA LEU A 96 -20.77 -15.98 37.81
C LEU A 96 -20.38 -15.70 39.26
N PRO A 97 -19.08 -15.46 39.56
CA PRO A 97 -18.64 -15.17 40.91
C PRO A 97 -18.88 -13.68 41.21
N GLU A 98 -19.54 -13.36 42.32
CA GLU A 98 -19.82 -11.94 42.68
C GLU A 98 -18.50 -11.16 42.67
N ALA A 99 -18.47 -10.04 41.94
CA ALA A 99 -17.24 -9.22 41.84
C ALA A 99 -16.95 -8.56 43.18
N PRO A 100 -15.67 -8.51 43.63
CA PRO A 100 -15.35 -7.87 44.91
C PRO A 100 -15.34 -6.36 44.78
N PRO A 101 -15.55 -5.59 45.87
CA PRO A 101 -15.53 -4.13 45.81
C PRO A 101 -14.19 -3.62 45.25
N LEU A 102 -14.18 -2.39 44.72
CA LEU A 102 -12.95 -1.80 44.12
C LEU A 102 -11.93 -1.39 45.19
N HIS A 103 -12.39 -0.93 46.36
CA HIS A 103 -11.45 -0.49 47.43
C HIS A 103 -10.73 -1.69 48.07
N THR A 104 -11.13 -2.93 47.73
CA THR A 104 -10.51 -4.14 48.32
C THR A 104 -9.58 -4.85 47.32
N LEU A 105 -9.37 -4.25 46.14
CA LEU A 105 -8.49 -4.90 45.12
C LEU A 105 -7.03 -4.58 45.41
N PRO A 106 -6.13 -5.59 45.32
CA PRO A 106 -4.70 -5.37 45.56
C PRO A 106 -4.06 -4.47 44.49
N LEU A 107 -3.19 -3.54 44.93
CA LEU A 107 -2.51 -2.58 44.02
C LEU A 107 -0.99 -2.83 44.03
N ALA A 108 -0.40 -2.99 42.83
CA ALA A 108 1.06 -3.20 42.67
C ALA A 108 1.57 -4.39 43.47
N THR A 109 0.74 -5.41 43.68
CA THR A 109 1.15 -6.61 44.46
C THR A 109 2.04 -7.55 43.63
N LYS A 110 2.07 -7.37 42.30
CA LYS A 110 2.91 -8.26 41.45
C LYS A 110 3.35 -7.52 40.18
N VAL A 111 4.32 -6.62 40.35
CA VAL A 111 4.94 -5.86 39.21
C VAL A 111 6.03 -6.76 38.65
N PRO A 112 5.95 -7.18 37.37
CA PRO A 112 6.97 -8.07 36.80
C PRO A 112 8.33 -7.39 36.60
N GLU A 113 9.40 -8.18 36.60
CA GLU A 113 10.76 -7.62 36.41
C GLU A 113 10.87 -7.13 34.97
N PRO A 114 11.36 -5.90 34.71
CA PRO A 114 11.50 -5.40 33.35
C PRO A 114 12.33 -6.37 32.48
N LEU A 115 11.81 -6.69 31.29
CA LEU A 115 12.49 -7.65 30.38
C LEU A 115 13.70 -6.96 29.74
N PRO A 116 14.69 -7.73 29.22
CA PRO A 116 15.85 -7.14 28.55
C PRO A 116 15.37 -6.27 27.38
N PRO A 117 15.93 -5.05 27.21
CA PRO A 117 15.51 -4.17 26.12
C PRO A 117 15.89 -4.64 24.70
N LEU A 118 15.10 -4.24 23.70
CA LEU A 118 15.39 -4.51 22.26
C LEU A 118 15.98 -3.25 21.67
N GLU A 119 17.17 -3.35 21.09
CA GLU A 119 17.85 -2.16 20.51
C GLU A 119 18.02 -2.36 18.99
N GLY A 120 18.19 -1.26 18.25
CA GLY A 120 18.44 -1.31 16.80
C GLY A 120 17.17 -1.27 15.95
N TYR A 121 15.99 -1.48 16.53
CA TYR A 121 14.77 -1.44 15.67
C TYR A 121 14.44 0.02 15.35
N THR A 122 14.09 0.28 14.09
CA THR A 122 13.79 1.65 13.61
C THR A 122 12.59 1.66 12.66
N PHE A 123 12.19 2.85 12.21
CA PHE A 123 11.08 3.02 11.24
C PHE A 123 11.26 4.39 10.60
N GLU A 124 10.88 4.53 9.33
CA GLU A 124 11.01 5.84 8.64
C GLU A 124 9.83 6.71 9.04
N GLY A 125 10.07 7.78 9.81
CA GLY A 125 8.98 8.67 10.24
C GLY A 125 9.29 10.14 10.00
N TYR A 126 8.31 11.03 10.25
CA TYR A 126 8.45 12.49 10.06
C TYR A 126 8.76 13.16 11.42
N ARG A 127 10.01 13.59 11.63
CA ARG A 127 10.39 14.25 12.91
C ARG A 127 9.70 15.62 13.00
N ASN A 128 9.14 15.93 14.17
CA ASN A 128 8.44 17.22 14.41
C ASN A 128 9.33 18.13 15.26
N ALA A 129 8.96 19.40 15.34
CA ALA A 129 9.71 20.41 16.11
C ALA A 129 9.70 20.07 17.61
N ASP A 130 8.62 19.42 18.10
CA ASP A 130 8.48 19.09 19.54
C ASP A 130 9.20 17.78 19.89
N GLY A 131 9.83 17.11 18.92
CA GLY A 131 10.56 15.85 19.19
C GLY A 131 9.76 14.61 18.84
N SER A 132 8.44 14.73 18.73
CA SER A 132 7.59 13.54 18.37
C SER A 132 7.88 13.10 16.93
N VAL A 133 7.47 11.89 16.59
CA VAL A 133 7.65 11.36 15.21
C VAL A 133 6.30 10.87 14.68
N GLY A 134 5.91 11.39 13.51
CA GLY A 134 4.63 11.00 12.89
C GLY A 134 4.80 9.86 11.93
N THR A 135 3.74 9.06 11.76
CA THR A 135 3.73 7.91 10.83
C THR A 135 3.06 8.36 9.54
N LYS A 136 2.39 9.52 9.58
CA LYS A 136 1.68 10.06 8.38
C LYS A 136 1.92 11.58 8.32
N ASN A 137 1.74 12.16 7.13
CA ASN A 137 1.95 13.60 6.89
C ASN A 137 0.57 14.19 6.56
N LEU A 138 -0.16 14.66 7.58
CA LEU A 138 -1.54 15.17 7.41
C LEU A 138 -1.65 16.68 7.61
N LEU A 139 -2.74 17.24 7.08
CA LEU A 139 -3.08 18.67 7.24
C LEU A 139 -4.23 18.74 8.24
N GLY A 140 -4.02 19.40 9.37
CA GLY A 140 -5.09 19.52 10.40
C GLY A 140 -5.75 20.88 10.28
N ILE A 141 -7.08 20.92 10.30
CA ILE A 141 -7.81 22.22 10.21
C ILE A 141 -8.78 22.28 11.39
N THR A 142 -8.72 23.37 12.15
CA THR A 142 -9.60 23.52 13.34
C THR A 142 -10.11 24.96 13.37
N THR A 143 -10.78 25.33 14.47
CA THR A 143 -11.35 26.69 14.62
C THR A 143 -11.53 26.98 16.10
N SER A 144 -11.47 28.26 16.51
CA SER A 144 -11.65 28.61 17.95
C SER A 144 -13.08 28.20 18.36
N VAL A 145 -13.25 27.83 19.63
CA VAL A 145 -14.56 27.37 20.17
C VAL A 145 -15.59 28.52 20.13
N HIS A 146 -15.14 29.77 20.02
CA HIS A 146 -16.07 30.94 20.00
C HIS A 146 -16.57 31.25 18.58
N CYS A 147 -16.03 30.58 17.55
CA CYS A 147 -16.46 30.82 16.15
C CYS A 147 -17.62 29.89 15.78
N VAL A 148 -18.31 30.19 14.68
CA VAL A 148 -19.47 29.36 14.20
C VAL A 148 -18.92 28.04 13.64
N ALA A 149 -19.68 26.95 13.80
CA ALA A 149 -19.26 25.60 13.34
C ALA A 149 -19.82 25.30 11.95
N GLY A 150 -19.15 24.42 11.21
CA GLY A 150 -19.59 24.02 9.85
C GLY A 150 -18.64 24.52 8.78
N VAL A 151 -17.80 25.52 9.10
CA VAL A 151 -16.83 26.08 8.11
C VAL A 151 -15.73 25.06 7.83
N VAL A 152 -15.24 24.38 8.88
CA VAL A 152 -14.13 23.40 8.74
C VAL A 152 -14.54 22.24 7.82
N ASP A 153 -15.71 21.64 8.02
CA ASP A 153 -16.11 20.49 7.15
C ASP A 153 -16.25 20.94 5.70
N TYR A 154 -16.77 22.15 5.48
CA TYR A 154 -16.96 22.68 4.10
C TYR A 154 -15.60 22.87 3.41
N VAL A 155 -14.67 23.55 4.09
CA VAL A 155 -13.30 23.85 3.57
C VAL A 155 -12.52 22.54 3.35
N VAL A 156 -12.56 21.61 4.30
CA VAL A 156 -11.83 20.32 4.18
C VAL A 156 -12.27 19.60 2.91
N LYS A 157 -13.58 19.56 2.63
CA LYS A 157 -14.11 18.86 1.44
C LYS A 157 -13.57 19.52 0.17
N ILE A 158 -13.52 20.85 0.12
CA ILE A 158 -13.00 21.57 -1.08
C ILE A 158 -11.49 21.34 -1.22
N ILE A 159 -10.76 21.29 -0.11
CA ILE A 159 -9.28 21.06 -0.16
C ILE A 159 -9.01 19.63 -0.67
N GLU A 160 -9.82 18.67 -0.26
CA GLU A 160 -9.61 17.25 -0.68
C GLU A 160 -9.76 17.07 -2.19
N ARG A 161 -10.70 17.76 -2.85
CA ARG A 161 -10.86 17.49 -4.30
C ARG A 161 -10.11 18.52 -5.17
N ASP A 162 -9.86 19.74 -4.67
CA ASP A 162 -9.20 20.77 -5.53
C ASP A 162 -7.69 20.94 -5.26
N LEU A 163 -7.21 20.73 -4.03
CA LEU A 163 -5.77 20.97 -3.75
C LEU A 163 -4.99 19.69 -3.44
N LEU A 164 -5.49 18.86 -2.54
CA LEU A 164 -4.80 17.60 -2.12
C LEU A 164 -4.19 16.85 -3.29
N PRO A 165 -4.88 16.62 -4.43
CA PRO A 165 -4.29 15.88 -5.55
C PRO A 165 -2.98 16.48 -6.09
N LYS A 166 -2.79 17.79 -5.92
CA LYS A 166 -1.58 18.52 -6.40
C LYS A 166 -0.40 18.30 -5.43
N TYR A 167 -0.64 17.75 -4.23
CA TYR A 167 0.43 17.52 -3.21
C TYR A 167 0.42 16.05 -2.78
N PRO A 168 0.95 15.14 -3.62
CA PRO A 168 0.92 13.70 -3.33
C PRO A 168 1.64 13.23 -2.06
N ASN A 169 2.62 13.97 -1.57
CA ASN A 169 3.38 13.58 -0.35
C ASN A 169 2.53 13.84 0.90
N VAL A 170 1.39 14.51 0.74
CA VAL A 170 0.45 14.77 1.88
C VAL A 170 -0.54 13.61 1.88
N PHD A 171 -0.59 12.87 3.01
CA PHD A 171 -1.44 11.69 3.13
C PHD A 171 -2.93 12.05 3.14
O PHD A 171 -3.75 11.28 2.65
CB PHD A 171 -1.04 10.86 4.35
CG PHD A 171 0.34 10.26 4.23
OD1 PHD A 171 0.44 9.49 3.12
OD2 PHD A 171 1.20 10.47 5.03
P PHD A 171 1.65 9.16 2.07
OP1 PHD A 171 2.98 8.93 2.79
OP2 PHD A 171 1.20 7.91 1.34
OP3 PHD A 171 1.79 10.28 1.08
N GLY A 172 -3.27 13.22 3.68
CA GLY A 172 -4.68 13.64 3.68
C GLY A 172 -4.92 14.86 4.56
N VAL A 173 -6.18 15.28 4.65
CA VAL A 173 -6.58 16.47 5.46
C VAL A 173 -7.68 16.04 6.43
N VAL A 174 -7.58 16.48 7.68
CA VAL A 174 -8.56 16.10 8.73
C VAL A 174 -9.13 17.37 9.37
N GLY A 175 -10.46 17.42 9.52
CA GLY A 175 -11.14 18.55 10.16
C GLY A 175 -11.40 18.24 11.63
N LEU A 176 -11.06 19.19 12.52
CA LEU A 176 -11.24 19.03 13.99
C LEU A 176 -12.34 20.01 14.44
N ASN A 177 -13.57 19.53 14.61
CA ASN A 177 -14.72 20.38 15.00
C ASN A 177 -14.92 20.39 16.52
N HIS A 178 -15.24 21.57 17.09
CA HIS A 178 -15.54 21.74 18.54
C HIS A 178 -17.02 21.48 18.80
N LEU A 179 -17.47 21.76 20.03
CA LEU A 179 -18.90 21.59 20.38
C LEU A 179 -19.69 22.83 19.95
N TYR A 180 -20.94 22.61 19.53
CA TYR A 180 -21.87 23.69 19.09
C TYR A 180 -21.81 24.88 20.07
N GLY A 181 -22.37 24.73 21.27
CA GLY A 181 -22.40 25.83 22.25
C GLY A 181 -21.55 25.57 23.49
N CYS A 182 -20.54 26.41 23.71
CA CYS A 182 -19.62 26.32 24.88
C CYS A 182 -18.94 27.69 25.10
N GLY A 183 -18.13 27.80 26.15
CA GLY A 183 -17.43 29.07 26.46
C GLY A 183 -16.33 29.36 25.45
N ALA A 188 -19.19 23.33 30.62
CA ALA A 188 -17.92 23.46 31.38
C ALA A 188 -17.90 22.50 32.57
N PRO A 189 -18.96 22.42 33.42
CA PRO A 189 -18.95 21.51 34.57
C PRO A 189 -18.51 20.08 34.25
N ALA A 190 -18.98 19.52 33.13
CA ALA A 190 -18.64 18.13 32.73
C ALA A 190 -18.16 18.10 31.27
N ALA A 191 -18.23 19.25 30.58
CA ALA A 191 -17.81 19.34 29.16
C ALA A 191 -16.29 19.57 29.00
N VAL A 192 -15.46 19.11 29.94
CA VAL A 192 -13.98 19.27 29.83
C VAL A 192 -13.41 18.17 28.90
N VAL A 193 -14.07 17.01 28.85
CA VAL A 193 -13.61 15.87 28.01
C VAL A 193 -13.54 16.26 26.53
N PRO A 194 -14.62 16.76 25.89
CA PRO A 194 -14.56 17.13 24.47
C PRO A 194 -13.56 18.24 24.11
N ILE A 195 -13.38 19.24 24.97
CA ILE A 195 -12.44 20.37 24.71
C ILE A 195 -11.01 19.82 24.75
N ARG A 196 -10.67 19.12 25.83
CA ARG A 196 -9.33 18.51 26.04
C ARG A 196 -9.01 17.56 24.88
N THR A 197 -10.01 16.80 24.42
CA THR A 197 -9.83 15.83 23.31
C THR A 197 -9.47 16.56 22.01
N ILE A 198 -10.22 17.60 21.64
CA ILE A 198 -9.94 18.36 20.38
C ILE A 198 -8.57 19.04 20.45
N HIS A 199 -8.22 19.62 21.59
CA HIS A 199 -6.90 20.30 21.70
C HIS A 199 -5.76 19.29 21.59
N ASN A 200 -5.88 18.14 22.23
CA ASN A 200 -4.80 17.10 22.21
C ASN A 200 -4.69 16.44 20.83
N ILE A 201 -5.79 16.36 20.08
CA ILE A 201 -5.73 15.76 18.71
C ILE A 201 -4.82 16.63 17.84
N SER A 202 -4.87 17.95 18.00
CA SER A 202 -4.02 18.87 17.19
C SER A 202 -2.53 18.71 17.60
N LEU A 203 -2.25 18.05 18.74
CA LEU A 203 -0.84 17.83 19.19
C LEU A 203 -0.37 16.45 18.72
N ASN A 204 -1.23 15.70 18.03
CA ASN A 204 -0.86 14.34 17.56
C ASN A 204 0.29 14.55 16.58
N PRO A 205 1.33 13.67 16.60
CA PRO A 205 2.48 13.83 15.71
C PRO A 205 2.18 13.77 14.20
N ASN A 206 1.09 13.10 13.82
CA ASN A 206 0.73 12.96 12.37
C ASN A 206 0.28 14.30 11.78
N PHE A 207 0.11 15.34 12.60
CA PHE A 207 -0.27 16.67 12.06
C PHE A 207 0.99 17.54 11.88
N GLY A 208 2.14 17.04 12.32
CA GLY A 208 3.42 17.76 12.15
C GLY A 208 3.55 19.00 13.03
N GLY A 209 2.74 19.12 14.08
CA GLY A 209 2.79 20.29 14.98
C GLY A 209 2.46 21.60 14.29
N GLU A 210 1.65 21.57 13.22
CA GLU A 210 1.29 22.82 12.50
C GLU A 210 -0.12 22.73 11.91
N VAL A 211 -1.13 22.69 12.80
CA VAL A 211 -2.56 22.63 12.41
C VAL A 211 -3.00 24.04 12.04
N MSE A 212 -3.90 24.13 11.06
CA MSE A 212 -4.44 25.40 10.60
C MSE A 212 -5.61 25.80 11.49
O MSE A 212 -6.45 24.97 11.84
CB MSE A 212 -4.92 25.25 9.16
CG MSE A 212 -4.46 26.33 8.20
SE MSE A 212 -5.52 26.16 6.56
CE MSE A 212 -5.15 24.33 5.89
N VAL A 213 -5.67 27.08 11.86
CA VAL A 213 -6.75 27.60 12.68
C VAL A 213 -7.49 28.66 11.85
N ILE A 214 -8.75 28.37 11.49
CA ILE A 214 -9.57 29.31 10.68
C ILE A 214 -10.68 29.88 11.58
N GLY A 215 -11.04 31.16 11.36
CA GLY A 215 -12.09 31.82 12.15
C GLY A 215 -12.06 33.33 11.98
N LYS A 250 -19.18 48.11 0.99
CA LYS A 250 -18.06 47.22 0.56
C LYS A 250 -17.97 46.02 1.53
N HIS A 251 -18.56 44.88 1.15
CA HIS A 251 -18.55 43.66 2.01
C HIS A 251 -17.76 42.52 1.36
N VAL A 252 -17.31 41.57 2.18
CA VAL A 252 -16.44 40.44 1.74
C VAL A 252 -17.32 39.29 1.24
N GLY A 253 -18.14 38.70 2.11
CA GLY A 253 -19.01 37.58 1.71
C GLY A 253 -18.41 36.24 2.11
N PHE A 254 -19.20 35.17 2.01
CA PHE A 254 -18.77 33.82 2.42
C PHE A 254 -17.80 33.21 1.40
N GLN A 255 -18.11 33.25 0.11
CA GLN A 255 -17.21 32.67 -0.93
C GLN A 255 -15.82 33.32 -0.83
N SER A 256 -15.76 34.63 -0.62
CA SER A 256 -14.48 35.38 -0.51
C SER A 256 -13.67 34.89 0.68
N MSE A 257 -14.35 34.67 1.82
CA MSE A 257 -13.70 34.20 3.02
C MSE A 257 -13.04 32.84 2.76
O MSE A 257 -11.87 32.64 3.11
CB MSE A 257 -14.74 34.10 4.16
CG MSE A 257 -14.17 33.82 5.53
SE MSE A 257 -15.62 33.27 6.74
CE MSE A 257 -14.99 31.98 8.08
N VAL A 258 -13.77 31.93 2.11
CA VAL A 258 -13.26 30.61 1.79
C VAL A 258 -12.04 30.71 0.86
N GLU A 259 -12.11 31.56 -0.16
CA GLU A 259 -10.95 31.72 -1.11
C GLU A 259 -9.68 32.05 -0.32
N ASP A 260 -9.78 32.94 0.67
CA ASP A 260 -8.61 33.33 1.51
C ASP A 260 -8.12 32.10 2.29
N ILE A 261 -9.04 31.33 2.86
CA ILE A 261 -8.69 30.10 3.61
C ILE A 261 -7.99 29.09 2.69
N LEU A 262 -8.45 28.95 1.44
CA LEU A 262 -7.82 28.02 0.48
C LEU A 262 -6.40 28.49 0.14
N GLN A 263 -6.13 29.80 0.18
CA GLN A 263 -4.75 30.29 -0.11
C GLN A 263 -3.86 29.94 1.08
N ILE A 264 -4.37 30.11 2.31
CA ILE A 264 -3.59 29.73 3.53
C ILE A 264 -3.36 28.22 3.49
N ALA A 265 -4.38 27.47 3.08
CA ALA A 265 -4.32 25.99 3.02
C ALA A 265 -3.30 25.54 1.97
N GLU A 266 -3.23 26.22 0.83
CA GLU A 266 -2.27 25.81 -0.22
C GLU A 266 -0.84 26.10 0.26
N ARG A 267 -0.66 27.14 1.08
CA ARG A 267 0.69 27.47 1.59
C ARG A 267 1.14 26.33 2.52
N HIS A 268 0.24 25.82 3.37
CA HIS A 268 0.57 24.70 4.30
C HIS A 268 0.85 23.42 3.50
N LEU A 269 0.00 23.11 2.52
CA LEU A 269 0.19 21.89 1.70
C LEU A 269 1.56 21.92 1.00
N GLN A 270 1.94 23.06 0.41
CA GLN A 270 3.25 23.18 -0.29
C GLN A 270 4.38 22.84 0.69
N LYS A 271 4.28 23.32 1.93
CA LYS A 271 5.34 23.06 2.94
C LYS A 271 5.33 21.58 3.37
N LEU A 272 4.15 21.01 3.64
CA LEU A 272 4.04 19.59 4.07
C LEU A 272 4.48 18.65 2.94
N ASN A 273 4.23 19.03 1.68
CA ASN A 273 4.57 18.20 0.50
C ASN A 273 6.10 18.04 0.38
N GLN A 274 6.87 18.92 1.03
CA GLN A 274 8.36 18.87 0.93
C GLN A 274 8.97 18.10 2.10
N ARG A 275 8.16 17.61 3.04
CA ARG A 275 8.72 16.86 4.20
C ARG A 275 9.12 15.46 3.72
N GLN A 276 10.15 14.88 4.35
CA GLN A 276 10.65 13.53 4.03
C GLN A 276 10.77 12.73 5.33
N ARG A 277 10.66 11.42 5.24
CA ARG A 277 10.78 10.53 6.43
C ARG A 277 12.28 10.40 6.76
N GLU A 278 12.59 10.16 8.03
CA GLU A 278 13.98 9.96 8.51
C GLU A 278 14.00 8.71 9.39
N THR A 279 15.11 7.98 9.38
CA THR A 279 15.23 6.78 10.24
C THR A 279 15.13 7.24 11.70
N CYS A 280 14.15 6.71 12.45
CA CYS A 280 13.92 7.05 13.87
C CYS A 280 13.89 5.76 14.69
N PRO A 281 14.30 5.79 15.98
CA PRO A 281 14.25 4.58 16.81
C PRO A 281 12.78 4.18 17.05
N ALA A 282 12.52 2.88 17.20
CA ALA A 282 11.15 2.35 17.43
C ALA A 282 10.57 2.90 18.73
N SER A 283 11.43 3.46 19.59
CA SER A 283 10.99 4.04 20.89
C SER A 283 10.06 5.25 20.67
N GLU A 284 10.11 5.85 19.47
CA GLU A 284 9.27 7.04 19.17
C GLU A 284 7.86 6.63 18.74
N LEU A 285 7.58 5.33 18.62
CA LEU A 285 6.22 4.87 18.24
C LEU A 285 5.26 4.99 19.44
N VAL A 286 3.98 5.20 19.15
CA VAL A 286 2.90 5.24 20.19
C VAL A 286 1.78 4.38 19.60
N VAL A 287 1.65 3.14 20.07
CA VAL A 287 0.66 2.19 19.48
C VAL A 287 -0.54 2.00 20.41
N GLY A 288 -1.74 2.06 19.81
CA GLY A 288 -3.01 1.84 20.53
C GLY A 288 -3.62 0.53 20.08
N MSE A 289 -4.32 -0.15 21.00
CA MSE A 289 -4.95 -1.42 20.70
C MSE A 289 -6.41 -1.38 21.16
O MSE A 289 -6.69 -0.84 22.22
CB MSE A 289 -4.23 -2.57 21.42
CG MSE A 289 -2.75 -2.35 21.69
SE MSE A 289 -1.64 -2.79 20.11
CE MSE A 289 0.17 -3.39 20.64
N GLN A 290 -7.32 -1.90 20.32
CA GLN A 290 -8.71 -2.02 20.70
C GLN A 290 -9.31 -3.25 20.03
N CYS A 291 -10.47 -3.69 20.52
CA CYS A 291 -11.21 -4.86 19.96
C CYS A 291 -12.42 -4.35 19.19
N GLY A 292 -12.82 -5.09 18.16
CA GLY A 292 -14.00 -4.74 17.34
C GLY A 292 -15.14 -5.69 17.65
N GLY A 293 -15.34 -6.71 16.81
CA GLY A 293 -16.40 -7.70 17.01
C GLY A 293 -15.94 -8.85 17.89
N SER A 294 -16.24 -8.76 19.19
CA SER A 294 -15.87 -9.82 20.17
C SER A 294 -16.12 -11.21 19.56
N ASP A 295 -15.14 -12.10 19.67
CA ASP A 295 -15.24 -13.46 19.08
C ASP A 295 -14.85 -14.49 20.14
N ALA A 296 -15.21 -15.77 19.92
CA ALA A 296 -14.86 -16.84 20.88
C ALA A 296 -13.36 -17.12 20.83
N PHE A 297 -12.68 -16.66 19.77
CA PHE A 297 -11.23 -16.89 19.59
C PHE A 297 -10.42 -15.63 19.90
N SER A 298 -11.09 -14.49 20.09
CA SER A 298 -10.37 -13.22 20.38
C SER A 298 -9.28 -13.40 21.44
N GLY A 299 -9.62 -13.93 22.62
CA GLY A 299 -8.66 -14.06 23.73
C GLY A 299 -7.72 -15.24 23.62
N VAL A 300 -7.87 -16.10 22.61
CA VAL A 300 -6.95 -17.27 22.49
C VAL A 300 -6.04 -17.13 21.25
N THR A 301 -6.32 -16.15 20.38
CA THR A 301 -5.48 -15.99 19.16
C THR A 301 -4.93 -14.55 19.02
N ALA A 302 -5.74 -13.65 18.46
CA ALA A 302 -5.33 -12.25 18.19
C ALA A 302 -4.90 -11.51 19.46
N ASN A 303 -5.74 -11.51 20.50
CA ASN A 303 -5.43 -10.75 21.75
C ASN A 303 -4.06 -11.15 22.32
N PRO A 304 -3.79 -12.44 22.63
CA PRO A 304 -2.48 -12.82 23.16
C PRO A 304 -1.34 -12.40 22.23
N ALA A 305 -1.54 -12.51 20.92
CA ALA A 305 -0.50 -12.11 19.94
C ALA A 305 -0.24 -10.59 20.06
N VAL A 306 -1.31 -9.81 20.16
CA VAL A 306 -1.21 -8.33 20.31
C VAL A 306 -0.48 -8.03 21.62
N GLY A 307 -0.73 -8.83 22.66
CA GLY A 307 -0.08 -8.64 23.97
C GLY A 307 1.40 -8.94 23.90
N TYR A 308 1.79 -9.86 23.01
CA TYR A 308 3.23 -10.21 22.88
C TYR A 308 3.90 -9.04 22.13
N ALA A 309 3.25 -8.55 21.06
CA ALA A 309 3.81 -7.40 20.31
C ALA A 309 3.84 -6.19 21.24
N SER A 310 2.87 -6.09 22.14
CA SER A 310 2.80 -4.97 23.11
C SER A 310 4.05 -5.00 23.99
N ASP A 311 4.43 -6.18 24.47
CA ASP A 311 5.64 -6.34 25.34
C ASP A 311 6.90 -6.02 24.52
N LEU A 312 6.94 -6.37 23.23
CA LEU A 312 8.12 -6.07 22.40
C LEU A 312 8.27 -4.54 22.25
N LEU A 313 7.17 -3.85 22.03
CA LEU A 313 7.19 -2.36 21.89
C LEU A 313 7.67 -1.74 23.21
N VAL A 314 7.20 -2.25 24.35
CA VAL A 314 7.61 -1.72 25.67
C VAL A 314 9.13 -1.89 25.81
N ARG A 315 9.65 -3.04 25.37
CA ARG A 315 11.11 -3.36 25.45
C ARG A 315 11.90 -2.42 24.53
N CYS A 316 11.29 -1.96 23.44
CA CYS A 316 11.98 -1.01 22.51
C CYS A 316 11.97 0.41 23.10
N GLY A 317 11.26 0.61 24.21
CA GLY A 317 11.15 1.93 24.85
C GLY A 317 10.00 2.75 24.27
N ALA A 318 9.09 2.10 23.53
CA ALA A 318 7.93 2.77 22.93
C ALA A 318 6.78 2.87 23.94
N THR A 319 5.65 3.41 23.50
CA THR A 319 4.45 3.58 24.37
C THR A 319 3.30 2.78 23.77
N VAL A 320 2.71 1.88 24.55
CA VAL A 320 1.56 1.07 24.06
C VAL A 320 0.36 1.46 24.91
N MSE A 321 -0.84 1.39 24.31
CA MSE A 321 -2.07 1.79 24.97
C MSE A 321 -3.19 0.79 24.75
O MSE A 321 -3.40 0.29 23.65
CB MSE A 321 -2.53 3.12 24.35
CG MSE A 321 -2.51 4.29 25.28
SE MSE A 321 -2.88 5.92 24.25
CE MSE A 321 -1.29 7.02 24.50
N PHE A 322 -3.91 0.47 25.84
CA PHE A 322 -5.08 -0.38 25.74
C PHE A 322 -6.18 0.42 26.46
N SER A 323 -7.40 0.36 25.95
CA SER A 323 -8.52 1.16 26.50
C SER A 323 -9.76 0.29 26.72
N GLU A 324 -10.93 0.84 26.42
CA GLU A 324 -12.23 0.13 26.50
C GLU A 324 -12.51 -0.28 27.94
N VAL A 325 -13.08 0.63 28.74
CA VAL A 325 -13.42 0.40 30.17
C VAL A 325 -14.48 -0.70 30.28
N THR A 326 -15.51 -0.64 29.42
CA THR A 326 -16.63 -1.63 29.41
C THR A 326 -16.11 -3.04 29.10
N GLU A 327 -15.00 -3.17 28.35
CA GLU A 327 -14.45 -4.49 27.96
C GLU A 327 -13.53 -5.08 29.04
N VAL A 328 -12.88 -4.24 29.86
CA VAL A 328 -11.92 -4.74 30.89
C VAL A 328 -12.50 -4.64 32.31
N ARG A 329 -13.62 -3.94 32.48
CA ARG A 329 -14.27 -3.70 33.80
C ARG A 329 -14.37 -4.96 34.67
N ASP A 330 -14.89 -6.05 34.12
CA ASP A 330 -15.10 -7.30 34.90
C ASP A 330 -13.80 -8.10 35.07
N ALA A 331 -12.64 -7.46 34.90
CA ALA A 331 -11.34 -8.16 35.05
C ALA A 331 -10.30 -7.20 35.66
N ILE A 332 -10.76 -6.04 36.14
CA ILE A 332 -9.89 -4.99 36.77
C ILE A 332 -9.04 -5.61 37.88
N HIS A 333 -9.52 -6.68 38.53
CA HIS A 333 -8.77 -7.32 39.65
C HIS A 333 -7.49 -7.99 39.12
N LEU A 334 -7.26 -7.99 37.80
CA LEU A 334 -6.05 -8.62 37.23
C LEU A 334 -5.12 -7.55 36.65
N LEU A 335 -5.61 -6.32 36.56
CA LEU A 335 -4.79 -5.18 36.03
C LEU A 335 -4.18 -4.44 37.21
N THR A 336 -4.95 -4.25 38.29
CA THR A 336 -4.51 -3.51 39.49
C THR A 336 -3.19 -4.07 40.04
N PRO A 337 -2.99 -5.41 40.13
CA PRO A 337 -1.74 -5.94 40.66
C PRO A 337 -0.52 -5.62 39.77
N ARG A 338 -0.76 -5.25 38.51
CA ARG A 338 0.34 -4.95 37.55
C ARG A 338 0.70 -3.45 37.57
N ALA A 339 0.01 -2.64 38.39
CA ALA A 339 0.35 -1.19 38.45
C ALA A 339 1.74 -1.04 39.09
N VAL A 340 2.57 -0.12 38.59
CA VAL A 340 3.96 0.07 39.13
C VAL A 340 3.92 0.57 40.58
N ASN A 341 2.84 1.26 40.97
CA ASN A 341 2.73 1.81 42.35
C ASN A 341 1.25 1.99 42.71
N GLU A 342 0.97 2.32 43.98
CA GLU A 342 -0.42 2.50 44.46
C GLU A 342 -1.11 3.71 43.82
N GLU A 343 -0.41 4.84 43.68
CA GLU A 343 -1.06 6.04 43.09
C GLU A 343 -1.59 5.69 41.70
N VAL A 344 -0.85 4.87 40.93
CA VAL A 344 -1.28 4.46 39.56
C VAL A 344 -2.42 3.43 39.71
N GLY A 345 -2.40 2.64 40.79
CA GLY A 345 -3.45 1.64 41.02
C GLY A 345 -4.77 2.28 41.39
N LYS A 346 -4.76 3.23 42.34
CA LYS A 346 -6.00 3.94 42.78
C LYS A 346 -6.53 4.77 41.60
N ARG A 347 -5.61 5.27 40.77
CA ARG A 347 -5.95 6.10 39.58
C ARG A 347 -6.67 5.20 38.57
N LEU A 348 -6.36 3.90 38.60
CA LEU A 348 -6.99 2.90 37.69
C LEU A 348 -8.41 2.62 38.18
N LEU A 349 -8.60 2.50 39.49
CA LEU A 349 -9.93 2.26 40.11
C LEU A 349 -10.82 3.50 39.89
N GLU A 350 -10.21 4.68 39.97
CA GLU A 350 -10.92 5.98 39.80
C GLU A 350 -11.61 6.02 38.43
N GLU A 351 -10.97 5.48 37.39
CA GLU A 351 -11.55 5.50 36.03
C GLU A 351 -12.65 4.45 35.89
N MSE A 352 -12.57 3.37 36.70
CA MSE A 352 -13.57 2.32 36.64
C MSE A 352 -14.89 2.82 37.21
O MSE A 352 -15.94 2.64 36.60
CB MSE A 352 -13.10 1.08 37.41
CG MSE A 352 -11.91 0.36 36.80
SE MSE A 352 -12.27 -0.36 35.03
CE MSE A 352 -10.96 0.44 33.79
N GLU A 353 -14.84 3.46 38.40
CA GLU A 353 -16.04 3.94 39.03
C GLU A 353 -16.60 5.13 38.23
N TRP A 354 -15.73 5.95 37.64
CA TRP A 354 -16.22 7.11 36.84
C TRP A 354 -17.12 6.59 35.72
N TYR A 355 -16.74 5.47 35.09
CA TYR A 355 -17.53 4.93 33.97
C TYR A 355 -18.79 4.23 34.52
N ASP A 356 -18.69 3.48 35.63
CA ASP A 356 -19.88 2.84 36.24
C ASP A 356 -20.92 3.93 36.53
N ASN A 357 -20.45 5.07 37.06
CA ASN A 357 -21.33 6.21 37.42
C ASN A 357 -21.95 6.80 36.15
N TYR A 358 -21.14 6.96 35.10
CA TYR A 358 -21.60 7.51 33.79
C TYR A 358 -22.71 6.65 33.17
N LEU A 359 -22.70 5.34 33.40
CA LEU A 359 -23.75 4.44 32.82
C LEU A 359 -25.00 4.41 33.71
N ASN A 360 -25.22 5.42 34.56
CA ASN A 360 -26.42 5.53 35.45
C ASN A 360 -27.06 6.91 35.28
N GLY A 377 -29.78 -19.28 27.39
CA GLY A 377 -28.36 -19.30 26.99
C GLY A 377 -27.97 -18.06 26.19
N GLY A 378 -28.79 -17.00 26.25
CA GLY A 378 -28.52 -15.74 25.52
C GLY A 378 -27.86 -14.70 26.41
N LEU A 379 -26.74 -15.07 27.05
CA LEU A 379 -25.96 -14.18 27.96
C LEU A 379 -24.61 -14.84 28.25
N ALA A 380 -23.55 -14.41 27.55
CA ALA A 380 -22.19 -14.98 27.72
C ALA A 380 -21.58 -14.56 29.07
N ASN A 381 -20.52 -15.26 29.48
CA ASN A 381 -19.81 -14.99 30.76
C ASN A 381 -18.99 -13.70 30.60
N VAL A 382 -19.39 -12.64 31.30
CA VAL A 382 -18.72 -11.30 31.20
C VAL A 382 -17.29 -11.37 31.75
N VAL A 383 -17.04 -12.14 32.82
CA VAL A 383 -15.67 -12.24 33.42
C VAL A 383 -14.75 -12.96 32.42
N GLU A 384 -15.26 -14.00 31.78
CA GLU A 384 -14.50 -14.80 30.78
C GLU A 384 -14.11 -13.88 29.61
N LYS A 385 -15.07 -13.10 29.10
CA LYS A 385 -14.80 -12.18 27.97
C LYS A 385 -13.76 -11.13 28.38
N ALA A 386 -13.89 -10.58 29.59
CA ALA A 386 -12.95 -9.54 30.07
C ALA A 386 -11.51 -10.10 30.13
N LEU A 387 -11.35 -11.34 30.58
CA LEU A 387 -10.00 -11.97 30.66
C LEU A 387 -9.41 -12.05 29.25
N GLY A 388 -10.26 -12.30 28.25
CA GLY A 388 -9.84 -12.40 26.84
C GLY A 388 -9.40 -11.04 26.31
N SER A 389 -10.02 -9.96 26.79
CA SER A 389 -9.67 -8.58 26.35
C SER A 389 -8.34 -8.12 26.95
N ILE A 390 -8.14 -8.31 28.26
CA ILE A 390 -6.89 -7.83 28.91
C ILE A 390 -5.68 -8.60 28.35
N ALA A 391 -5.92 -9.67 27.60
CA ALA A 391 -4.79 -10.43 27.00
C ALA A 391 -3.99 -9.50 26.07
N LYS A 392 -4.62 -8.45 25.53
CA LYS A 392 -3.93 -7.49 24.63
C LYS A 392 -2.91 -6.65 25.42
N SER A 393 -3.05 -6.59 26.75
CA SER A 393 -2.14 -5.77 27.60
C SER A 393 -0.81 -6.49 27.79
N GLY A 394 -0.74 -7.79 27.48
CA GLY A 394 0.51 -8.55 27.63
C GLY A 394 0.82 -8.78 29.11
N LYS A 395 2.11 -8.68 29.48
CA LYS A 395 2.51 -8.93 30.90
C LYS A 395 3.31 -7.75 31.46
N SER A 396 3.60 -6.73 30.66
CA SER A 396 4.37 -5.55 31.17
C SER A 396 3.63 -4.85 32.31
N ALA A 397 4.32 -3.95 33.00
CA ALA A 397 3.74 -3.18 34.11
C ALA A 397 2.98 -1.96 33.57
N ILE A 398 1.87 -1.61 34.22
CA ILE A 398 1.06 -0.41 33.83
C ILE A 398 1.73 0.79 34.50
N VAL A 399 2.38 1.66 33.73
CA VAL A 399 3.14 2.82 34.28
C VAL A 399 2.27 4.08 34.40
N GLU A 400 1.09 4.12 33.77
CA GLU A 400 0.26 5.35 33.88
C GLU A 400 -1.17 5.06 33.40
N VAL A 401 -2.14 5.79 33.98
CA VAL A 401 -3.58 5.70 33.63
C VAL A 401 -4.02 7.07 33.11
N LEU A 402 -4.76 7.10 32.00
CA LEU A 402 -5.19 8.40 31.43
C LEU A 402 -6.72 8.50 31.47
N SER A 403 -7.22 9.73 31.55
CA SER A 403 -8.68 9.99 31.49
C SER A 403 -9.00 10.24 30.03
N PRO A 404 -10.26 10.07 29.59
CA PRO A 404 -10.61 10.27 28.18
C PRO A 404 -10.01 11.53 27.54
N GLY A 405 -9.08 11.36 26.59
CA GLY A 405 -8.47 12.49 25.86
C GLY A 405 -7.18 13.04 26.46
N GLN A 406 -6.66 12.48 27.55
CA GLN A 406 -5.38 12.99 28.13
C GLN A 406 -4.18 12.42 27.37
N ARG A 407 -3.02 13.07 27.52
CA ARG A 407 -1.75 12.61 26.86
C ARG A 407 -0.82 12.06 27.93
N PRO A 408 -0.05 10.98 27.63
CA PRO A 408 0.85 10.39 28.61
C PRO A 408 2.09 11.25 28.91
N THR A 409 2.70 11.03 30.07
CA THR A 409 3.94 11.75 30.48
C THR A 409 5.04 10.70 30.71
N LYS A 410 4.67 9.40 30.65
CA LYS A 410 5.63 8.29 30.87
C LYS A 410 5.62 7.35 29.66
N ARG A 411 6.68 6.56 29.49
CA ARG A 411 6.77 5.58 28.37
C ARG A 411 6.59 4.17 28.92
N GLY A 412 5.97 3.29 28.14
CA GLY A 412 5.68 1.90 28.52
C GLY A 412 4.21 1.57 28.29
N LEU A 413 3.69 0.57 29.00
CA LEU A 413 2.27 0.18 28.85
C LEU A 413 1.38 1.20 29.59
N ILE A 414 0.49 1.87 28.86
CA ILE A 414 -0.41 2.91 29.44
C ILE A 414 -1.87 2.46 29.35
N TYR A 415 -2.68 2.76 30.36
CA TYR A 415 -4.12 2.43 30.27
C TYR A 415 -4.87 3.74 30.02
N ALA A 416 -5.43 3.88 28.82
CA ALA A 416 -6.18 5.09 28.43
C ALA A 416 -7.67 4.79 28.49
N ALA A 417 -8.37 5.26 29.52
CA ALA A 417 -9.82 4.98 29.65
C ALA A 417 -10.58 5.60 28.48
N THR A 418 -11.42 4.80 27.82
CA THR A 418 -12.25 5.25 26.68
C THR A 418 -13.44 4.30 26.51
N PRO A 419 -14.52 4.73 25.84
CA PRO A 419 -15.64 3.84 25.56
C PRO A 419 -15.19 2.71 24.62
N ALA A 420 -15.91 1.59 24.61
CA ALA A 420 -15.55 0.45 23.73
C ALA A 420 -15.96 0.75 22.29
N SER A 421 -16.97 1.62 22.13
CA SER A 421 -17.50 2.04 20.79
C SER A 421 -16.30 2.37 19.88
N ASP A 422 -16.08 1.52 18.88
CA ASP A 422 -14.94 1.54 17.92
C ASP A 422 -14.52 2.95 17.44
N PHE A 423 -15.43 3.72 16.83
CA PHE A 423 -15.01 5.04 16.29
C PHE A 423 -14.65 6.02 17.41
N VAL A 424 -15.36 5.94 18.54
CA VAL A 424 -15.06 6.86 19.68
C VAL A 424 -13.71 6.45 20.30
N CYS A 425 -13.49 5.15 20.52
CA CYS A 425 -12.22 4.66 21.11
C CYS A 425 -11.06 5.16 20.26
N GLY A 426 -11.14 4.96 18.94
CA GLY A 426 -10.09 5.39 18.02
C GLY A 426 -9.85 6.88 18.13
N THR A 427 -10.91 7.68 18.12
CA THR A 427 -10.79 9.15 18.22
C THR A 427 -10.08 9.53 19.53
N GLN A 428 -10.43 8.87 20.63
CA GLN A 428 -9.84 9.18 21.95
C GLN A 428 -8.38 8.73 22.00
N GLN A 429 -8.05 7.58 21.40
CA GLN A 429 -6.64 7.13 21.40
C GLN A 429 -5.80 8.10 20.55
N VAL A 430 -6.37 8.56 19.42
CA VAL A 430 -5.66 9.53 18.54
C VAL A 430 -5.41 10.80 19.35
N ALA A 431 -6.36 11.17 20.21
CA ALA A 431 -6.21 12.37 21.06
C ALA A 431 -5.08 12.13 22.06
N SER A 432 -4.94 10.88 22.53
CA SER A 432 -3.87 10.53 23.51
C SER A 432 -2.50 10.54 22.84
N GLY A 433 -2.46 10.58 21.50
CA GLY A 433 -1.19 10.66 20.76
C GLY A 433 -0.74 9.39 20.04
N ILE A 434 -1.61 8.38 19.86
CA ILE A 434 -1.13 7.16 19.14
C ILE A 434 -0.82 7.56 17.69
N THR A 435 0.13 6.87 17.08
CA THR A 435 0.51 7.10 15.65
C THR A 435 0.18 5.86 14.83
N VAL A 436 -0.16 4.76 15.52
CA VAL A 436 -0.54 3.46 14.89
C VAL A 436 -1.58 2.79 15.78
N GLN A 437 -2.58 2.13 15.16
CA GLN A 437 -3.59 1.42 15.97
C GLN A 437 -3.73 -0.02 15.46
N VAL A 438 -3.80 -0.98 16.37
CA VAL A 438 -4.02 -2.41 16.02
C VAL A 438 -5.48 -2.71 16.39
N PHE A 439 -6.25 -3.24 15.46
CA PHE A 439 -7.70 -3.51 15.69
C PHE A 439 -7.98 -5.00 15.45
N THR A 440 -8.20 -5.76 16.52
CA THR A 440 -8.51 -7.21 16.39
C THR A 440 -10.01 -7.36 16.15
N THR A 441 -10.43 -8.42 15.45
CA THR A 441 -11.88 -8.56 15.17
C THR A 441 -12.19 -9.96 14.62
N GLY A 442 -13.42 -10.43 14.86
CA GLY A 442 -13.91 -11.72 14.39
C GLY A 442 -15.00 -11.54 13.35
N ARG A 443 -15.26 -10.29 12.96
CA ARG A 443 -16.28 -9.90 11.95
C ARG A 443 -15.61 -9.08 10.84
N GLY A 444 -16.16 -9.11 9.63
CA GLY A 444 -15.62 -8.34 8.50
C GLY A 444 -16.03 -6.88 8.60
N THR A 445 -15.35 -6.11 9.45
CA THR A 445 -15.68 -4.68 9.65
C THR A 445 -14.84 -3.77 8.76
N PRO A 446 -15.42 -2.68 8.22
CA PRO A 446 -14.68 -1.73 7.41
C PRO A 446 -14.14 -0.56 8.27
N TYR A 447 -13.89 -0.83 9.55
CA TYR A 447 -13.38 0.22 10.48
C TYR A 447 -12.03 0.75 10.02
N GLY A 448 -11.80 2.05 10.20
CA GLY A 448 -10.52 2.70 9.83
C GLY A 448 -10.50 4.17 10.20
N LEU A 449 -9.29 4.74 10.26
CA LEU A 449 -9.10 6.17 10.60
C LEU A 449 -8.08 6.78 9.64
N MSE A 450 -8.23 8.07 9.36
CA MSE A 450 -7.31 8.77 8.49
C MSE A 450 -6.14 9.29 9.32
O MSE A 450 -5.01 9.36 8.84
CB MSE A 450 -8.04 9.93 7.78
CG MSE A 450 -7.14 10.99 7.16
SE MSE A 450 -6.04 10.27 5.73
CE MSE A 450 -7.15 10.37 4.09
N ALA A 451 -6.43 9.67 10.58
CA ALA A 451 -5.43 10.22 11.48
C ALA A 451 -4.24 9.27 11.64
N VAL A 452 -4.51 7.98 11.82
CA VAL A 452 -3.42 6.97 12.00
C VAL A 452 -3.75 5.72 11.19
N PRO A 453 -2.72 4.96 10.76
CA PRO A 453 -2.97 3.73 10.01
C PRO A 453 -3.55 2.70 10.99
N VAL A 454 -4.55 1.95 10.53
CA VAL A 454 -5.21 0.92 11.39
C VAL A 454 -4.86 -0.46 10.84
N ILE A 455 -4.18 -1.28 11.64
CA ILE A 455 -3.80 -2.68 11.30
C ILE A 455 -4.94 -3.56 11.82
N LYS A 456 -5.66 -4.21 10.91
CA LYS A 456 -6.80 -5.07 11.28
C LYS A 456 -6.34 -6.53 11.32
N MSE A 457 -6.49 -7.16 12.51
CA MSE A 457 -6.06 -8.53 12.71
C MSE A 457 -7.27 -9.46 12.87
O MSE A 457 -8.14 -9.22 13.71
CB MSE A 457 -5.17 -8.62 13.95
CG MSE A 457 -4.75 -10.02 14.34
SE MSE A 457 -3.31 -9.94 15.68
CE MSE A 457 -1.64 -10.15 14.70
N ALA A 458 -7.28 -10.54 12.10
CA ALA A 458 -8.36 -11.52 12.13
C ALA A 458 -8.09 -12.55 13.23
N THR A 459 -9.15 -13.09 13.83
CA THR A 459 -9.06 -14.09 14.92
C THR A 459 -9.09 -15.52 14.37
N ARG A 460 -9.67 -15.70 13.18
CA ARG A 460 -9.81 -17.04 12.54
C ARG A 460 -9.29 -16.98 11.11
N THR A 461 -8.75 -18.10 10.62
CA THR A 461 -8.23 -18.14 9.22
C THR A 461 -9.42 -18.01 8.26
N GLU A 462 -10.57 -18.61 8.61
CA GLU A 462 -11.77 -18.53 7.74
C GLU A 462 -12.12 -17.06 7.48
N LEU A 463 -11.96 -16.22 8.51
CA LEU A 463 -12.28 -14.76 8.40
C LEU A 463 -11.25 -14.06 7.50
N ALA A 464 -9.96 -14.38 7.67
CA ALA A 464 -8.87 -13.77 6.88
C ALA A 464 -9.04 -14.09 5.39
N ASN A 465 -9.63 -15.25 5.08
CA ASN A 465 -9.84 -15.66 3.66
C ASN A 465 -11.11 -15.01 3.13
N ARG A 466 -12.16 -14.91 3.96
CA ARG A 466 -13.44 -14.31 3.49
C ARG A 466 -13.21 -12.82 3.20
N TRP A 467 -12.43 -12.14 4.04
CA TRP A 467 -12.16 -10.69 3.87
C TRP A 467 -10.67 -10.45 3.62
N PHE A 468 -10.14 -11.07 2.57
CA PHE A 468 -8.69 -10.97 2.18
C PHE A 468 -8.28 -9.52 1.89
N ASP A 469 -9.23 -8.64 1.56
CA ASP A 469 -8.92 -7.22 1.24
C ASP A 469 -9.27 -6.30 2.43
N LEU A 470 -9.45 -6.86 3.64
CA LEU A 470 -9.74 -6.06 4.86
C LEU A 470 -8.79 -6.48 5.99
N MSE A 471 -8.52 -7.80 6.08
CA MSE A 471 -7.65 -8.32 7.12
C MSE A 471 -6.19 -8.18 6.71
O MSE A 471 -5.71 -8.87 5.82
CB MSE A 471 -8.00 -9.79 7.40
CG MSE A 471 -9.45 -10.02 7.77
SE MSE A 471 -10.01 -8.98 9.33
CE MSE A 471 -11.93 -8.65 9.11
N ASP A 472 -5.49 -7.28 7.40
CA ASP A 472 -4.09 -7.00 7.14
C ASP A 472 -3.21 -8.16 7.62
N ILE A 473 -3.59 -8.83 8.71
CA ILE A 473 -2.77 -9.95 9.27
C ILE A 473 -3.69 -10.99 9.88
N ASN A 474 -3.30 -12.27 9.81
CA ASN A 474 -4.12 -13.41 10.33
C ASN A 474 -3.49 -14.02 11.58
N ALA A 475 -4.27 -14.13 12.66
CA ALA A 475 -3.81 -14.74 13.95
C ALA A 475 -4.46 -16.12 14.11
N GLY A 476 -5.34 -16.49 13.17
CA GLY A 476 -6.06 -17.78 13.22
C GLY A 476 -5.14 -18.98 13.12
N THR A 477 -3.90 -18.76 12.70
CA THR A 477 -2.90 -19.85 12.57
C THR A 477 -2.53 -20.40 13.94
N ILE A 478 -2.87 -19.67 15.02
CA ILE A 478 -2.57 -20.12 16.40
C ILE A 478 -3.56 -21.22 16.81
N ALA A 479 -4.82 -21.07 16.40
CA ALA A 479 -5.89 -22.04 16.76
C ALA A 479 -5.61 -23.42 16.16
N THR A 480 -4.95 -23.47 14.99
CA THR A 480 -4.66 -24.77 14.33
C THR A 480 -3.25 -25.26 14.68
N GLY A 481 -2.50 -24.47 15.47
CA GLY A 481 -1.12 -24.84 15.89
C GLY A 481 -0.09 -24.66 14.78
N GLU A 482 -0.48 -24.03 13.65
CA GLU A 482 0.47 -23.81 12.52
C GLU A 482 1.50 -22.74 12.92
N GLU A 483 1.09 -21.79 13.77
CA GLU A 483 1.98 -20.72 14.30
C GLU A 483 1.75 -20.58 15.81
N THR A 484 2.69 -19.96 16.52
CA THR A 484 2.58 -19.77 18.00
C THR A 484 2.30 -18.29 18.31
N ILE A 485 1.91 -18.00 19.55
CA ILE A 485 1.66 -16.60 19.99
C ILE A 485 2.91 -15.75 19.73
N GLU A 486 4.09 -16.31 20.05
N GLU A 486 4.09 -16.31 20.05
CA GLU A 486 5.38 -15.60 19.86
CA GLU A 486 5.38 -15.60 19.86
C GLU A 486 5.60 -15.29 18.37
C GLU A 486 5.60 -15.29 18.37
N GLU A 487 5.37 -16.27 17.48
CA GLU A 487 5.57 -16.08 16.02
C GLU A 487 4.62 -15.00 15.48
N VAL A 488 3.33 -15.09 15.78
CA VAL A 488 2.34 -14.08 15.29
C VAL A 488 2.66 -12.73 15.93
N GLY A 489 3.12 -12.74 17.18
CA GLY A 489 3.49 -11.50 17.89
C GLY A 489 4.63 -10.78 17.18
N TRP A 490 5.69 -11.51 16.82
CA TRP A 490 6.83 -10.90 16.08
C TRP A 490 6.37 -10.48 14.69
N LYS A 491 5.53 -11.29 14.05
CA LYS A 491 5.03 -10.96 12.69
C LYS A 491 4.29 -9.62 12.77
N LEU A 492 3.51 -9.42 13.85
CA LEU A 492 2.77 -8.15 14.05
C LEU A 492 3.75 -7.01 14.30
N PHE A 493 4.73 -7.22 15.17
CA PHE A 493 5.76 -6.19 15.48
C PHE A 493 6.41 -5.70 14.18
N HIS A 494 6.85 -6.63 13.32
CA HIS A 494 7.46 -6.24 12.02
C HIS A 494 6.43 -5.56 11.12
N PHE A 495 5.17 -5.97 11.22
CA PHE A 495 4.11 -5.35 10.37
C PHE A 495 3.92 -3.90 10.85
N ILE A 496 3.99 -3.69 12.16
CA ILE A 496 3.83 -2.32 12.76
C ILE A 496 4.96 -1.41 12.24
N LEU A 497 6.22 -1.87 12.31
CA LEU A 497 7.36 -1.04 11.83
C LEU A 497 7.19 -0.72 10.34
N ASP A 498 6.74 -1.70 9.55
CA ASP A 498 6.56 -1.50 8.09
C ASP A 498 5.43 -0.48 7.84
N VAL A 499 4.34 -0.55 8.60
CA VAL A 499 3.20 0.39 8.43
C VAL A 499 3.62 1.78 8.88
N ALA A 500 4.33 1.86 10.01
CA ALA A 500 4.79 3.17 10.54
C ALA A 500 5.75 3.83 9.53
N SER A 501 6.53 3.01 8.82
CA SER A 501 7.51 3.52 7.82
C SER A 501 6.83 3.86 6.49
N GLY A 502 5.57 3.43 6.33
CA GLY A 502 4.83 3.66 5.07
C GLY A 502 5.23 2.67 3.99
N LYS A 503 5.97 1.61 4.35
CA LYS A 503 6.44 0.58 3.38
C LYS A 503 5.24 -0.30 2.99
N LYS A 504 4.36 -0.56 3.95
CA LYS A 504 3.11 -1.33 3.72
C LYS A 504 1.94 -0.42 4.07
N LYS A 505 0.87 -0.51 3.27
CA LYS A 505 -0.33 0.34 3.45
C LYS A 505 -1.41 -0.58 3.99
N THR A 506 -2.06 -0.22 5.10
CA THR A 506 -3.13 -1.11 5.63
C THR A 506 -4.30 -1.06 4.67
N PHE A 507 -5.21 -2.03 4.72
CA PHE A 507 -6.36 -2.00 3.77
C PHE A 507 -7.22 -0.76 4.04
N SER A 508 -7.26 -0.31 5.29
CA SER A 508 -8.08 0.90 5.58
C SER A 508 -7.52 2.09 4.78
N ASP A 509 -6.20 2.27 4.75
CA ASP A 509 -5.62 3.41 3.98
C ASP A 509 -5.62 3.11 2.47
N GLN A 510 -5.63 1.83 2.05
CA GLN A 510 -5.65 1.52 0.59
C GLN A 510 -7.01 1.87 -0.02
N TRP A 511 -8.10 1.55 0.68
CA TRP A 511 -9.46 1.83 0.12
C TRP A 511 -9.99 3.16 0.62
N GLY A 512 -9.34 3.76 1.62
CA GLY A 512 -9.80 5.04 2.19
C GLY A 512 -11.00 4.81 3.08
N LEU A 513 -10.95 3.75 3.90
CA LEU A 513 -12.02 3.42 4.88
C LEU A 513 -11.88 4.38 6.05
N HIS A 514 -12.12 5.67 5.82
CA HIS A 514 -11.95 6.67 6.90
C HIS A 514 -13.28 7.19 7.37
N ASN A 515 -13.64 6.89 8.62
CA ASN A 515 -14.90 7.42 9.19
C ASN A 515 -14.52 8.68 10.00
N GLN A 516 -15.33 9.74 9.90
CA GLN A 516 -15.07 11.03 10.60
C GLN A 516 -14.81 10.79 12.10
N LEU A 517 -13.96 11.63 12.70
CA LEU A 517 -13.64 11.55 14.15
C LEU A 517 -14.91 11.69 14.97
N ALA A 518 -15.03 10.91 16.04
CA ALA A 518 -16.21 10.92 16.93
C ALA A 518 -15.75 11.20 18.37
N VAL A 519 -15.71 12.48 18.75
CA VAL A 519 -15.26 12.90 20.11
C VAL A 519 -16.24 12.38 21.15
N PHE A 520 -15.72 11.86 22.26
CA PHE A 520 -16.58 11.34 23.36
C PHE A 520 -17.17 12.54 24.11
N ASN A 521 -18.50 12.61 24.18
CA ASN A 521 -19.20 13.74 24.85
C ASN A 521 -20.11 13.19 25.94
N PRO A 522 -19.61 13.01 27.19
CA PRO A 522 -20.42 12.48 28.28
C PRO A 522 -21.45 13.48 28.83
N ALA A 523 -21.32 14.76 28.49
CA ALA A 523 -22.26 15.80 28.97
C ALA A 523 -23.53 15.80 28.13
N PRO A 524 -24.70 16.17 28.71
CA PRO A 524 -25.95 16.21 27.95
C PRO A 524 -25.92 17.32 26.88
N VAL A 525 -26.60 17.10 25.75
CA VAL A 525 -26.66 18.11 24.65
C VAL A 525 -27.85 19.05 24.92
N THR A 526 -27.62 20.36 24.87
CA THR A 526 -28.73 21.35 25.11
C THR A 526 -29.34 21.74 23.76
N PHE B 17 -34.63 55.29 15.78
CA PHE B 17 -35.73 54.30 15.86
C PHE B 17 -35.55 53.39 17.08
N TYR B 18 -36.69 52.95 17.63
CA TYR B 18 -36.76 51.98 18.76
C TYR B 18 -37.87 51.00 18.38
N ILE B 19 -37.82 49.77 18.88
CA ILE B 19 -38.88 48.78 18.50
C ILE B 19 -39.61 48.29 19.75
N LYS B 20 -40.91 48.57 19.78
CA LYS B 20 -41.87 48.15 20.85
C LYS B 20 -42.66 46.97 20.26
N VAL B 21 -42.40 45.75 20.74
CA VAL B 21 -43.07 44.52 20.21
C VAL B 21 -44.58 44.57 20.50
N HIS B 22 -44.97 44.54 21.77
CA HIS B 22 -46.43 44.53 22.12
C HIS B 22 -46.87 45.92 22.62
N ASP B 23 -48.17 46.21 22.49
CA ASP B 23 -48.83 47.48 22.87
C ASP B 23 -48.65 47.80 24.37
N THR B 24 -48.78 46.80 25.24
CA THR B 24 -48.69 47.00 26.72
C THR B 24 -47.24 47.09 27.21
N ASP B 25 -46.24 46.98 26.32
CA ASP B 25 -44.82 47.03 26.76
C ASP B 25 -44.47 48.40 27.36
N ASN B 26 -43.51 48.42 28.29
CA ASN B 26 -43.03 49.65 28.97
C ASN B 26 -41.53 49.80 28.70
N VAL B 27 -41.01 48.97 27.79
CA VAL B 27 -39.57 48.99 27.38
C VAL B 27 -39.50 48.79 25.86
N ALA B 28 -38.44 49.30 25.24
CA ALA B 28 -38.22 49.15 23.78
C ALA B 28 -36.74 48.87 23.53
N ILE B 29 -36.41 48.47 22.30
CA ILE B 29 -35.01 48.14 21.92
C ILE B 29 -34.51 49.20 20.92
N ILE B 30 -33.24 49.60 21.05
CA ILE B 30 -32.61 50.59 20.13
C ILE B 30 -32.15 49.84 18.88
N VAL B 31 -32.46 50.35 17.68
CA VAL B 31 -32.03 49.64 16.43
C VAL B 31 -30.79 50.31 15.82
N ASN B 32 -30.70 51.65 15.86
CA ASN B 32 -29.56 52.42 15.30
C ASN B 32 -28.22 51.78 15.68
N ASP B 33 -27.37 51.56 14.66
CA ASP B 33 -26.03 50.97 14.85
C ASP B 33 -25.24 51.98 15.70
N ASN B 34 -24.40 51.50 16.62
CA ASN B 34 -23.61 52.38 17.52
C ASN B 34 -24.50 52.91 18.64
N GLY B 35 -25.82 52.65 18.58
CA GLY B 35 -26.77 53.09 19.63
C GLY B 35 -27.16 54.55 19.49
N LEU B 36 -27.82 55.10 20.52
CA LEU B 36 -28.26 56.52 20.52
C LEU B 36 -27.63 57.26 21.70
N LYS B 37 -27.12 58.47 21.47
CA LYS B 37 -26.47 59.28 22.54
C LYS B 37 -27.54 60.02 23.36
N ALA B 38 -27.17 60.48 24.57
CA ALA B 38 -28.09 61.23 25.45
C ALA B 38 -28.58 62.49 24.74
N GLY B 39 -29.84 62.88 24.98
CA GLY B 39 -30.43 64.07 24.35
C GLY B 39 -31.41 63.68 23.26
N THR B 40 -31.18 62.54 22.61
CA THR B 40 -32.06 62.03 21.51
C THR B 40 -33.51 61.98 22.01
N ARG B 41 -34.43 62.54 21.24
CA ARG B 41 -35.88 62.58 21.59
C ARG B 41 -36.66 61.72 20.59
N PHE B 42 -37.89 61.31 20.95
CA PHE B 42 -38.75 60.51 20.04
C PHE B 42 -40.09 61.23 19.85
N PRO B 43 -40.97 60.77 18.92
CA PRO B 43 -42.26 61.42 18.68
C PRO B 43 -43.14 61.59 19.93
N ASP B 44 -43.31 60.53 20.72
CA ASP B 44 -44.16 60.59 21.95
C ASP B 44 -43.71 61.71 22.89
N GLY B 45 -42.40 62.02 22.93
CA GLY B 45 -41.88 63.11 23.78
C GLY B 45 -40.79 62.67 24.76
N LEU B 46 -40.56 61.36 24.92
CA LEU B 46 -39.51 60.95 25.91
C LEU B 46 -38.11 61.32 25.37
N GLU B 47 -37.10 61.27 26.23
CA GLU B 47 -35.71 61.64 25.89
C GLU B 47 -34.73 60.78 26.70
N LEU B 48 -33.65 60.31 26.06
CA LEU B 48 -32.65 59.47 26.76
C LEU B 48 -31.84 60.31 27.74
N ILE B 49 -31.49 59.72 28.89
CA ILE B 49 -30.71 60.41 29.96
C ILE B 49 -29.22 60.05 29.78
N GLU B 50 -28.95 58.94 29.08
CA GLU B 50 -27.57 58.43 28.88
C GLU B 50 -27.47 57.71 27.54
N HIS B 51 -26.25 57.32 27.14
CA HIS B 51 -26.05 56.60 25.86
C HIS B 51 -26.55 55.16 26.04
N ILE B 52 -27.27 54.63 25.04
CA ILE B 52 -27.80 53.24 25.12
C ILE B 52 -27.38 52.51 23.84
N PRO B 53 -26.64 51.39 23.93
CA PRO B 53 -26.21 50.64 22.75
C PRO B 53 -27.38 49.97 22.01
N GLN B 54 -27.14 49.51 20.78
CA GLN B 54 -28.22 48.84 20.01
C GLN B 54 -28.49 47.47 20.65
N GLY B 55 -29.76 47.02 20.63
CA GLY B 55 -30.15 45.73 21.21
C GLY B 55 -30.52 45.84 22.68
N HIS B 56 -30.05 46.88 23.36
CA HIS B 56 -30.35 47.05 24.81
C HIS B 56 -31.70 47.76 24.98
N LYS B 57 -32.34 47.52 26.13
CA LYS B 57 -33.68 48.07 26.46
C LYS B 57 -33.58 49.50 27.03
N VAL B 58 -34.64 50.28 26.80
CA VAL B 58 -34.80 51.68 27.29
C VAL B 58 -36.17 51.77 27.96
N ALA B 59 -36.26 52.45 29.12
CA ALA B 59 -37.56 52.58 29.83
C ALA B 59 -38.41 53.65 29.13
N LEU B 60 -39.66 53.31 28.77
CA LEU B 60 -40.56 54.26 28.06
C LEU B 60 -41.22 55.21 29.06
N LEU B 61 -41.44 54.73 30.29
CA LEU B 61 -42.05 55.56 31.37
C LEU B 61 -41.32 55.27 32.68
N ASP B 62 -41.49 56.14 33.68
CA ASP B 62 -40.85 55.96 35.01
C ASP B 62 -41.42 54.70 35.66
N ILE B 63 -40.58 53.70 35.91
CA ILE B 63 -41.06 52.42 36.53
C ILE B 63 -40.61 52.38 37.99
N PRO B 64 -41.56 52.13 38.94
CA PRO B 64 -41.23 52.10 40.36
C PRO B 64 -40.53 50.83 40.82
N ALA B 65 -40.04 50.83 42.08
CA ALA B 65 -39.33 49.69 42.68
C ALA B 65 -40.23 48.45 42.70
N ASN B 66 -39.65 47.28 42.38
CA ASN B 66 -40.39 46.00 42.34
C ASN B 66 -41.50 46.10 41.27
N GLY B 67 -41.41 47.10 40.39
CA GLY B 67 -42.40 47.30 39.32
C GLY B 67 -42.19 46.32 38.19
N GLU B 68 -43.28 45.87 37.55
CA GLU B 68 -43.18 44.89 36.44
C GLU B 68 -42.46 45.48 35.22
N ILE B 69 -41.63 44.66 34.58
CA ILE B 69 -40.91 45.01 33.32
C ILE B 69 -41.63 44.19 32.24
N ILE B 70 -42.35 44.86 31.33
CA ILE B 70 -43.18 44.15 30.31
C ILE B 70 -42.57 44.27 28.91
N ARG B 71 -42.41 43.11 28.25
CA ARG B 71 -41.91 43.05 26.85
C ARG B 71 -42.55 41.81 26.21
N TYR B 72 -43.05 41.94 24.98
CA TYR B 72 -43.75 40.84 24.25
C TYR B 72 -45.12 40.62 24.93
N GLY B 73 -45.58 41.61 25.69
CA GLY B 73 -46.88 41.56 26.39
C GLY B 73 -46.86 40.71 27.64
N GLU B 74 -45.66 40.30 28.11
CA GLU B 74 -45.55 39.44 29.31
C GLU B 74 -44.47 39.99 30.26
N VAL B 75 -44.54 39.59 31.53
CA VAL B 75 -43.59 40.05 32.58
C VAL B 75 -42.24 39.36 32.36
N ILE B 76 -41.19 40.12 32.08
CA ILE B 76 -39.82 39.54 31.87
C ILE B 76 -39.00 39.70 33.16
N GLY B 77 -39.52 40.44 34.14
CA GLY B 77 -38.79 40.63 35.41
C GLY B 77 -39.34 41.80 36.22
N TYR B 78 -38.62 42.20 37.27
CA TYR B 78 -39.05 43.32 38.16
C TYR B 78 -37.86 44.25 38.39
N ALA B 79 -38.12 45.56 38.55
CA ALA B 79 -37.03 46.54 38.78
C ALA B 79 -36.45 46.40 40.19
N VAL B 80 -35.12 46.33 40.31
CA VAL B 80 -34.42 46.19 41.63
C VAL B 80 -34.57 47.51 42.39
N ARG B 81 -34.59 48.63 41.66
CA ARG B 81 -34.75 50.00 42.22
C ARG B 81 -35.53 50.83 41.19
N ALA B 82 -36.07 51.98 41.60
CA ALA B 82 -36.90 52.82 40.69
C ALA B 82 -36.08 53.20 39.46
N ILE B 83 -36.58 52.86 38.26
CA ILE B 83 -35.88 53.17 36.97
C ILE B 83 -36.55 54.37 36.32
N PRO B 84 -35.80 55.47 36.07
CA PRO B 84 -36.37 56.65 35.43
C PRO B 84 -36.58 56.44 33.92
N ARG B 85 -37.41 57.29 33.30
CA ARG B 85 -37.71 57.18 31.85
C ARG B 85 -36.46 57.50 31.03
N GLY B 86 -36.37 56.91 29.84
CA GLY B 86 -35.21 57.13 28.93
C GLY B 86 -33.90 56.68 29.53
N SER B 87 -33.93 55.66 30.39
CA SER B 87 -32.68 55.14 31.01
C SER B 87 -32.36 53.75 30.44
N TRP B 88 -31.07 53.39 30.41
CA TRP B 88 -30.62 52.07 29.90
C TRP B 88 -30.85 51.00 30.98
N ILE B 89 -31.68 50.00 30.66
CA ILE B 89 -32.01 48.89 31.60
C ILE B 89 -31.05 47.73 31.32
N ASP B 90 -30.06 47.54 32.21
CA ASP B 90 -29.04 46.47 32.10
C ASP B 90 -29.57 45.25 32.86
N GLU B 91 -29.00 44.07 32.60
CA GLU B 91 -29.43 42.80 33.24
C GLU B 91 -29.26 42.88 34.77
N SER B 92 -28.51 43.87 35.27
CA SER B 92 -28.27 44.01 36.73
C SER B 92 -29.36 44.84 37.41
N MSE B 93 -30.28 45.43 36.61
CA MSE B 93 -31.34 46.27 37.15
C MSE B 93 -32.67 45.50 37.19
O MSE B 93 -33.69 46.05 37.60
CB MSE B 93 -31.52 47.51 36.29
CG MSE B 93 -30.61 48.66 36.66
SE MSE B 93 -30.34 49.83 35.10
CE MSE B 93 -28.41 50.12 34.84
N VAL B 94 -32.65 44.24 36.76
CA VAL B 94 -33.87 43.45 36.70
C VAL B 94 -33.72 42.19 37.58
N VAL B 95 -34.84 41.70 38.11
CA VAL B 95 -34.88 40.45 38.92
C VAL B 95 -35.72 39.44 38.12
N LEU B 96 -35.09 38.34 37.71
CA LEU B 96 -35.80 37.32 36.89
C LEU B 96 -36.92 36.70 37.71
N PRO B 97 -38.08 36.39 37.08
CA PRO B 97 -39.17 35.71 37.78
C PRO B 97 -38.87 34.21 37.78
N GLU B 98 -38.83 33.55 38.95
CA GLU B 98 -38.56 32.09 38.93
C GLU B 98 -39.71 31.43 38.16
N ALA B 99 -39.38 30.51 37.26
CA ALA B 99 -40.39 29.78 36.46
C ALA B 99 -41.28 28.94 37.38
N PRO B 100 -42.61 28.92 37.16
CA PRO B 100 -43.52 28.17 38.01
C PRO B 100 -43.48 26.68 37.70
N PRO B 101 -43.87 25.80 38.66
CA PRO B 101 -43.87 24.35 38.41
C PRO B 101 -44.71 23.99 37.19
N LEU B 102 -44.44 22.82 36.59
CA LEU B 102 -45.15 22.37 35.37
C LEU B 102 -46.59 21.93 35.68
N HIS B 103 -46.83 21.32 36.84
CA HIS B 103 -48.19 20.83 37.20
C HIS B 103 -49.15 22.00 37.49
N THR B 104 -48.64 23.23 37.55
CA THR B 104 -49.48 24.43 37.86
C THR B 104 -49.74 25.28 36.60
N LEU B 105 -49.29 24.82 35.44
CA LEU B 105 -49.46 25.62 34.18
C LEU B 105 -50.84 25.37 33.57
N PRO B 106 -51.55 26.44 33.13
CA PRO B 106 -52.87 26.28 32.51
C PRO B 106 -52.77 25.58 31.14
N LEU B 107 -53.70 24.65 30.87
CA LEU B 107 -53.70 23.88 29.59
C LEU B 107 -54.96 24.21 28.77
N ALA B 108 -54.78 24.57 27.50
CA ALA B 108 -55.88 24.88 26.55
C ALA B 108 -56.82 25.97 27.12
N THR B 109 -56.29 26.90 27.91
CA THR B 109 -57.13 27.97 28.50
C THR B 109 -57.41 29.08 27.48
N LYS B 110 -56.68 29.11 26.36
CA LYS B 110 -56.94 30.18 25.35
C LYS B 110 -56.54 29.70 23.94
N VAL B 111 -57.38 28.84 23.36
CA VAL B 111 -57.20 28.33 21.97
C VAL B 111 -57.80 29.38 21.05
N PRO B 112 -57.01 30.00 20.15
CA PRO B 112 -57.55 31.04 19.26
C PRO B 112 -58.49 30.46 18.19
N GLU B 113 -59.41 31.29 17.70
CA GLU B 113 -60.35 30.85 16.63
C GLU B 113 -59.55 30.64 15.35
N PRO B 114 -59.69 29.49 14.65
CA PRO B 114 -58.95 29.27 13.41
C PRO B 114 -59.19 30.41 12.41
N LEU B 115 -58.11 30.92 11.81
CA LEU B 115 -58.20 32.01 10.80
C LEU B 115 -58.79 31.45 9.50
N PRO B 116 -59.37 32.29 8.62
CA PRO B 116 -59.95 31.82 7.36
C PRO B 116 -58.91 31.05 6.55
N PRO B 117 -59.26 29.86 6.00
CA PRO B 117 -58.30 29.06 5.24
C PRO B 117 -57.88 29.66 3.90
N LEU B 118 -56.64 29.38 3.49
CA LEU B 118 -56.07 29.83 2.19
C LEU B 118 -56.13 28.63 1.23
N GLU B 119 -56.83 28.78 0.12
CA GLU B 119 -56.99 27.66 -0.84
C GLU B 119 -56.35 28.02 -2.18
N GLY B 120 -55.99 27.00 -2.98
CA GLY B 120 -55.43 27.21 -4.32
C GLY B 120 -53.91 27.34 -4.37
N TYR B 121 -53.22 27.53 -3.24
CA TYR B 121 -51.74 27.64 -3.30
C TYR B 121 -51.15 26.27 -3.61
N THR B 122 -50.16 26.25 -4.50
CA THR B 122 -49.53 24.97 -4.93
C THR B 122 -48.01 25.12 -5.04
N PHE B 123 -47.34 24.00 -5.36
CA PHE B 123 -45.87 23.98 -5.55
C PHE B 123 -45.56 22.72 -6.39
N GLU B 124 -44.55 22.79 -7.24
CA GLU B 124 -44.19 21.61 -8.08
C GLU B 124 -43.37 20.64 -7.22
N GLY B 125 -43.95 19.47 -6.90
CA GLY B 125 -43.25 18.48 -6.05
C GLY B 125 -43.26 17.08 -6.66
N TYR B 126 -42.57 16.15 -5.99
CA TYR B 126 -42.48 14.73 -6.45
C TYR B 126 -43.49 13.89 -5.65
N ARG B 127 -44.58 13.48 -6.29
CA ARG B 127 -45.62 12.68 -5.60
C ARG B 127 -45.06 11.27 -5.34
N ASN B 128 -45.29 10.75 -4.12
CA ASN B 128 -44.82 9.40 -3.73
C ASN B 128 -46.02 8.44 -3.76
N ALA B 129 -45.75 7.14 -3.71
CA ALA B 129 -46.82 6.11 -3.73
C ALA B 129 -47.70 6.22 -2.47
N ASP B 130 -47.13 6.68 -1.35
CA ASP B 130 -47.87 6.79 -0.06
C ASP B 130 -48.69 8.09 0.01
N GLY B 131 -48.64 8.94 -1.02
CA GLY B 131 -49.42 10.20 -1.02
C GLY B 131 -48.60 11.41 -0.60
N SER B 132 -47.45 11.20 0.06
CA SER B 132 -46.61 12.35 0.49
C SER B 132 -45.99 13.03 -0.74
N VAL B 133 -45.50 14.26 -0.57
CA VAL B 133 -44.86 15.00 -1.69
C VAL B 133 -43.48 15.49 -1.25
N GLY B 134 -42.46 15.16 -2.03
CA GLY B 134 -41.09 15.58 -1.72
C GLY B 134 -40.74 16.87 -2.43
N THR B 135 -39.83 17.64 -1.84
CA THR B 135 -39.35 18.92 -2.42
C THR B 135 -38.04 18.65 -3.15
N LYS B 136 -37.45 17.48 -2.91
CA LYS B 136 -36.17 17.07 -3.55
C LYS B 136 -36.27 15.59 -3.95
N ASN B 137 -35.42 15.18 -4.89
CA ASN B 137 -35.37 13.80 -5.42
C ASN B 137 -34.03 13.21 -4.99
N LEU B 138 -34.00 12.56 -3.82
CA LEU B 138 -32.74 12.03 -3.22
C LEU B 138 -32.71 10.51 -3.20
N LEU B 139 -31.50 9.97 -3.08
CA LEU B 139 -31.23 8.52 -2.95
C LEU B 139 -30.85 8.28 -1.49
N GLY B 140 -31.62 7.47 -0.78
CA GLY B 140 -31.33 7.17 0.63
C GLY B 140 -30.66 5.82 0.77
N ILE B 141 -29.58 5.75 1.54
CA ILE B 141 -28.86 4.46 1.73
C ILE B 141 -28.72 4.22 3.24
N THR B 142 -29.14 3.05 3.71
CA THR B 142 -29.08 2.71 5.15
C THR B 142 -28.60 1.27 5.30
N THR B 143 -28.69 0.74 6.51
CA THR B 143 -28.23 -0.65 6.82
C THR B 143 -28.93 -1.11 8.10
N SER B 144 -29.16 -2.42 8.25
CA SER B 144 -29.81 -2.94 9.49
C SER B 144 -28.91 -2.63 10.68
N VAL B 145 -29.50 -2.40 11.86
CA VAL B 145 -28.73 -2.04 13.09
C VAL B 145 -27.81 -3.19 13.51
N HIS B 146 -28.06 -4.42 13.05
CA HIS B 146 -27.20 -5.58 13.45
C HIS B 146 -25.99 -5.75 12.51
N CYS B 147 -25.91 -4.97 11.44
CA CYS B 147 -24.75 -5.06 10.49
C CYS B 147 -23.63 -4.09 10.93
N VAL B 148 -22.43 -4.26 10.35
CA VAL B 148 -21.24 -3.40 10.66
C VAL B 148 -21.48 -2.00 10.08
N ALA B 149 -20.97 -0.97 10.77
CA ALA B 149 -21.10 0.44 10.32
C ALA B 149 -19.84 0.85 9.56
N GLY B 150 -19.96 1.86 8.69
CA GLY B 150 -18.81 2.34 7.90
C GLY B 150 -18.96 2.04 6.41
N VAL B 151 -19.77 1.03 6.07
CA VAL B 151 -19.99 0.66 4.63
C VAL B 151 -20.82 1.75 3.93
N VAL B 152 -21.84 2.27 4.60
CA VAL B 152 -22.73 3.32 4.01
C VAL B 152 -21.93 4.57 3.64
N ASP B 153 -21.11 5.10 4.55
CA ASP B 153 -20.35 6.34 4.25
C ASP B 153 -19.40 6.11 3.07
N TYR B 154 -18.76 4.93 3.01
CA TYR B 154 -17.81 4.62 1.92
C TYR B 154 -18.53 4.58 0.57
N VAL B 155 -19.63 3.84 0.50
CA VAL B 155 -20.44 3.67 -0.76
C VAL B 155 -21.05 5.01 -1.20
N VAL B 156 -21.59 5.77 -0.26
CA VAL B 156 -22.21 7.10 -0.61
C VAL B 156 -21.16 7.99 -1.27
N LYS B 157 -19.94 8.03 -0.75
CA LYS B 157 -18.87 8.88 -1.31
C LYS B 157 -18.56 8.42 -2.75
N ILE B 158 -18.48 7.11 -2.99
CA ILE B 158 -18.20 6.58 -4.37
C ILE B 158 -19.36 6.91 -5.31
N ILE B 159 -20.61 6.80 -4.82
CA ILE B 159 -21.79 7.09 -5.68
C ILE B 159 -21.81 8.58 -6.04
N GLU B 160 -21.44 9.46 -5.11
CA GLU B 160 -21.46 10.93 -5.37
C GLU B 160 -20.48 11.32 -6.47
N ARG B 161 -19.29 10.72 -6.55
CA ARG B 161 -18.34 11.19 -7.58
C ARG B 161 -18.39 10.34 -8.86
N ASP B 162 -18.81 9.08 -8.79
CA ASP B 162 -18.79 8.20 -10.00
C ASP B 162 -20.16 8.04 -10.68
N LEU B 163 -21.28 8.08 -9.93
CA LEU B 163 -22.60 7.84 -10.58
C LEU B 163 -23.48 9.09 -10.60
N LEU B 164 -23.66 9.76 -9.47
CA LEU B 164 -24.54 10.96 -9.35
C LEU B 164 -24.41 11.90 -10.54
N PRO B 165 -23.19 12.28 -11.01
CA PRO B 165 -23.08 13.21 -12.13
C PRO B 165 -23.80 12.76 -13.41
N LYS B 166 -23.98 11.44 -13.59
CA LYS B 166 -24.64 10.84 -14.78
C LYS B 166 -26.16 10.93 -14.67
N TYR B 167 -26.69 11.30 -13.49
CA TYR B 167 -28.16 11.41 -13.26
C TYR B 167 -28.49 12.80 -12.73
N PRO B 168 -28.52 13.83 -13.62
CA PRO B 168 -28.76 15.21 -13.21
C PRO B 168 -30.10 15.52 -12.50
N ASN B 169 -31.14 14.71 -12.75
CA ASN B 169 -32.47 14.95 -12.14
C ASN B 169 -32.47 14.50 -10.68
N VAL B 170 -31.40 13.84 -10.24
CA VAL B 170 -31.27 13.37 -8.83
C VAL B 170 -30.52 14.48 -8.08
N PHD B 171 -31.15 15.03 -7.04
CA PHD B 171 -30.58 16.14 -6.28
C PHD B 171 -29.36 15.70 -5.47
O PHD B 171 -28.44 16.49 -5.27
CB PHD B 171 -31.65 16.80 -5.40
CG PHD B 171 -32.75 17.44 -6.20
OD1 PHD B 171 -32.31 18.34 -7.09
OD2 PHD B 171 -33.89 17.14 -6.08
P PHD B 171 -33.05 18.69 -8.51
OP1 PHD B 171 -34.47 18.17 -8.47
OP2 PHD B 171 -33.05 20.19 -8.72
OP3 PHD B 171 -32.24 17.98 -9.59
N GLY B 172 -29.33 14.45 -5.00
CA GLY B 172 -28.19 13.98 -4.23
C GLY B 172 -28.42 12.63 -3.59
N VAL B 173 -27.41 12.16 -2.85
CA VAL B 173 -27.47 10.85 -2.12
C VAL B 173 -27.15 11.11 -0.64
N VAL B 174 -27.90 10.49 0.26
CA VAL B 174 -27.72 10.69 1.73
C VAL B 174 -27.54 9.33 2.40
N GLY B 175 -26.53 9.23 3.27
CA GLY B 175 -26.26 8.00 4.04
C GLY B 175 -26.90 8.10 5.42
N LEU B 176 -27.62 7.06 5.84
CA LEU B 176 -28.31 7.01 7.16
C LEU B 176 -27.64 5.95 8.02
N ASN B 177 -26.74 6.39 8.92
CA ASN B 177 -25.93 5.49 9.76
C ASN B 177 -26.57 5.26 11.13
N HIS B 178 -26.54 4.01 11.61
CA HIS B 178 -27.04 3.66 12.98
C HIS B 178 -25.91 3.88 13.99
N LEU B 179 -26.23 4.13 15.26
CA LEU B 179 -25.19 4.34 16.30
C LEU B 179 -24.71 2.97 16.82
N TYR B 180 -23.41 2.88 17.14
CA TYR B 180 -22.77 1.65 17.67
C TYR B 180 -22.43 1.82 19.15
N PRO B 189 -30.94 -0.95 24.93
CA PRO B 189 -31.90 -1.16 26.02
C PRO B 189 -32.85 0.03 26.25
N ALA B 190 -32.31 1.27 26.20
CA ALA B 190 -33.08 2.51 26.40
C ALA B 190 -32.78 3.51 25.27
N ALA B 191 -31.97 3.08 24.28
CA ALA B 191 -31.58 3.91 23.12
C ALA B 191 -32.64 3.78 22.01
N VAL B 192 -33.90 4.08 22.35
CA VAL B 192 -35.03 4.01 21.37
C VAL B 192 -35.02 5.28 20.49
N VAL B 193 -34.52 6.41 21.01
CA VAL B 193 -34.48 7.70 20.26
C VAL B 193 -33.66 7.56 18.97
N PRO B 194 -32.38 7.13 18.99
CA PRO B 194 -31.60 7.01 17.76
C PRO B 194 -32.14 6.01 16.72
N ILE B 195 -32.70 4.88 17.16
CA ILE B 195 -33.26 3.86 16.21
C ILE B 195 -34.49 4.44 15.52
N ARG B 196 -35.43 4.97 16.30
CA ARG B 196 -36.69 5.59 15.81
C ARG B 196 -36.37 6.73 14.84
N THR B 197 -35.33 7.51 15.16
CA THR B 197 -34.91 8.67 14.32
C THR B 197 -34.42 8.18 12.95
N ILE B 198 -33.54 7.18 12.92
CA ILE B 198 -32.99 6.67 11.62
C ILE B 198 -34.11 6.01 10.79
N HIS B 199 -35.01 5.27 11.42
CA HIS B 199 -36.09 4.61 10.65
C HIS B 199 -37.05 5.67 10.06
N ASN B 200 -37.39 6.70 10.84
CA ASN B 200 -38.33 7.76 10.35
C ASN B 200 -37.68 8.63 9.29
N ILE B 201 -36.35 8.81 9.31
CA ILE B 201 -35.67 9.64 8.27
C ILE B 201 -35.88 8.95 6.91
N SER B 202 -35.83 7.62 6.87
CA SER B 202 -36.03 6.89 5.59
C SER B 202 -37.47 7.02 5.10
N LEU B 203 -38.40 7.49 5.95
CA LEU B 203 -39.82 7.68 5.55
C LEU B 203 -40.04 9.12 5.09
N ASN B 204 -39.00 9.95 5.14
CA ASN B 204 -39.13 11.37 4.70
C ASN B 204 -39.51 11.35 3.22
N PRO B 205 -40.43 12.22 2.76
CA PRO B 205 -40.85 12.23 1.36
C PRO B 205 -39.75 12.53 0.33
N ASN B 206 -38.68 13.23 0.75
CA ASN B 206 -37.57 13.57 -0.18
C ASN B 206 -36.79 12.32 -0.62
N PHE B 207 -37.05 11.16 -0.02
CA PHE B 207 -36.35 9.92 -0.44
C PHE B 207 -37.23 9.13 -1.42
N GLY B 208 -38.46 9.59 -1.65
CA GLY B 208 -39.37 8.90 -2.58
C GLY B 208 -40.01 7.67 -1.93
N GLY B 209 -40.19 6.60 -2.69
CA GLY B 209 -40.85 5.40 -2.14
C GLY B 209 -39.91 4.27 -1.75
N GLU B 210 -38.59 4.42 -1.90
CA GLU B 210 -37.71 3.26 -1.55
C GLU B 210 -36.26 3.64 -1.22
N VAL B 211 -35.88 3.57 0.06
CA VAL B 211 -34.47 3.78 0.50
C VAL B 211 -33.75 2.45 0.30
N MSE B 212 -32.46 2.51 -0.02
CA MSE B 212 -31.65 1.32 -0.24
C MSE B 212 -31.16 0.78 1.10
O MSE B 212 -30.72 1.54 1.95
CB MSE B 212 -30.44 1.69 -1.11
CG MSE B 212 -30.28 0.87 -2.36
SE MSE B 212 -28.49 1.27 -3.02
CE MSE B 212 -28.47 3.12 -3.58
N VAL B 213 -31.22 -0.54 1.26
CA VAL B 213 -30.77 -1.18 2.50
C VAL B 213 -29.63 -2.14 2.12
N ILE B 214 -28.42 -1.83 2.58
CA ILE B 214 -27.23 -2.68 2.30
C ILE B 214 -26.81 -3.40 3.59
N GLY B 215 -26.33 -4.64 3.48
CA GLY B 215 -25.92 -5.43 4.65
C GLY B 215 -25.03 -6.59 4.27
N ASP B 248 -20.15 -20.06 3.34
CA ASP B 248 -20.54 -20.74 2.07
C ASP B 248 -19.46 -20.44 1.02
N GLU B 249 -19.21 -19.15 0.76
CA GLU B 249 -18.16 -18.72 -0.22
C GLU B 249 -16.86 -18.48 0.56
N LYS B 250 -15.83 -19.28 0.27
CA LYS B 250 -14.51 -19.20 0.94
C LYS B 250 -13.93 -17.78 0.85
N HIS B 251 -14.01 -17.16 -0.33
CA HIS B 251 -13.45 -15.78 -0.55
C HIS B 251 -14.57 -14.86 -1.04
N VAL B 252 -15.08 -13.96 -0.20
CA VAL B 252 -16.13 -13.01 -0.63
C VAL B 252 -15.43 -11.75 -1.15
N GLY B 253 -14.76 -11.03 -0.25
CA GLY B 253 -14.05 -9.79 -0.60
C GLY B 253 -14.88 -8.56 -0.32
N PHE B 254 -14.23 -7.49 0.13
CA PHE B 254 -14.93 -6.21 0.40
C PHE B 254 -15.18 -5.48 -0.93
N GLN B 255 -14.19 -5.40 -1.81
CA GLN B 255 -14.35 -4.71 -3.13
C GLN B 255 -15.51 -5.36 -3.91
N SER B 256 -15.62 -6.70 -3.87
CA SER B 256 -16.71 -7.43 -4.56
C SER B 256 -18.08 -7.01 -4.01
N MSE B 257 -18.17 -6.91 -2.68
CA MSE B 257 -19.41 -6.53 -2.03
C MSE B 257 -19.85 -5.14 -2.52
O MSE B 257 -21.00 -4.94 -2.89
CB MSE B 257 -19.21 -6.54 -0.51
CG MSE B 257 -20.50 -6.43 0.29
SE MSE B 257 -20.16 -6.30 2.21
CE MSE B 257 -19.16 -4.66 2.59
N VAL B 258 -18.91 -4.20 -2.56
CA VAL B 258 -19.18 -2.83 -2.99
C VAL B 258 -19.64 -2.82 -4.45
N GLU B 259 -18.99 -3.58 -5.34
CA GLU B 259 -19.38 -3.63 -6.77
C GLU B 259 -20.88 -3.98 -6.87
N ASP B 260 -21.34 -4.96 -6.10
CA ASP B 260 -22.76 -5.38 -6.09
C ASP B 260 -23.64 -4.20 -5.63
N ILE B 261 -23.22 -3.51 -4.58
CA ILE B 261 -23.97 -2.35 -4.03
C ILE B 261 -24.07 -1.25 -5.09
N LEU B 262 -22.98 -0.99 -5.82
CA LEU B 262 -22.98 0.06 -6.87
C LEU B 262 -23.94 -0.31 -7.99
N GLN B 263 -24.13 -1.62 -8.28
CA GLN B 263 -25.07 -2.04 -9.35
C GLN B 263 -26.50 -1.76 -8.86
N ILE B 264 -26.78 -2.08 -7.59
CA ILE B 264 -28.13 -1.82 -7.01
C ILE B 264 -28.36 -0.30 -7.01
N ALA B 265 -27.32 0.44 -6.67
CA ALA B 265 -27.39 1.92 -6.58
C ALA B 265 -27.65 2.54 -7.96
N GLU B 266 -27.01 1.99 -9.01
CA GLU B 266 -27.20 2.57 -10.36
C GLU B 266 -28.64 2.28 -10.83
N ARG B 267 -29.21 1.16 -10.40
CA ARG B 267 -30.60 0.80 -10.81
C ARG B 267 -31.55 1.82 -10.19
N HIS B 268 -31.32 2.19 -8.92
CA HIS B 268 -32.18 3.19 -8.23
C HIS B 268 -32.01 4.57 -8.87
N LEU B 269 -30.77 4.98 -9.15
CA LEU B 269 -30.51 6.31 -9.75
C LEU B 269 -31.23 6.42 -11.10
N GLN B 270 -31.14 5.39 -11.93
CA GLN B 270 -31.81 5.42 -13.27
C GLN B 270 -33.32 5.65 -13.08
N LYS B 271 -33.92 5.00 -12.09
CA LYS B 271 -35.38 5.14 -11.86
C LYS B 271 -35.71 6.53 -11.29
N LEU B 272 -34.92 7.03 -10.33
CA LEU B 272 -35.17 8.37 -9.73
C LEU B 272 -34.93 9.48 -10.77
N ASN B 273 -33.99 9.26 -11.69
CA ASN B 273 -33.64 10.26 -12.74
C ASN B 273 -34.83 10.48 -13.69
N GLN B 274 -35.78 9.54 -13.72
CA GLN B 274 -36.94 9.65 -14.64
C GLN B 274 -38.15 10.29 -13.95
N ARG B 275 -38.05 10.63 -12.67
CA ARG B 275 -39.20 11.26 -11.95
C ARG B 275 -39.31 12.72 -12.37
N GLN B 276 -40.53 13.26 -12.38
CA GLN B 276 -40.82 14.67 -12.74
C GLN B 276 -41.69 15.30 -11.66
N ARG B 277 -41.59 16.62 -11.49
CA ARG B 277 -42.43 17.32 -10.48
C ARG B 277 -43.84 17.49 -11.04
N GLU B 278 -44.84 17.51 -10.16
CA GLU B 278 -46.26 17.71 -10.57
C GLU B 278 -46.87 18.76 -9.63
N THR B 279 -47.84 19.52 -10.12
CA THR B 279 -48.51 20.56 -9.29
C THR B 279 -49.20 19.87 -8.12
N CYS B 280 -48.82 20.23 -6.88
CA CYS B 280 -49.40 19.63 -5.64
C CYS B 280 -49.90 20.74 -4.72
N PRO B 281 -50.94 20.50 -3.88
CA PRO B 281 -51.43 21.54 -2.99
C PRO B 281 -50.39 21.86 -1.90
N ALA B 282 -50.34 23.12 -1.46
CA ALA B 282 -49.39 23.57 -0.41
C ALA B 282 -49.64 22.81 0.90
N SER B 283 -50.81 22.17 1.02
CA SER B 283 -51.18 21.41 2.23
C SER B 283 -50.24 20.20 2.42
N GLU B 284 -49.56 19.77 1.35
CA GLU B 284 -48.66 18.59 1.43
C GLU B 284 -47.26 19.01 1.93
N LEU B 285 -47.02 20.31 2.14
CA LEU B 285 -45.69 20.75 2.66
C LEU B 285 -45.61 20.46 4.16
N VAL B 286 -44.38 20.26 4.64
CA VAL B 286 -44.09 20.05 6.09
C VAL B 286 -42.88 20.96 6.35
N VAL B 287 -43.11 22.10 6.99
CA VAL B 287 -42.01 23.09 7.21
C VAL B 287 -41.56 23.09 8.67
N GLY B 288 -40.25 23.08 8.87
CA GLY B 288 -39.62 23.13 10.20
C GLY B 288 -38.94 24.48 10.39
N MSE B 289 -38.93 24.97 11.64
CA MSE B 289 -38.31 26.25 11.94
C MSE B 289 -37.39 26.09 13.14
O MSE B 289 -37.72 25.40 14.10
CB MSE B 289 -39.39 27.30 12.27
CG MSE B 289 -40.74 27.10 11.61
SE MSE B 289 -40.78 27.82 9.78
CE MSE B 289 -42.57 28.38 9.29
N GLN B 290 -36.19 26.69 13.07
CA GLN B 290 -35.28 26.69 14.20
C GLN B 290 -34.46 27.97 14.19
N CYS B 291 -33.82 28.29 15.33
CA CYS B 291 -32.95 29.48 15.47
C CYS B 291 -31.49 29.04 15.47
N GLY B 292 -30.62 29.93 14.99
CA GLY B 292 -29.16 29.69 14.95
C GLY B 292 -28.48 30.50 16.04
N GLY B 293 -27.89 31.64 15.64
CA GLY B 293 -27.20 32.53 16.59
C GLY B 293 -28.15 33.53 17.21
N SER B 294 -28.68 33.23 18.41
CA SER B 294 -29.61 34.14 19.13
C SER B 294 -29.10 35.59 19.02
N ASP B 295 -30.00 36.52 18.67
CA ASP B 295 -29.63 37.95 18.48
C ASP B 295 -30.62 38.82 19.25
N ALA B 296 -30.26 40.09 19.48
CA ALA B 296 -31.15 41.03 20.20
C ALA B 296 -32.36 41.38 19.32
N PHE B 297 -32.27 41.11 18.01
CA PHE B 297 -33.36 41.44 17.05
C PHE B 297 -34.13 40.18 16.65
N SER B 298 -33.64 39.00 17.01
CA SER B 298 -34.33 37.74 16.63
C SER B 298 -35.84 37.81 16.88
N GLY B 299 -36.27 38.13 18.10
CA GLY B 299 -37.71 38.13 18.45
C GLY B 299 -38.47 39.37 18.00
N VAL B 300 -37.81 40.36 17.40
CA VAL B 300 -38.55 41.58 16.93
C VAL B 300 -38.56 41.64 15.40
N THR B 301 -37.78 40.80 14.72
CA THR B 301 -37.73 40.86 13.23
C THR B 301 -38.04 39.48 12.60
N ALA B 302 -37.01 38.63 12.46
CA ALA B 302 -37.13 37.31 11.81
C ALA B 302 -38.17 36.40 12.47
N ASN B 303 -38.09 36.22 13.79
CA ASN B 303 -39.02 35.30 14.51
C ASN B 303 -40.48 35.66 14.24
N PRO B 304 -40.95 36.90 14.53
CA PRO B 304 -42.35 37.24 14.27
C PRO B 304 -42.73 37.02 12.80
N ALA B 305 -41.81 37.32 11.86
CA ALA B 305 -42.08 37.11 10.42
C ALA B 305 -42.28 35.62 10.15
N VAL B 306 -41.41 34.78 10.73
CA VAL B 306 -41.51 33.31 10.56
C VAL B 306 -42.85 32.84 11.16
N GLY B 307 -43.27 33.46 12.26
CA GLY B 307 -44.54 33.10 12.92
C GLY B 307 -45.73 33.46 12.05
N TYR B 308 -45.59 34.51 11.25
CA TYR B 308 -46.71 34.92 10.37
C TYR B 308 -46.77 33.92 9.20
N ALA B 309 -45.61 33.57 8.66
CA ALA B 309 -45.57 32.57 7.55
C ALA B 309 -46.07 31.24 8.10
N SER B 310 -45.77 30.97 9.37
CA SER B 310 -46.20 29.71 10.03
C SER B 310 -47.73 29.64 10.03
N ASP B 311 -48.39 30.76 10.37
CA ASP B 311 -49.87 30.83 10.40
C ASP B 311 -50.44 30.67 8.99
N LEU B 312 -49.75 31.22 7.98
CA LEU B 312 -50.24 31.10 6.57
C LEU B 312 -50.20 29.62 6.16
N LEU B 313 -49.12 28.91 6.50
CA LEU B 313 -48.99 27.47 6.16
C LEU B 313 -50.08 26.67 6.87
N VAL B 314 -50.37 27.00 8.13
CA VAL B 314 -51.43 26.26 8.90
C VAL B 314 -52.77 26.48 8.19
N ARG B 315 -53.02 27.71 7.71
CA ARG B 315 -54.28 28.06 7.00
C ARG B 315 -54.36 27.30 5.67
N CYS B 316 -53.22 26.98 5.05
CA CYS B 316 -53.19 26.22 3.78
C CYS B 316 -53.45 24.74 4.03
N GLY B 317 -53.47 24.33 5.31
CA GLY B 317 -53.68 22.92 5.68
C GLY B 317 -52.37 22.15 5.73
N ALA B 318 -51.25 22.88 5.75
CA ALA B 318 -49.91 22.25 5.80
C ALA B 318 -49.52 21.94 7.25
N THR B 319 -48.31 21.44 7.46
CA THR B 319 -47.81 21.08 8.81
C THR B 319 -46.56 21.92 9.11
N VAL B 320 -46.59 22.69 10.20
CA VAL B 320 -45.42 23.52 10.59
C VAL B 320 -44.88 22.95 11.89
N MSE B 321 -43.56 23.09 12.10
CA MSE B 321 -42.91 22.55 13.27
C MSE B 321 -41.94 23.54 13.90
O MSE B 321 -41.16 24.17 13.19
CB MSE B 321 -42.11 21.32 12.85
CG MSE B 321 -42.58 20.01 13.43
SE MSE B 321 -41.59 18.57 12.58
CE MSE B 321 -43.00 17.50 11.74
N PHE B 322 -41.99 23.65 15.22
CA PHE B 322 -41.02 24.45 15.95
C PHE B 322 -40.49 23.53 17.04
N SER B 323 -39.20 23.63 17.35
CA SER B 323 -38.57 22.71 18.33
C SER B 323 -37.74 23.48 19.36
N GLU B 324 -36.58 22.93 19.71
CA GLU B 324 -35.61 23.57 20.64
C GLU B 324 -36.24 23.75 22.02
N VAL B 325 -36.17 22.70 22.85
CA VAL B 325 -36.73 22.68 24.24
C VAL B 325 -35.99 23.70 25.10
N THR B 326 -34.66 23.73 25.01
CA THR B 326 -33.79 24.64 25.79
C THR B 326 -34.11 26.12 25.47
N GLU B 327 -34.58 26.40 24.25
CA GLU B 327 -34.87 27.80 23.81
C GLU B 327 -36.27 28.25 24.24
N VAL B 328 -37.23 27.34 24.38
CA VAL B 328 -38.63 27.71 24.73
C VAL B 328 -38.97 27.37 26.20
N ARG B 329 -38.12 26.61 26.88
CA ARG B 329 -38.37 26.14 28.28
C ARG B 329 -38.84 27.26 29.22
N ASP B 330 -38.15 28.40 29.24
CA ASP B 330 -38.49 29.52 30.17
C ASP B 330 -39.68 30.34 29.65
N ALA B 331 -40.51 29.77 28.78
CA ALA B 331 -41.70 30.49 28.24
C ALA B 331 -42.83 29.48 27.98
N ILE B 332 -42.66 28.24 28.46
CA ILE B 332 -43.67 27.15 28.26
C ILE B 332 -45.04 27.60 28.79
N HIS B 333 -45.07 28.51 29.76
CA HIS B 333 -46.36 28.98 30.33
C HIS B 333 -47.14 29.79 29.29
N LEU B 334 -46.59 30.02 28.10
CA LEU B 334 -47.29 30.78 27.03
C LEU B 334 -47.66 29.84 25.88
N LEU B 335 -47.12 28.62 25.89
CA LEU B 335 -47.42 27.62 24.82
C LEU B 335 -48.55 26.71 25.31
N THR B 336 -48.51 26.32 26.59
CA THR B 336 -49.52 25.41 27.19
C THR B 336 -50.95 25.93 26.97
N PRO B 337 -51.23 27.24 27.14
CA PRO B 337 -52.58 27.76 26.93
C PRO B 337 -53.06 27.64 25.47
N ARG B 338 -52.12 27.47 24.52
CA ARG B 338 -52.47 27.37 23.08
C ARG B 338 -52.69 25.90 22.66
N ALA B 339 -52.54 24.95 23.59
CA ALA B 339 -52.79 23.52 23.22
C ALA B 339 -54.28 23.35 22.92
N VAL B 340 -54.62 22.55 21.90
CA VAL B 340 -56.05 22.36 21.51
C VAL B 340 -56.83 21.64 22.62
N ASN B 341 -56.16 20.85 23.45
CA ASN B 341 -56.85 20.09 24.53
C ASN B 341 -55.83 19.77 25.65
N GLU B 342 -56.31 19.24 26.77
CA GLU B 342 -55.43 18.93 27.94
C GLU B 342 -54.47 17.78 27.63
N GLU B 343 -54.91 16.73 26.94
CA GLU B 343 -53.99 15.60 26.66
C GLU B 343 -52.76 16.12 25.88
N VAL B 344 -52.97 17.08 24.98
CA VAL B 344 -51.85 17.68 24.18
C VAL B 344 -51.05 18.61 25.10
N GLY B 345 -51.72 19.23 26.08
CA GLY B 345 -51.05 20.12 27.04
C GLY B 345 -50.14 19.35 27.98
N LYS B 346 -50.65 18.27 28.58
CA LYS B 346 -49.85 17.43 29.52
C LYS B 346 -48.70 16.78 28.75
N ARG B 347 -48.95 16.46 27.48
CA ARG B 347 -47.95 15.83 26.57
C ARG B 347 -46.82 16.84 26.33
N LEU B 348 -47.16 18.14 26.38
CA LEU B 348 -46.19 19.24 26.18
C LEU B 348 -45.33 19.36 27.45
N LEU B 349 -45.95 19.25 28.62
CA LEU B 349 -45.24 19.32 29.93
C LEU B 349 -44.33 18.11 30.08
N GLU B 350 -44.79 16.95 29.59
CA GLU B 350 -44.03 15.67 29.67
C GLU B 350 -42.67 15.83 28.97
N GLU B 351 -42.62 16.56 27.86
CA GLU B 351 -41.36 16.77 27.11
C GLU B 351 -40.47 17.78 27.83
N MSE B 352 -41.07 18.70 28.59
CA MSE B 352 -40.31 19.71 29.29
C MSE B 352 -39.53 19.07 30.44
O MSE B 352 -38.34 19.31 30.59
CB MSE B 352 -41.21 20.84 29.82
CG MSE B 352 -41.84 21.69 28.74
SE MSE B 352 -40.52 22.63 27.60
CE MSE B 352 -40.84 22.21 25.71
N GLU B 353 -40.22 18.25 31.25
CA GLU B 353 -39.58 17.63 32.40
C GLU B 353 -38.58 16.58 31.91
N TRP B 354 -38.88 15.89 30.80
CA TRP B 354 -37.95 14.86 30.28
C TRP B 354 -36.60 15.52 29.98
N TYR B 355 -36.63 16.74 29.44
CA TYR B 355 -35.36 17.43 29.07
C TYR B 355 -34.70 17.98 30.34
N ASP B 356 -35.49 18.55 31.27
CA ASP B 356 -34.92 19.05 32.56
C ASP B 356 -34.17 17.91 33.24
N ASN B 357 -34.78 16.72 33.24
CA ASN B 357 -34.20 15.50 33.86
C ASN B 357 -32.92 15.11 33.13
N TYR B 358 -32.96 15.13 31.78
CA TYR B 358 -31.80 14.75 30.93
C TYR B 358 -30.59 15.65 31.20
N LEU B 359 -30.81 16.92 31.57
CA LEU B 359 -29.68 17.86 31.83
C LEU B 359 -29.17 17.72 33.29
N ASN B 360 -29.20 16.51 33.85
CA ASN B 360 -28.67 16.23 35.22
C ASN B 360 -29.64 15.32 35.95
N ALA B 380 -28.00 36.78 29.15
CA ALA B 380 -28.91 37.88 29.53
C ALA B 380 -30.18 37.31 30.19
N ASN B 381 -31.33 37.98 30.00
CA ASN B 381 -32.62 37.54 30.59
C ASN B 381 -33.13 36.32 29.80
N VAL B 382 -33.15 35.16 30.44
CA VAL B 382 -33.59 33.87 29.81
C VAL B 382 -35.08 33.91 29.44
N VAL B 383 -35.93 34.53 30.27
CA VAL B 383 -37.39 34.61 29.98
C VAL B 383 -37.62 35.50 28.76
N GLU B 384 -36.88 36.61 28.68
CA GLU B 384 -36.98 37.57 27.56
C GLU B 384 -36.59 36.86 26.26
N LYS B 385 -35.47 36.13 26.27
CA LYS B 385 -35.00 35.39 25.08
C LYS B 385 -36.03 34.34 24.67
N ALA B 386 -36.58 33.61 25.64
CA ALA B 386 -37.58 32.54 25.36
C ALA B 386 -38.81 33.14 24.65
N LEU B 387 -39.27 34.31 25.10
CA LEU B 387 -40.45 34.98 24.48
C LEU B 387 -40.14 35.29 23.02
N GLY B 388 -38.88 35.65 22.74
CA GLY B 388 -38.43 35.95 21.37
C GLY B 388 -38.40 34.71 20.50
N SER B 389 -38.12 33.55 21.08
CA SER B 389 -38.07 32.26 20.34
C SER B 389 -39.49 31.78 19.98
N ILE B 390 -40.41 31.77 20.95
CA ILE B 390 -41.79 31.27 20.70
C ILE B 390 -42.49 32.15 19.66
N ALA B 391 -41.92 33.32 19.34
CA ALA B 391 -42.53 34.21 18.32
C ALA B 391 -42.62 33.47 16.97
N LYS B 392 -41.72 32.49 16.75
CA LYS B 392 -41.72 31.70 15.49
C LYS B 392 -42.95 30.80 15.41
N SER B 393 -43.59 30.52 16.55
CA SER B 393 -44.78 29.62 16.57
C SER B 393 -46.03 30.36 16.07
N GLY B 394 -45.97 31.68 15.99
CA GLY B 394 -47.13 32.46 15.51
C GLY B 394 -48.24 32.48 16.55
N LYS B 395 -49.50 32.37 16.10
CA LYS B 395 -50.66 32.42 17.03
C LYS B 395 -51.56 31.19 16.87
N SER B 396 -51.26 30.30 15.91
CA SER B 396 -52.10 29.10 15.68
C SER B 396 -52.12 28.20 16.92
N ALA B 397 -53.03 27.23 16.94
CA ALA B 397 -53.17 26.28 18.05
C ALA B 397 -52.18 25.13 17.88
N ILE B 398 -51.61 24.64 19.00
CA ILE B 398 -50.66 23.48 18.96
C ILE B 398 -51.53 22.22 18.95
N VAL B 399 -51.58 21.51 17.81
CA VAL B 399 -52.46 20.31 17.66
C VAL B 399 -51.76 19.02 18.08
N GLU B 400 -50.44 19.01 18.22
CA GLU B 400 -49.76 17.74 18.60
C GLU B 400 -48.33 18.04 19.08
N VAL B 401 -47.83 17.20 20.00
CA VAL B 401 -46.46 17.30 20.55
C VAL B 401 -45.71 16.01 20.17
N LEU B 402 -44.48 16.12 19.68
CA LEU B 402 -43.71 14.91 19.28
C LEU B 402 -42.48 14.74 20.15
N SER B 403 -42.06 13.48 20.33
CA SER B 403 -40.83 13.17 21.08
C SER B 403 -39.71 13.14 20.06
N PRO B 404 -38.43 13.34 20.45
CA PRO B 404 -37.33 13.35 19.49
C PRO B 404 -37.38 12.22 18.45
N GLY B 405 -37.61 12.57 17.18
CA GLY B 405 -37.62 11.59 16.06
C GLY B 405 -38.99 11.01 15.72
N GLN B 406 -40.08 11.43 16.39
CA GLN B 406 -41.43 10.89 16.04
C GLN B 406 -42.00 11.62 14.82
N ARG B 407 -43.00 11.00 14.17
CA ARG B 407 -43.68 11.60 13.00
C ARG B 407 -45.08 12.02 13.40
N PRO B 408 -45.59 13.16 12.90
CA PRO B 408 -46.93 13.62 13.25
C PRO B 408 -48.06 12.77 12.64
N THR B 409 -49.22 12.81 13.27
CA THR B 409 -50.41 12.06 12.79
C THR B 409 -51.53 13.07 12.49
N LYS B 410 -51.30 14.34 12.85
CA LYS B 410 -52.28 15.44 12.62
C LYS B 410 -51.61 16.57 11.82
N ARG B 411 -52.41 17.45 11.21
CA ARG B 411 -51.86 18.58 10.43
C ARG B 411 -52.13 19.88 11.19
N GLY B 412 -51.21 20.85 11.04
CA GLY B 412 -51.29 22.16 11.70
C GLY B 412 -49.97 22.48 12.40
N LEU B 413 -50.01 23.34 13.42
CA LEU B 413 -48.78 23.71 14.17
C LEU B 413 -48.43 22.56 15.12
N ILE B 414 -47.25 21.96 14.95
CA ILE B 414 -46.79 20.81 15.78
C ILE B 414 -45.58 21.23 16.61
N TYR B 415 -45.49 20.75 17.85
CA TYR B 415 -44.27 21.03 18.64
C TYR B 415 -43.43 19.76 18.67
N ALA B 416 -42.28 19.77 18.00
CA ALA B 416 -41.37 18.60 17.96
C ALA B 416 -40.21 18.85 18.92
N ALA B 417 -40.21 18.19 20.08
CA ALA B 417 -39.12 18.38 21.07
C ALA B 417 -37.78 17.93 20.47
N THR B 418 -36.77 18.79 20.54
CA THR B 418 -35.41 18.49 20.04
C THR B 418 -34.39 19.40 20.73
N PRO B 419 -33.10 19.04 20.74
CA PRO B 419 -32.08 19.92 21.31
C PRO B 419 -31.96 21.19 20.43
N ALA B 420 -31.42 22.28 20.98
CA ALA B 420 -31.27 23.55 20.23
C ALA B 420 -30.09 23.43 19.25
N SER B 421 -29.13 22.55 19.56
CA SER B 421 -27.92 22.32 18.72
C SER B 421 -28.37 22.18 17.26
N ASP B 422 -28.03 23.19 16.45
CA ASP B 422 -28.41 23.36 15.01
C ASP B 422 -28.39 22.06 14.18
N PHE B 423 -27.26 21.36 14.10
CA PHE B 423 -27.21 20.15 13.22
C PHE B 423 -28.10 19.03 13.80
N VAL B 424 -28.17 18.92 15.12
CA VAL B 424 -29.02 17.85 15.73
C VAL B 424 -30.49 18.20 15.52
N CYS B 425 -30.87 19.46 15.76
CA CYS B 425 -32.28 19.91 15.57
C CYS B 425 -32.71 19.59 14.14
N GLY B 426 -31.89 20.00 13.16
CA GLY B 426 -32.21 19.75 11.74
C GLY B 426 -32.40 18.27 11.46
N THR B 427 -31.48 17.45 11.97
CA THR B 427 -31.55 15.97 11.75
C THR B 427 -32.85 15.43 12.34
N GLN B 428 -33.23 15.90 13.54
CA GLN B 428 -34.46 15.41 14.21
C GLN B 428 -35.70 15.91 13.46
N GLN B 429 -35.68 17.16 12.96
CA GLN B 429 -36.87 17.66 12.22
C GLN B 429 -37.01 16.88 10.91
N VAL B 430 -35.88 16.57 10.25
CA VAL B 430 -35.91 15.78 8.98
C VAL B 430 -36.50 14.40 9.30
N ALA B 431 -36.19 13.88 10.49
CA ALA B 431 -36.74 12.57 10.92
C ALA B 431 -38.25 12.69 11.10
N SER B 432 -38.70 13.85 11.60
CA SER B 432 -40.15 14.09 11.82
C SER B 432 -40.89 14.25 10.49
N GLY B 433 -40.15 14.43 9.39
CA GLY B 433 -40.75 14.50 8.03
C GLY B 433 -40.77 15.87 7.39
N ILE B 434 -40.01 16.85 7.88
CA ILE B 434 -40.06 18.18 7.20
C ILE B 434 -39.48 18.03 5.80
N THR B 435 -39.96 18.84 4.85
CA THR B 435 -39.47 18.83 3.45
C THR B 435 -38.82 20.18 3.15
N VAL B 436 -38.97 21.15 4.06
CA VAL B 436 -38.37 22.51 3.97
C VAL B 436 -38.05 22.99 5.39
N GLN B 437 -36.93 23.70 5.56
CA GLN B 437 -36.59 24.23 6.91
C GLN B 437 -36.27 25.72 6.78
N VAL B 438 -36.78 26.52 7.72
CA VAL B 438 -36.46 27.98 7.77
C VAL B 438 -35.50 28.16 8.94
N PHE B 439 -34.35 28.79 8.70
CA PHE B 439 -33.33 28.97 9.77
C PHE B 439 -33.05 30.46 9.97
N THR B 440 -33.52 31.04 11.10
CA THR B 440 -33.27 32.47 11.40
C THR B 440 -31.90 32.57 12.08
N THR B 441 -31.19 33.69 11.92
CA THR B 441 -29.86 33.81 12.58
C THR B 441 -29.35 35.25 12.54
N GLY B 442 -28.52 35.60 13.53
CA GLY B 442 -27.91 36.94 13.66
C GLY B 442 -26.41 36.88 13.40
N ARG B 443 -25.92 35.68 13.05
CA ARG B 443 -24.48 35.42 12.76
C ARG B 443 -24.36 34.82 11.35
N GLY B 444 -23.21 35.01 10.70
CA GLY B 444 -22.96 34.44 9.36
C GLY B 444 -22.60 32.97 9.45
N THR B 445 -23.59 32.10 9.66
CA THR B 445 -23.37 30.64 9.78
C THR B 445 -23.53 29.95 8.43
N PRO B 446 -22.70 28.93 8.11
CA PRO B 446 -22.81 28.18 6.87
C PRO B 446 -23.69 26.93 7.04
N TYR B 447 -24.62 26.98 8.00
CA TYR B 447 -25.53 25.84 8.28
C TYR B 447 -26.36 25.47 7.04
N GLY B 448 -26.60 24.17 6.86
CA GLY B 448 -27.40 23.66 5.73
C GLY B 448 -27.55 22.15 5.77
N LEU B 449 -28.54 21.61 5.04
CA LEU B 449 -28.81 20.14 4.98
C LEU B 449 -29.05 19.73 3.55
N MSE B 450 -28.69 18.49 3.20
CA MSE B 450 -28.90 17.97 1.86
C MSE B 450 -30.30 17.36 1.80
O MSE B 450 -30.95 17.40 0.76
CB MSE B 450 -27.82 16.92 1.52
CG MSE B 450 -28.16 16.02 0.33
SE MSE B 450 -28.37 17.01 -1.37
CE MSE B 450 -26.57 17.32 -2.08
N ALA B 451 -30.77 16.80 2.93
CA ALA B 451 -32.08 16.16 2.99
C ALA B 451 -33.18 17.13 2.57
N VAL B 452 -33.12 18.37 3.06
CA VAL B 452 -34.18 19.38 2.73
C VAL B 452 -33.51 20.72 2.45
N PRO B 453 -34.15 21.60 1.64
CA PRO B 453 -33.59 22.91 1.36
C PRO B 453 -33.72 23.76 2.64
N VAL B 454 -32.68 24.52 2.96
CA VAL B 454 -32.67 25.38 4.16
C VAL B 454 -32.72 26.84 3.73
N ILE B 455 -33.78 27.54 4.14
CA ILE B 455 -33.97 28.99 3.86
C ILE B 455 -33.39 29.74 5.06
N LYS B 456 -32.32 30.51 4.84
CA LYS B 456 -31.64 31.22 5.95
C LYS B 456 -32.11 32.69 5.97
N MSE B 457 -32.67 33.11 7.10
CA MSE B 457 -33.19 34.46 7.26
C MSE B 457 -32.34 35.28 8.23
O MSE B 457 -32.10 34.87 9.34
CB MSE B 457 -34.63 34.41 7.76
CG MSE B 457 -35.26 35.74 8.04
SE MSE B 457 -37.17 35.48 8.28
CE MSE B 457 -38.06 35.92 6.61
N ALA B 458 -31.95 36.49 7.79
CA ALA B 458 -31.14 37.39 8.60
C ALA B 458 -32.03 38.24 9.51
N THR B 459 -31.51 38.62 10.68
CA THR B 459 -32.27 39.44 11.65
C THR B 459 -31.97 40.93 11.45
N ARG B 460 -30.83 41.28 10.85
CA ARG B 460 -30.45 42.70 10.64
C ARG B 460 -30.03 42.90 9.18
N THR B 461 -30.24 44.11 8.64
CA THR B 461 -29.87 44.39 7.23
C THR B 461 -28.34 44.35 7.12
N GLU B 462 -27.62 44.84 8.14
CA GLU B 462 -26.14 44.82 8.13
C GLU B 462 -25.65 43.39 7.88
N LEU B 463 -26.33 42.40 8.48
CA LEU B 463 -25.95 40.98 8.34
C LEU B 463 -26.23 40.47 6.93
N ALA B 464 -27.40 40.83 6.37
CA ALA B 464 -27.81 40.41 5.01
C ALA B 464 -26.83 40.96 3.96
N ASN B 465 -26.22 42.12 4.23
CA ASN B 465 -25.26 42.73 3.28
C ASN B 465 -23.88 42.09 3.48
N ARG B 466 -23.50 41.82 4.73
CA ARG B 466 -22.16 41.21 5.01
C ARG B 466 -22.11 39.81 4.41
N TRP B 467 -23.21 39.05 4.53
CA TRP B 467 -23.26 37.66 4.02
C TRP B 467 -24.34 37.55 2.93
N PHE B 468 -24.18 38.35 1.86
CA PHE B 468 -25.13 38.40 0.71
C PHE B 468 -25.24 37.04 0.01
N ASP B 469 -24.24 36.17 0.18
CA ASP B 469 -24.23 34.83 -0.48
C ASP B 469 -24.61 33.73 0.53
N LEU B 470 -25.20 34.08 1.68
CA LEU B 470 -25.64 33.08 2.70
C LEU B 470 -27.08 33.36 3.11
N MSE B 471 -27.41 34.66 3.26
CA MSE B 471 -28.75 35.05 3.67
C MSE B 471 -29.70 35.06 2.46
O MSE B 471 -29.60 35.93 1.59
CB MSE B 471 -28.70 36.43 4.35
CG MSE B 471 -27.72 36.53 5.49
SE MSE B 471 -28.08 35.23 6.92
CE MSE B 471 -26.36 34.87 7.79
N ASP B 472 -30.61 34.09 2.45
CA ASP B 472 -31.59 33.93 1.39
C ASP B 472 -32.64 35.04 1.45
N ILE B 473 -32.98 35.51 2.66
CA ILE B 473 -34.01 36.58 2.82
C ILE B 473 -33.61 37.47 4.00
N ASN B 474 -33.93 38.77 3.92
CA ASN B 474 -33.60 39.77 4.98
C ASN B 474 -34.86 40.20 5.73
N ALA B 475 -34.87 40.07 7.06
CA ALA B 475 -36.01 40.49 7.91
C ALA B 475 -35.64 41.79 8.65
N GLY B 476 -34.41 42.26 8.48
CA GLY B 476 -33.90 43.48 9.14
C GLY B 476 -34.65 44.73 8.70
N THR B 477 -35.41 44.64 7.60
CA THR B 477 -36.19 45.79 7.08
C THR B 477 -37.31 46.14 8.07
N ILE B 478 -37.62 45.24 9.00
CA ILE B 478 -38.70 45.49 10.01
C ILE B 478 -38.17 46.45 11.08
N ALA B 479 -36.90 46.31 11.46
CA ALA B 479 -36.29 47.16 12.51
C ALA B 479 -36.22 48.62 12.07
N THR B 480 -36.09 48.88 10.77
CA THR B 480 -35.99 50.27 10.26
C THR B 480 -37.37 50.77 9.79
N GLY B 481 -38.41 49.93 9.87
CA GLY B 481 -39.77 50.30 9.47
C GLY B 481 -39.97 50.32 7.96
N GLU B 482 -38.99 49.86 7.18
CA GLU B 482 -39.11 49.85 5.69
C GLU B 482 -40.14 48.78 5.27
N GLU B 483 -40.24 47.69 6.04
CA GLU B 483 -41.20 46.59 5.79
C GLU B 483 -41.89 46.19 7.10
N THR B 484 -43.04 45.52 7.02
CA THR B 484 -43.79 45.09 8.23
C THR B 484 -43.68 43.57 8.41
N ILE B 485 -44.06 43.08 9.59
CA ILE B 485 -44.04 41.62 9.89
C ILE B 485 -44.87 40.89 8.84
N GLU B 486 -46.05 41.44 8.50
CA GLU B 486 -46.96 40.82 7.50
C GLU B 486 -46.27 40.74 6.13
N GLU B 487 -45.63 41.83 5.69
CA GLU B 487 -44.95 41.88 4.37
C GLU B 487 -43.83 40.84 4.31
N VAL B 488 -42.93 40.82 5.30
CA VAL B 488 -41.79 39.86 5.31
C VAL B 488 -42.36 38.44 5.45
N GLY B 489 -43.45 38.29 6.20
CA GLY B 489 -44.10 36.97 6.37
C GLY B 489 -44.59 36.41 5.06
N TRP B 490 -45.31 37.23 4.27
CA TRP B 490 -45.80 36.79 2.94
C TRP B 490 -44.62 36.57 2.00
N LYS B 491 -43.61 37.42 2.07
CA LYS B 491 -42.41 37.27 1.20
C LYS B 491 -41.78 35.91 1.50
N LEU B 492 -41.74 35.52 2.77
CA LEU B 492 -41.17 34.20 3.18
C LEU B 492 -42.07 33.08 2.66
N PHE B 493 -43.39 33.20 2.83
CA PHE B 493 -44.35 32.17 2.36
C PHE B 493 -44.12 31.90 0.87
N HIS B 494 -44.04 32.97 0.06
CA HIS B 494 -43.82 32.79 -1.40
C HIS B 494 -42.42 32.25 -1.66
N PHE B 495 -41.45 32.58 -0.81
CA PHE B 495 -40.07 32.06 -1.00
C PHE B 495 -40.10 30.56 -0.74
N ILE B 496 -40.88 30.14 0.27
CA ILE B 496 -41.01 28.69 0.62
C ILE B 496 -41.59 27.92 -0.58
N LEU B 497 -42.70 28.40 -1.15
CA LEU B 497 -43.33 27.70 -2.30
C LEU B 497 -42.34 27.63 -3.48
N ASP B 498 -41.59 28.71 -3.72
CA ASP B 498 -40.62 28.73 -4.86
C ASP B 498 -39.49 27.73 -4.60
N VAL B 499 -39.00 27.64 -3.36
CA VAL B 499 -37.89 26.68 -3.01
C VAL B 499 -38.43 25.25 -3.09
N ALA B 500 -39.63 25.02 -2.57
CA ALA B 500 -40.25 23.67 -2.59
C ALA B 500 -40.45 23.22 -4.04
N SER B 501 -40.74 24.17 -4.94
CA SER B 501 -40.98 23.87 -6.38
C SER B 501 -39.65 23.71 -7.12
N GLY B 502 -38.54 24.10 -6.51
CA GLY B 502 -37.22 24.02 -7.15
C GLY B 502 -37.02 25.17 -8.14
N LYS B 503 -37.87 26.20 -8.08
CA LYS B 503 -37.76 27.37 -9.00
C LYS B 503 -36.60 28.23 -8.52
N LYS B 504 -36.38 28.29 -7.20
CA LYS B 504 -35.22 29.04 -6.60
C LYS B 504 -34.41 28.06 -5.76
N LYS B 505 -33.08 28.22 -5.75
CA LYS B 505 -32.21 27.36 -4.92
C LYS B 505 -31.68 28.20 -3.77
N THR B 506 -31.77 27.70 -2.54
CA THR B 506 -31.24 28.44 -1.37
C THR B 506 -29.73 28.47 -1.49
N PHE B 507 -29.06 29.39 -0.78
CA PHE B 507 -27.57 29.46 -0.87
C PHE B 507 -26.98 28.13 -0.36
N SER B 508 -27.64 27.47 0.60
CA SER B 508 -27.09 26.20 1.11
C SER B 508 -26.99 25.18 -0.03
N ASP B 509 -28.04 25.09 -0.86
CA ASP B 509 -28.02 24.11 -1.99
C ASP B 509 -27.13 24.64 -3.14
N GLN B 510 -26.98 25.97 -3.28
CA GLN B 510 -26.13 26.51 -4.37
C GLN B 510 -24.64 26.20 -4.13
N TRP B 511 -24.17 26.36 -2.89
CA TRP B 511 -22.72 26.13 -2.58
C TRP B 511 -22.50 24.71 -2.06
N GLY B 512 -23.57 23.99 -1.73
CA GLY B 512 -23.39 22.63 -1.20
C GLY B 512 -22.97 22.67 0.26
N LEU B 513 -23.60 23.57 1.03
CA LEU B 513 -23.34 23.71 2.48
C LEU B 513 -24.09 22.58 3.17
N HIS B 514 -23.67 21.33 2.94
CA HIS B 514 -24.39 20.19 3.55
C HIS B 514 -23.53 19.55 4.65
N ASN B 515 -23.99 19.64 5.91
CA ASN B 515 -23.24 19.03 7.03
C ASN B 515 -23.87 17.66 7.32
N GLN B 516 -23.04 16.65 7.57
CA GLN B 516 -23.51 15.26 7.83
C GLN B 516 -24.59 15.25 8.93
N LEU B 517 -25.55 14.33 8.81
CA LEU B 517 -26.67 14.19 9.78
C LEU B 517 -26.11 13.87 11.16
N ALA B 518 -26.71 14.47 12.20
CA ALA B 518 -26.27 14.26 13.60
C ALA B 518 -27.46 13.79 14.43
N VAL B 519 -27.65 12.47 14.54
CA VAL B 519 -28.79 11.88 15.32
C VAL B 519 -28.60 12.18 16.81
N PHE B 520 -29.68 12.53 17.49
CA PHE B 520 -29.65 12.83 18.95
C PHE B 520 -29.53 11.51 19.72
N ASN B 521 -28.47 11.37 20.53
CA ASN B 521 -28.25 10.14 21.34
C ASN B 521 -28.19 10.50 22.83
N PRO B 522 -29.33 10.51 23.54
CA PRO B 522 -29.34 10.84 24.96
C PRO B 522 -28.80 9.72 25.87
N ALA B 523 -28.63 8.51 25.33
CA ALA B 523 -28.13 7.37 26.14
C ALA B 523 -26.61 7.44 26.26
N PRO B 524 -26.04 6.97 27.39
CA PRO B 524 -24.59 6.98 27.57
C PRO B 524 -23.90 6.03 26.58
N VAL B 525 -22.68 6.36 26.18
CA VAL B 525 -21.90 5.52 25.21
C VAL B 525 -21.13 4.45 25.99
N THR B 526 -21.25 3.19 25.57
CA THR B 526 -20.53 2.06 26.23
C THR B 526 -19.19 1.83 25.53
N THR C 13 -2.72 30.05 -13.52
CA THR C 13 -2.33 30.65 -14.83
C THR C 13 -0.96 30.11 -15.24
N PRO C 14 -0.79 29.57 -16.46
CA PRO C 14 0.48 29.01 -16.90
C PRO C 14 1.45 29.99 -17.59
N THR C 15 2.64 30.15 -16.99
CA THR C 15 3.72 31.04 -17.51
C THR C 15 4.56 30.23 -18.52
N ALA C 16 4.69 30.73 -19.75
CA ALA C 16 5.46 30.04 -20.82
C ALA C 16 6.96 30.21 -20.60
N PHE C 17 7.73 29.13 -20.77
CA PHE C 17 9.21 29.18 -20.58
C PHE C 17 9.93 28.32 -21.62
N TYR C 18 11.20 28.66 -21.86
CA TYR C 18 12.13 27.89 -22.74
C TYR C 18 13.46 27.84 -21.97
N ILE C 19 14.29 26.82 -22.20
CA ILE C 19 15.58 26.75 -21.45
C ILE C 19 16.77 26.74 -22.44
N LYS C 20 17.59 27.79 -22.37
CA LYS C 20 18.81 27.99 -23.19
C LYS C 20 20.01 27.63 -22.31
N VAL C 21 20.67 26.52 -22.61
CA VAL C 21 21.82 26.01 -21.80
C VAL C 21 23.00 27.00 -21.84
N HIS C 22 23.61 27.19 -23.02
CA HIS C 22 24.80 28.08 -23.11
C HIS C 22 24.41 29.42 -23.74
N ASP C 23 25.20 30.46 -23.45
CA ASP C 23 25.02 31.87 -23.91
C ASP C 23 25.04 31.96 -25.44
N THR C 24 25.97 31.26 -26.10
CA THR C 24 26.13 31.32 -27.59
C THR C 24 25.10 30.45 -28.33
N ASP C 25 24.21 29.77 -27.61
CA ASP C 25 23.20 28.90 -28.30
C ASP C 25 22.24 29.74 -29.15
N ASN C 26 21.70 29.13 -30.20
CA ASN C 26 20.73 29.77 -31.13
C ASN C 26 19.44 28.93 -31.11
N VAL C 27 19.36 27.97 -30.18
CA VAL C 27 18.16 27.11 -30.02
C VAL C 27 17.91 26.92 -28.53
N ALA C 28 16.65 26.67 -28.16
CA ALA C 28 16.25 26.45 -26.76
C ALA C 28 15.22 25.32 -26.72
N ILE C 29 14.88 24.83 -25.52
CA ILE C 29 13.89 23.72 -25.39
C ILE C 29 12.64 24.26 -24.69
N ILE C 30 11.47 23.83 -25.17
CA ILE C 30 10.15 24.23 -24.59
C ILE C 30 9.92 23.40 -23.33
N VAL C 31 9.52 24.04 -22.23
CA VAL C 31 9.35 23.41 -20.90
C VAL C 31 7.89 23.02 -20.64
N ASN C 32 6.98 23.96 -20.89
CA ASN C 32 5.53 23.75 -20.57
C ASN C 32 5.03 22.41 -21.11
N ASP C 33 4.33 21.67 -20.25
CA ASP C 33 3.73 20.36 -20.62
C ASP C 33 2.70 20.66 -21.72
N ASN C 34 2.58 19.77 -22.72
CA ASN C 34 1.63 19.98 -23.85
C ASN C 34 2.23 20.99 -24.85
N GLY C 35 3.36 21.61 -24.49
CA GLY C 35 4.05 22.57 -25.39
C GLY C 35 3.42 23.94 -25.36
N LEU C 36 3.85 24.82 -26.27
CA LEU C 36 3.33 26.21 -26.37
C LEU C 36 2.69 26.42 -27.75
N LYS C 37 1.52 27.05 -27.77
CA LYS C 37 0.76 27.32 -29.03
C LYS C 37 1.34 28.55 -29.74
N ALA C 38 1.02 28.73 -31.02
CA ALA C 38 1.51 29.91 -31.79
C ALA C 38 0.96 31.18 -31.14
N GLY C 39 1.75 32.27 -31.13
CA GLY C 39 1.34 33.52 -30.49
C GLY C 39 2.04 33.74 -29.16
N THR C 40 2.42 32.64 -28.48
CA THR C 40 3.13 32.70 -27.18
C THR C 40 4.35 33.61 -27.31
N ARG C 41 4.48 34.57 -26.39
CA ARG C 41 5.61 35.53 -26.38
C ARG C 41 6.49 35.25 -25.15
N PHE C 42 7.74 35.70 -25.20
CA PHE C 42 8.71 35.49 -24.09
C PHE C 42 9.26 36.84 -23.65
N PRO C 43 9.89 36.94 -22.47
CA PRO C 43 10.44 38.21 -21.97
C PRO C 43 11.39 38.94 -22.94
N ASP C 44 12.37 38.22 -23.51
CA ASP C 44 13.36 38.82 -24.44
C ASP C 44 12.66 39.49 -25.63
N GLY C 45 11.50 38.97 -26.07
CA GLY C 45 10.74 39.54 -27.19
C GLY C 45 10.42 38.55 -28.30
N LEU C 46 10.93 37.32 -28.20
CA LEU C 46 10.67 36.26 -29.21
C LEU C 46 9.19 35.89 -29.22
N GLU C 47 8.74 35.25 -30.31
CA GLU C 47 7.32 34.81 -30.46
C GLU C 47 7.30 33.56 -31.34
N LEU C 48 6.58 32.52 -30.92
CA LEU C 48 6.51 31.26 -31.72
C LEU C 48 5.60 31.51 -32.92
N ILE C 49 5.94 30.92 -34.07
CA ILE C 49 5.15 31.08 -35.33
C ILE C 49 4.22 29.88 -35.48
N GLU C 50 4.49 28.80 -34.76
CA GLU C 50 3.69 27.55 -34.82
C GLU C 50 3.70 26.86 -33.45
N HIS C 51 2.92 25.79 -33.29
CA HIS C 51 2.89 25.04 -32.01
C HIS C 51 4.16 24.21 -31.90
N ILE C 52 4.79 24.20 -30.72
CA ILE C 52 6.05 23.41 -30.51
C ILE C 52 5.86 22.56 -29.26
N PRO C 53 5.98 21.20 -29.36
CA PRO C 53 5.81 20.33 -28.20
C PRO C 53 6.94 20.51 -27.16
N GLN C 54 6.74 19.98 -25.94
CA GLN C 54 7.80 20.14 -24.91
C GLN C 54 8.96 19.22 -25.27
N GLY C 55 10.18 19.66 -24.96
CA GLY C 55 11.40 18.86 -25.24
C GLY C 55 11.98 19.15 -26.61
N HIS C 56 11.15 19.68 -27.52
CA HIS C 56 11.64 19.98 -28.89
C HIS C 56 12.31 21.37 -28.89
N LYS C 57 13.22 21.57 -29.86
CA LYS C 57 13.97 22.83 -30.01
C LYS C 57 13.17 23.90 -30.77
N VAL C 58 13.46 25.17 -30.46
CA VAL C 58 12.84 26.37 -31.09
C VAL C 58 14.00 27.27 -31.52
N ALA C 59 13.91 27.86 -32.71
CA ALA C 59 14.99 28.75 -33.20
C ALA C 59 14.86 30.12 -32.53
N LEU C 60 15.95 30.60 -31.92
CA LEU C 60 15.96 31.91 -31.22
C LEU C 60 16.14 33.06 -32.22
N LEU C 61 16.85 32.78 -33.33
CA LEU C 61 17.07 33.78 -34.41
C LEU C 61 16.96 33.09 -35.75
N ASP C 62 16.83 33.86 -36.84
CA ASP C 62 16.74 33.30 -38.22
C ASP C 62 18.07 32.60 -38.53
N ILE C 63 18.03 31.30 -38.78
CA ILE C 63 19.25 30.52 -39.14
C ILE C 63 19.26 30.25 -40.64
N PRO C 64 20.35 30.59 -41.36
CA PRO C 64 20.43 30.36 -42.80
C PRO C 64 20.71 28.90 -43.19
N ALA C 65 20.60 28.60 -44.48
CA ALA C 65 20.84 27.24 -45.02
C ALA C 65 22.29 26.82 -44.72
N ASN C 66 22.49 25.56 -44.33
CA ASN C 66 23.84 25.02 -44.00
C ASN C 66 24.40 25.80 -42.81
N GLY C 67 23.54 26.55 -42.11
CA GLY C 67 23.96 27.35 -40.95
C GLY C 67 24.15 26.46 -39.72
N GLU C 68 25.10 26.82 -38.86
CA GLU C 68 25.40 26.04 -37.64
C GLU C 68 24.22 26.05 -36.66
N ILE C 69 23.95 24.90 -36.03
CA ILE C 69 22.91 24.75 -34.98
C ILE C 69 23.72 24.59 -33.70
N ILE C 70 23.65 25.57 -32.80
CA ILE C 70 24.48 25.56 -31.55
C ILE C 70 23.62 25.30 -30.30
N ARG C 71 24.05 24.32 -29.50
CA ARG C 71 23.39 23.97 -28.21
C ARG C 71 24.49 23.42 -27.29
N TYR C 72 24.50 23.86 -26.04
CA TYR C 72 25.54 23.47 -25.04
C TYR C 72 26.86 24.15 -25.42
N GLY C 73 26.80 25.18 -26.27
CA GLY C 73 27.99 25.93 -26.72
C GLY C 73 28.78 25.18 -27.78
N GLU C 74 28.21 24.13 -28.37
CA GLU C 74 28.91 23.33 -29.42
C GLU C 74 27.98 23.12 -30.62
N VAL C 75 28.57 22.85 -31.79
CA VAL C 75 27.79 22.62 -33.05
C VAL C 75 27.15 21.23 -32.98
N ILE C 76 25.82 21.15 -32.97
CA ILE C 76 25.10 19.84 -32.90
C ILE C 76 24.65 19.44 -34.30
N GLY C 77 24.81 20.33 -35.29
CA GLY C 77 24.40 19.99 -36.67
C GLY C 77 24.32 21.22 -37.56
N TYR C 78 23.73 21.06 -38.75
CA TYR C 78 23.58 22.16 -39.74
C TYR C 78 22.15 22.13 -40.28
N ALA C 79 21.59 23.30 -40.60
CA ALA C 79 20.20 23.40 -41.11
C ALA C 79 20.13 22.91 -42.56
N VAL C 80 19.16 22.04 -42.86
CA VAL C 80 18.94 21.49 -44.24
C VAL C 80 18.39 22.63 -45.11
N ARG C 81 17.60 23.51 -44.51
CA ARG C 81 16.96 24.65 -45.21
C ARG C 81 16.95 25.84 -44.25
N ALA C 82 16.72 27.06 -44.78
CA ALA C 82 16.67 28.27 -43.93
C ALA C 82 15.55 28.10 -42.88
N ILE C 83 15.90 28.21 -41.59
CA ILE C 83 14.91 28.05 -40.47
C ILE C 83 14.56 29.44 -39.93
N PRO C 84 13.28 29.86 -39.97
CA PRO C 84 12.88 31.15 -39.44
C PRO C 84 12.83 31.14 -37.90
N ARG C 85 12.84 32.32 -37.27
CA ARG C 85 12.84 32.40 -35.78
C ARG C 85 11.48 31.93 -35.23
N GLY C 86 11.49 31.45 -33.99
CA GLY C 86 10.29 30.96 -33.29
C GLY C 86 9.66 29.78 -34.01
N SER C 87 10.45 28.99 -34.74
CA SER C 87 9.93 27.82 -35.50
C SER C 87 10.43 26.53 -34.85
N TRP C 88 9.67 25.45 -35.02
CA TRP C 88 9.99 24.12 -34.45
C TRP C 88 11.04 23.41 -35.31
N ILE C 89 12.20 23.12 -34.71
CA ILE C 89 13.34 22.42 -35.37
C ILE C 89 13.22 20.92 -35.06
N ASP C 90 12.76 20.12 -36.04
CA ASP C 90 12.62 18.65 -35.84
C ASP C 90 13.91 17.98 -36.32
N GLU C 91 14.13 16.72 -35.93
CA GLU C 91 15.35 15.95 -36.29
C GLU C 91 15.52 15.84 -37.81
N SER C 92 14.48 16.14 -38.60
CA SER C 92 14.59 16.04 -40.08
C SER C 92 15.09 17.34 -40.70
N MSE C 93 15.25 18.38 -39.88
CA MSE C 93 15.71 19.68 -40.37
C MSE C 93 17.19 19.89 -40.04
O MSE C 93 17.74 20.93 -40.39
CB MSE C 93 14.90 20.81 -39.73
CG MSE C 93 13.58 21.12 -40.42
SE MSE C 93 12.39 22.07 -39.17
CE MSE C 93 12.55 24.01 -39.37
N VAL C 94 17.83 18.91 -39.40
CA VAL C 94 19.23 19.06 -39.03
C VAL C 94 20.07 17.95 -39.69
N VAL C 95 21.35 18.25 -39.98
CA VAL C 95 22.30 17.26 -40.58
C VAL C 95 23.43 17.05 -39.56
N LEU C 96 23.61 15.82 -39.08
CA LEU C 96 24.65 15.52 -38.07
C LEU C 96 26.04 15.83 -38.62
N PRO C 97 26.93 16.42 -37.80
CA PRO C 97 28.28 16.76 -38.23
C PRO C 97 29.17 15.51 -38.11
N GLU C 98 29.89 15.16 -39.17
CA GLU C 98 30.79 13.97 -39.16
C GLU C 98 31.72 14.03 -37.93
N ALA C 99 31.72 12.96 -37.13
CA ALA C 99 32.58 12.92 -35.92
C ALA C 99 34.04 12.80 -36.35
N PRO C 100 34.97 13.52 -35.69
CA PRO C 100 36.39 13.44 -36.06
C PRO C 100 37.03 12.15 -35.53
N PRO C 101 38.10 11.62 -36.19
CA PRO C 101 38.77 10.41 -35.72
C PRO C 101 39.28 10.57 -34.28
N LEU C 102 39.51 9.46 -33.59
CA LEU C 102 40.00 9.46 -32.18
C LEU C 102 41.47 9.91 -32.10
N HIS C 103 42.30 9.55 -33.10
CA HIS C 103 43.75 9.91 -33.03
C HIS C 103 43.97 11.41 -33.26
N THR C 104 42.92 12.15 -33.63
CA THR C 104 43.04 13.61 -33.91
C THR C 104 42.43 14.44 -32.76
N LEU C 105 42.00 13.81 -31.68
CA LEU C 105 41.37 14.56 -30.56
C LEU C 105 42.44 15.11 -29.63
N PRO C 106 42.33 16.39 -29.20
CA PRO C 106 43.31 16.99 -28.30
C PRO C 106 43.26 16.35 -26.89
N LEU C 107 44.44 16.09 -26.30
CA LEU C 107 44.54 15.46 -24.96
C LEU C 107 45.16 16.45 -23.96
N ALA C 108 44.49 16.66 -22.81
CA ALA C 108 44.96 17.55 -21.73
C ALA C 108 45.25 18.97 -22.24
N THR C 109 44.52 19.43 -23.26
CA THR C 109 44.76 20.79 -23.82
C THR C 109 44.11 21.87 -22.94
N LYS C 110 43.22 21.49 -22.02
CA LYS C 110 42.59 22.51 -21.13
C LYS C 110 42.19 21.89 -19.79
N VAL C 111 43.20 21.67 -18.95
CA VAL C 111 43.01 21.13 -17.56
C VAL C 111 42.70 22.34 -16.69
N PRO C 112 41.51 22.41 -16.05
CA PRO C 112 41.16 23.55 -15.21
C PRO C 112 42.00 23.63 -13.93
N GLU C 113 42.18 24.85 -13.40
CA GLU C 113 42.94 25.02 -12.13
C GLU C 113 42.08 24.41 -11.01
N PRO C 114 42.64 23.55 -10.14
CA PRO C 114 41.85 22.95 -9.06
C PRO C 114 41.17 24.04 -8.22
N LEU C 115 39.86 23.87 -7.97
CA LEU C 115 39.06 24.85 -7.20
C LEU C 115 39.44 24.81 -5.73
N PRO C 116 39.18 25.88 -4.95
CA PRO C 116 39.51 25.88 -3.53
C PRO C 116 38.82 24.70 -2.83
N PRO C 117 39.54 23.96 -1.95
CA PRO C 117 38.95 22.80 -1.28
C PRO C 117 37.85 23.14 -0.25
N LEU C 118 36.91 22.21 -0.07
CA LEU C 118 35.83 22.32 0.94
C LEU C 118 36.24 21.46 2.14
N GLU C 119 36.30 22.07 3.32
CA GLU C 119 36.75 21.34 4.53
C GLU C 119 35.60 21.29 5.55
N GLY C 120 35.66 20.31 6.46
CA GLY C 120 34.68 20.19 7.55
C GLY C 120 33.48 19.32 7.24
N TYR C 121 33.23 18.97 5.96
CA TYR C 121 32.03 18.15 5.68
C TYR C 121 32.33 16.71 6.10
N THR C 122 31.35 16.07 6.75
CA THR C 122 31.50 14.68 7.26
C THR C 122 30.24 13.86 7.01
N PHE C 123 30.28 12.58 7.36
CA PHE C 123 29.12 11.68 7.27
C PHE C 123 29.38 10.52 8.23
N GLU C 124 28.33 9.98 8.85
CA GLU C 124 28.50 8.85 9.80
C GLU C 124 28.63 7.57 8.96
N GLY C 125 29.82 6.95 8.96
CA GLY C 125 30.04 5.73 8.19
C GLY C 125 30.68 4.63 9.03
N TYR C 126 30.84 3.44 8.44
CA TYR C 126 31.44 2.27 9.10
C TYR C 126 32.90 2.12 8.67
N ARG C 127 33.84 2.44 9.56
CA ARG C 127 35.29 2.31 9.22
C ARG C 127 35.66 0.83 9.09
N ASN C 128 36.42 0.50 8.04
CA ASN C 128 36.88 -0.89 7.79
C ASN C 128 38.36 -1.00 8.17
N ALA C 129 38.86 -2.22 8.28
CA ALA C 129 40.28 -2.47 8.65
C ALA C 129 41.24 -1.92 7.59
N ASP C 130 40.81 -1.86 6.33
CA ASP C 130 41.67 -1.38 5.20
C ASP C 130 41.64 0.16 5.08
N GLY C 131 40.87 0.85 5.94
CA GLY C 131 40.80 2.33 5.89
C GLY C 131 39.60 2.86 5.14
N SER C 132 38.94 2.03 4.32
CA SER C 132 37.75 2.48 3.56
C SER C 132 36.59 2.73 4.54
N VAL C 133 35.57 3.46 4.08
CA VAL C 133 34.36 3.74 4.91
C VAL C 133 33.11 3.33 4.14
N GLY C 134 32.28 2.49 4.77
CA GLY C 134 31.03 2.02 4.14
C GLY C 134 29.86 2.89 4.52
N THR C 135 28.86 2.98 3.62
CA THR C 135 27.63 3.76 3.86
C THR C 135 26.55 2.81 4.34
N LYS C 136 26.79 1.51 4.20
CA LYS C 136 25.82 0.46 4.65
C LYS C 136 26.58 -0.68 5.31
N ASN C 137 25.89 -1.47 6.12
CA ASN C 137 26.48 -2.63 6.86
C ASN C 137 25.82 -3.88 6.27
N LEU C 138 26.46 -4.46 5.25
CA LEU C 138 25.91 -5.63 4.53
C LEU C 138 26.71 -6.90 4.79
N LEU C 139 26.04 -8.02 4.52
CA LEU C 139 26.64 -9.38 4.60
C LEU C 139 26.85 -9.84 3.16
N GLY C 140 28.11 -10.08 2.78
CA GLY C 140 28.42 -10.54 1.41
C GLY C 140 28.64 -12.03 1.42
N ILE C 141 28.03 -12.75 0.47
CA ILE C 141 28.22 -14.23 0.40
C ILE C 141 28.67 -14.58 -1.01
N THR C 142 29.79 -15.28 -1.14
CA THR C 142 30.34 -15.64 -2.47
C THR C 142 30.81 -17.10 -2.43
N THR C 143 31.50 -17.54 -3.47
CA THR C 143 31.96 -18.96 -3.57
C THR C 143 33.14 -19.03 -4.55
N SER C 144 34.05 -19.99 -4.35
CA SER C 144 35.22 -20.17 -5.26
C SER C 144 34.69 -20.45 -6.67
N VAL C 145 35.41 -20.01 -7.70
CA VAL C 145 35.00 -20.20 -9.13
C VAL C 145 34.98 -21.70 -9.49
N HIS C 146 35.69 -22.55 -8.74
CA HIS C 146 35.73 -24.00 -9.06
C HIS C 146 34.59 -24.77 -8.38
N CYS C 147 33.79 -24.11 -7.55
CA CYS C 147 32.65 -24.80 -6.86
C CYS C 147 31.37 -24.68 -7.73
N VAL C 148 30.36 -25.49 -7.41
CA VAL C 148 29.07 -25.50 -8.16
C VAL C 148 28.30 -24.21 -7.85
N ALA C 149 27.54 -23.70 -8.83
CA ALA C 149 26.76 -22.45 -8.66
C ALA C 149 25.31 -22.78 -8.26
N GLY C 150 24.64 -21.82 -7.61
CA GLY C 150 23.23 -22.00 -7.18
C GLY C 150 23.10 -22.09 -5.67
N VAL C 151 24.18 -22.42 -4.96
CA VAL C 151 24.15 -22.55 -3.47
C VAL C 151 24.01 -21.17 -2.84
N VAL C 152 24.73 -20.17 -3.36
CA VAL C 152 24.69 -18.79 -2.80
C VAL C 152 23.27 -18.21 -2.85
N ASP C 153 22.59 -18.29 -4.00
CA ASP C 153 21.22 -17.71 -4.11
C ASP C 153 20.27 -18.42 -3.14
N TYR C 154 20.41 -19.73 -2.99
CA TYR C 154 19.52 -20.51 -2.09
C TYR C 154 19.73 -20.07 -0.62
N VAL C 155 20.98 -20.04 -0.18
CA VAL C 155 21.36 -19.67 1.21
C VAL C 155 20.97 -18.22 1.53
N VAL C 156 21.25 -17.30 0.60
CA VAL C 156 20.92 -15.86 0.81
C VAL C 156 19.42 -15.69 1.05
N LYS C 157 18.59 -16.40 0.28
CA LYS C 157 17.12 -16.28 0.42
C LYS C 157 16.70 -16.77 1.82
N ILE C 158 17.27 -17.88 2.30
CA ILE C 158 16.92 -18.41 3.64
C ILE C 158 17.42 -17.46 4.74
N ILE C 159 18.59 -16.86 4.55
CA ILE C 159 19.15 -15.90 5.57
C ILE C 159 18.26 -14.65 5.64
N GLU C 160 17.75 -14.18 4.49
CA GLU C 160 16.91 -12.95 4.48
C GLU C 160 15.60 -13.13 5.25
N ARG C 161 14.96 -14.30 5.18
CA ARG C 161 13.65 -14.41 5.88
C ARG C 161 13.78 -15.02 7.29
N ASP C 162 14.82 -15.83 7.56
CA ASP C 162 14.92 -16.49 8.89
C ASP C 162 15.91 -15.80 9.85
N LEU C 163 16.97 -15.16 9.37
CA LEU C 163 17.97 -14.58 10.31
C LEU C 163 18.01 -13.05 10.28
N LEU C 164 18.10 -12.45 9.08
CA LEU C 164 18.22 -10.98 8.92
C LEU C 164 17.27 -10.21 9.85
N PRO C 165 15.97 -10.57 9.97
CA PRO C 165 15.06 -9.82 10.84
C PRO C 165 15.52 -9.73 12.31
N LYS C 166 16.33 -10.68 12.78
CA LYS C 166 16.83 -10.71 14.17
C LYS C 166 18.04 -9.77 14.36
N TYR C 167 18.60 -9.22 13.27
CA TYR C 167 19.79 -8.32 13.36
C TYR C 167 19.49 -6.99 12.67
N PRO C 168 18.75 -6.09 13.35
CA PRO C 168 18.33 -4.82 12.76
C PRO C 168 19.43 -3.86 12.29
N ASN C 169 20.63 -3.93 12.88
CA ASN C 169 21.76 -3.04 12.51
C ASN C 169 22.37 -3.48 11.18
N VAL C 170 21.96 -4.64 10.66
CA VAL C 170 22.47 -5.17 9.37
C VAL C 170 21.49 -4.69 8.29
N ASP C 171 22.00 -3.94 7.33
CA ASP C 171 21.15 -3.35 6.26
C ASP C 171 20.62 -4.45 5.32
N GLY C 172 21.39 -5.51 5.12
CA GLY C 172 20.92 -6.59 4.22
C GLY C 172 22.01 -7.59 3.87
N VAL C 173 21.65 -8.58 3.03
CA VAL C 173 22.59 -9.64 2.59
C VAL C 173 22.60 -9.65 1.06
N VAL C 174 23.79 -9.77 0.46
CA VAL C 174 23.95 -9.78 -1.02
C VAL C 174 24.73 -11.02 -1.43
N GLY C 175 24.24 -11.73 -2.44
CA GLY C 175 24.92 -12.92 -3.01
C GLY C 175 25.75 -12.52 -4.21
N LEU C 176 27.00 -12.96 -4.26
CA LEU C 176 27.95 -12.65 -5.37
C LEU C 176 28.23 -13.96 -6.14
N ASN C 177 27.54 -14.17 -7.26
CA ASN C 177 27.70 -15.38 -8.10
C ASN C 177 28.77 -15.15 -9.18
N HIS C 178 29.63 -16.15 -9.42
CA HIS C 178 30.78 -16.01 -10.35
C HIS C 178 30.37 -16.33 -11.80
N LEU C 179 29.15 -16.82 -12.01
CA LEU C 179 28.69 -17.15 -13.39
C LEU C 179 28.15 -15.86 -14.05
N PRO C 189 40.30 -17.60 -18.75
CA PRO C 189 41.42 -17.37 -19.68
C PRO C 189 41.32 -16.05 -20.47
N ALA C 190 40.12 -15.74 -20.98
CA ALA C 190 39.90 -14.48 -21.75
C ALA C 190 38.70 -13.73 -21.17
N ALA C 191 37.91 -14.40 -20.31
CA ALA C 191 36.74 -13.77 -19.66
C ALA C 191 37.22 -13.15 -18.33
N VAL C 192 38.12 -12.18 -18.46
CA VAL C 192 38.76 -11.50 -17.28
C VAL C 192 37.81 -10.46 -16.68
N VAL C 193 36.91 -9.88 -17.49
CA VAL C 193 35.96 -8.83 -17.00
C VAL C 193 35.07 -9.37 -15.89
N PRO C 194 34.31 -10.47 -16.09
CA PRO C 194 33.44 -11.01 -15.03
C PRO C 194 34.15 -11.47 -13.74
N ILE C 195 35.35 -12.06 -13.86
CA ILE C 195 36.11 -12.53 -12.67
C ILE C 195 36.56 -11.32 -11.85
N ARG C 196 37.22 -10.36 -12.52
CA ARG C 196 37.74 -9.12 -11.90
C ARG C 196 36.58 -8.36 -11.23
N THR C 197 35.41 -8.33 -11.87
CA THR C 197 34.22 -7.63 -11.34
C THR C 197 33.75 -8.27 -10.03
N ILE C 198 33.61 -9.60 -10.00
CA ILE C 198 33.12 -10.30 -8.77
C ILE C 198 34.14 -10.17 -7.63
N HIS C 199 35.44 -10.26 -7.94
CA HIS C 199 36.46 -10.13 -6.87
C HIS C 199 36.46 -8.71 -6.29
N ASN C 200 36.36 -7.70 -7.14
CA ASN C 200 36.38 -6.28 -6.67
C ASN C 200 35.09 -5.93 -5.92
N ILE C 201 33.95 -6.57 -6.24
CA ILE C 201 32.68 -6.27 -5.52
C ILE C 201 32.86 -6.67 -4.05
N SER C 202 33.56 -7.77 -3.79
CA SER C 202 33.77 -8.23 -2.38
C SER C 202 34.70 -7.25 -1.64
N LEU C 203 35.39 -6.36 -2.36
CA LEU C 203 36.30 -5.35 -1.73
C LEU C 203 35.53 -4.04 -1.50
N ASN C 204 34.27 -3.99 -1.91
CA ASN C 204 33.45 -2.76 -1.72
C ASN C 204 33.36 -2.51 -0.21
N PRO C 205 33.48 -1.24 0.25
CA PRO C 205 33.44 -0.94 1.68
C PRO C 205 32.15 -1.32 2.41
N ASN C 206 31.02 -1.38 1.69
CA ASN C 206 29.71 -1.70 2.32
C ASN C 206 29.67 -3.17 2.78
N PHE C 207 30.68 -3.99 2.43
CA PHE C 207 30.70 -5.39 2.91
C PHE C 207 31.56 -5.50 4.19
N GLY C 208 32.23 -4.41 4.57
CA GLY C 208 33.00 -4.36 5.83
C GLY C 208 34.24 -5.20 5.85
N GLY C 209 34.77 -5.57 4.68
CA GLY C 209 36.01 -6.37 4.62
C GLY C 209 35.86 -7.76 5.22
N GLU C 210 34.64 -8.34 5.21
CA GLU C 210 34.44 -9.69 5.78
C GLU C 210 33.33 -10.44 5.04
N VAL C 211 33.57 -10.74 3.76
CA VAL C 211 32.59 -11.49 2.91
C VAL C 211 32.72 -12.97 3.26
N MSE C 212 31.59 -13.68 3.22
CA MSE C 212 31.56 -15.10 3.51
C MSE C 212 31.87 -15.86 2.24
O MSE C 212 31.35 -15.53 1.18
CB MSE C 212 30.16 -15.48 4.02
CG MSE C 212 30.14 -16.30 5.27
SE MSE C 212 28.33 -16.92 5.63
CE MSE C 212 27.17 -15.37 5.75
N VAL C 213 32.73 -16.90 2.35
CA VAL C 213 33.08 -17.71 1.20
C VAL C 213 32.61 -19.14 1.48
N ILE C 214 31.60 -19.62 0.74
CA ILE C 214 31.03 -20.98 0.95
C ILE C 214 31.38 -21.86 -0.25
N GLY C 215 31.55 -23.18 -0.02
CA GLY C 215 31.84 -24.14 -1.09
C GLY C 215 30.55 -24.67 -1.72
N GLU C 249 29.85 -41.41 7.29
CA GLU C 249 30.65 -41.75 6.09
C GLU C 249 30.38 -40.70 5.00
N LYS C 250 29.84 -41.15 3.85
CA LYS C 250 29.51 -40.26 2.70
C LYS C 250 28.02 -39.89 2.77
N HIS C 251 27.47 -39.80 3.99
CA HIS C 251 26.03 -39.47 4.18
C HIS C 251 25.84 -38.13 4.92
N VAL C 252 26.38 -37.04 4.37
CA VAL C 252 26.13 -35.68 4.94
C VAL C 252 24.88 -35.14 4.23
N GLY C 253 24.98 -34.88 2.92
CA GLY C 253 23.84 -34.40 2.14
C GLY C 253 23.86 -32.89 1.95
N PHE C 254 22.94 -32.42 1.11
CA PHE C 254 22.80 -30.97 0.78
C PHE C 254 22.17 -30.21 1.95
N GLN C 255 21.08 -30.71 2.54
CA GLN C 255 20.41 -29.99 3.66
C GLN C 255 21.40 -29.79 4.82
N SER C 256 22.21 -30.80 5.11
CA SER C 256 23.21 -30.74 6.21
C SER C 256 24.25 -29.65 5.92
N MSE C 257 24.71 -29.57 4.67
CA MSE C 257 25.69 -28.58 4.26
C MSE C 257 25.14 -27.19 4.52
O MSE C 257 25.82 -26.34 5.11
CB MSE C 257 26.03 -28.80 2.78
CG MSE C 257 27.17 -27.97 2.23
SE MSE C 257 27.19 -27.90 0.24
CE MSE C 257 28.95 -28.48 -0.43
N VAL C 258 23.90 -26.94 4.11
CA VAL C 258 23.25 -25.64 4.27
C VAL C 258 23.11 -25.30 5.75
N GLU C 259 22.70 -26.26 6.59
CA GLU C 259 22.56 -25.99 8.06
C GLU C 259 23.86 -25.44 8.62
N ASP C 260 25.01 -26.01 8.22
CA ASP C 260 26.34 -25.56 8.69
C ASP C 260 26.58 -24.12 8.19
N ILE C 261 26.24 -23.84 6.94
CA ILE C 261 26.42 -22.49 6.34
C ILE C 261 25.56 -21.47 7.12
N LEU C 262 24.33 -21.85 7.47
CA LEU C 262 23.44 -20.92 8.23
C LEU C 262 24.02 -20.63 9.62
N GLN C 263 24.75 -21.58 10.21
CA GLN C 263 25.36 -21.34 11.55
C GLN C 263 26.51 -20.33 11.38
N ILE C 264 27.32 -20.51 10.33
CA ILE C 264 28.45 -19.59 10.04
C ILE C 264 27.85 -18.21 9.72
N ALA C 265 26.74 -18.19 8.98
CA ALA C 265 26.06 -16.93 8.59
C ALA C 265 25.51 -16.21 9.83
N GLU C 266 24.98 -16.95 10.80
CA GLU C 266 24.42 -16.27 12.00
C GLU C 266 25.59 -15.70 12.83
N ARG C 267 26.76 -16.34 12.78
CA ARG C 267 27.94 -15.84 13.53
C ARG C 267 28.38 -14.50 12.92
N HIS C 268 28.37 -14.40 11.58
CA HIS C 268 28.73 -13.14 10.89
C HIS C 268 27.70 -12.05 11.20
N LEU C 269 26.40 -12.37 11.12
CA LEU C 269 25.34 -11.37 11.39
C LEU C 269 25.49 -10.82 12.82
N GLN C 270 25.72 -11.68 13.81
CA GLN C 270 25.89 -11.24 15.22
C GLN C 270 27.05 -10.22 15.31
N LYS C 271 28.14 -10.47 14.60
CA LYS C 271 29.32 -9.57 14.64
C LYS C 271 29.02 -8.26 13.89
N LEU C 272 28.38 -8.32 12.72
CA LEU C 272 28.04 -7.09 11.95
C LEU C 272 26.99 -6.25 12.70
N ASN C 273 26.10 -6.91 13.43
CA ASN C 273 25.01 -6.22 14.18
C ASN C 273 25.60 -5.35 15.30
N GLN C 274 26.85 -5.60 15.69
CA GLN C 274 27.50 -4.83 16.79
C GLN C 274 28.33 -3.66 16.24
N ARG C 275 28.41 -3.50 14.92
CA ARG C 275 29.21 -2.37 14.37
C ARG C 275 28.42 -1.07 14.52
N GLN C 276 29.14 0.06 14.67
CA GLN C 276 28.51 1.40 14.84
C GLN C 276 29.14 2.39 13.84
N ARG C 277 28.39 3.40 13.45
CA ARG C 277 28.91 4.44 12.53
C ARG C 277 29.82 5.40 13.31
N GLU C 278 30.76 6.02 12.63
CA GLU C 278 31.70 6.99 13.23
C GLU C 278 31.79 8.19 12.29
N THR C 279 31.99 9.39 12.85
CA THR C 279 32.12 10.60 11.99
C THR C 279 33.38 10.43 11.12
N CYS C 280 33.21 10.47 9.79
CA CYS C 280 34.33 10.33 8.82
C CYS C 280 34.31 11.53 7.87
N PRO C 281 35.47 11.97 7.34
CA PRO C 281 35.49 13.10 6.41
C PRO C 281 34.79 12.71 5.10
N ALA C 282 34.16 13.69 4.43
CA ALA C 282 33.42 13.43 3.16
C ALA C 282 34.38 12.91 2.08
N SER C 283 35.69 13.07 2.31
CA SER C 283 36.73 12.62 1.35
C SER C 283 36.71 11.09 1.21
N GLU C 284 36.13 10.39 2.18
CA GLU C 284 36.10 8.89 2.15
C GLU C 284 34.91 8.39 1.31
N LEU C 285 34.05 9.29 0.81
CA LEU C 285 32.91 8.86 -0.04
C LEU C 285 33.41 8.51 -1.45
N VAL C 286 32.70 7.62 -2.12
CA VAL C 286 32.98 7.22 -3.53
C VAL C 286 31.61 7.23 -4.21
N VAL C 287 31.33 8.27 -4.99
CA VAL C 287 29.98 8.44 -5.60
C VAL C 287 30.02 8.13 -7.09
N GLY C 288 29.03 7.36 -7.55
CA GLY C 288 28.88 6.99 -8.97
C GLY C 288 27.65 7.68 -9.54
N MSE C 289 27.71 8.05 -10.82
CA MSE C 289 26.59 8.72 -11.47
C MSE C 289 26.26 8.01 -12.78
O MSE C 289 27.16 7.60 -13.49
CB MSE C 289 26.94 10.18 -11.78
CG MSE C 289 27.94 10.83 -10.83
SE MSE C 289 27.09 11.46 -9.17
CE MSE C 289 28.02 13.00 -8.41
N GLN C 290 24.96 7.81 -13.04
CA GLN C 290 24.54 7.24 -14.31
C GLN C 290 23.17 7.82 -14.69
N CYS C 291 22.80 7.66 -15.96
CA CYS C 291 21.48 8.12 -16.50
C CYS C 291 20.59 6.90 -16.70
N GLY C 292 19.28 7.11 -16.59
CA GLY C 292 18.26 6.05 -16.79
C GLY C 292 17.58 6.23 -18.13
N GLY C 293 16.37 6.78 -18.10
CA GLY C 293 15.60 7.04 -19.32
C GLY C 293 15.94 8.40 -19.90
N SER C 294 16.87 8.43 -20.87
CA SER C 294 17.30 9.68 -21.54
C SER C 294 16.08 10.58 -21.79
N ASP C 295 16.19 11.86 -21.44
CA ASP C 295 15.06 12.81 -21.58
C ASP C 295 15.57 14.07 -22.30
N ALA C 296 14.66 14.88 -22.84
CA ALA C 296 15.05 16.13 -23.51
C ALA C 296 15.54 17.16 -22.48
N PHE C 297 15.23 16.94 -21.20
CA PHE C 297 15.62 17.87 -20.10
C PHE C 297 16.79 17.32 -19.30
N SER C 298 17.19 16.07 -19.54
CA SER C 298 18.32 15.47 -18.79
C SER C 298 19.52 16.43 -18.74
N GLY C 299 20.00 16.91 -19.89
CA GLY C 299 21.19 17.78 -19.92
C GLY C 299 20.97 19.23 -19.58
N VAL C 300 19.74 19.64 -19.31
CA VAL C 300 19.49 21.07 -18.96
C VAL C 300 19.07 21.19 -17.50
N THR C 301 18.74 20.08 -16.82
CA THR C 301 18.29 20.15 -15.41
C THR C 301 19.12 19.25 -14.49
N ALA C 302 18.75 17.96 -14.42
CA ALA C 302 19.40 16.98 -13.52
C ALA C 302 20.90 16.84 -13.79
N ASN C 303 21.31 16.60 -15.03
CA ASN C 303 22.75 16.38 -15.36
C ASN C 303 23.62 17.54 -14.88
N PRO C 304 23.37 18.81 -15.29
CA PRO C 304 24.19 19.92 -14.81
C PRO C 304 24.22 19.99 -13.28
N ALA C 305 23.09 19.71 -12.61
CA ALA C 305 23.03 19.74 -11.14
C ALA C 305 23.95 18.65 -10.58
N VAL C 306 23.91 17.45 -11.17
CA VAL C 306 24.77 16.31 -10.74
C VAL C 306 26.23 16.72 -10.95
N GLY C 307 26.51 17.44 -12.03
CA GLY C 307 27.89 17.88 -12.33
C GLY C 307 28.38 18.89 -11.32
N TYR C 308 27.47 19.69 -10.76
CA TYR C 308 27.88 20.70 -9.75
C TYR C 308 28.17 19.94 -8.44
N ALA C 309 27.32 18.98 -8.08
CA ALA C 309 27.54 18.18 -6.86
C ALA C 309 28.83 17.38 -7.05
N SER C 310 29.09 16.97 -8.29
CA SER C 310 30.31 16.18 -8.62
C SER C 310 31.54 17.02 -8.27
N ASP C 311 31.53 18.30 -8.66
CA ASP C 311 32.66 19.22 -8.41
C ASP C 311 32.79 19.48 -6.90
N LEU C 312 31.68 19.54 -6.16
CA LEU C 312 31.75 19.76 -4.70
C LEU C 312 32.45 18.56 -4.04
N LEU C 313 32.09 17.34 -4.47
CA LEU C 313 32.71 16.11 -3.91
C LEU C 313 34.21 16.10 -4.23
N VAL C 314 34.59 16.50 -5.44
CA VAL C 314 36.03 16.52 -5.82
C VAL C 314 36.76 17.49 -4.89
N ARG C 315 36.15 18.63 -4.60
CA ARG C 315 36.74 19.68 -3.72
C ARG C 315 36.87 19.15 -2.29
N CYS C 316 35.98 18.24 -1.88
CA CYS C 316 36.06 17.65 -0.51
C CYS C 316 37.17 16.58 -0.45
N GLY C 317 37.75 16.23 -1.61
CA GLY C 317 38.80 15.20 -1.69
C GLY C 317 38.21 13.81 -1.90
N ALA C 318 36.92 13.73 -2.26
CA ALA C 318 36.23 12.45 -2.49
C ALA C 318 36.50 11.95 -3.92
N THR C 319 35.90 10.81 -4.26
CA THR C 319 36.08 10.19 -5.60
C THR C 319 34.71 10.11 -6.28
N VAL C 320 34.60 10.72 -7.48
CA VAL C 320 33.31 10.69 -8.23
C VAL C 320 33.56 9.89 -9.50
N MSE C 321 32.51 9.22 -9.98
CA MSE C 321 32.62 8.36 -11.15
C MSE C 321 31.47 8.58 -12.13
O MSE C 321 30.32 8.65 -11.72
CB MSE C 321 32.55 6.91 -10.70
CG MSE C 321 33.79 6.11 -10.92
SE MSE C 321 33.51 4.37 -10.07
CE MSE C 321 34.99 4.32 -8.76
N PHE C 322 31.80 8.69 -13.42
CA PHE C 322 30.78 8.77 -14.45
C PHE C 322 31.16 7.68 -15.46
N SER C 323 30.16 6.99 -16.00
CA SER C 323 30.42 5.85 -16.92
C SER C 323 29.61 5.97 -18.20
N GLU C 324 29.11 4.82 -18.69
CA GLU C 324 28.22 4.75 -19.88
C GLU C 324 28.97 5.24 -21.12
N VAL C 325 29.73 4.33 -21.76
CA VAL C 325 30.53 4.64 -22.98
C VAL C 325 29.59 5.01 -24.13
N THR C 326 28.50 4.25 -24.30
CA THR C 326 27.50 4.48 -25.38
C THR C 326 26.85 5.86 -25.25
N GLU C 327 26.75 6.40 -24.02
CA GLU C 327 26.09 7.71 -23.78
C GLU C 327 27.04 8.89 -24.00
N VAL C 328 28.35 8.71 -23.79
CA VAL C 328 29.33 9.84 -23.91
C VAL C 328 30.16 9.74 -25.19
N ARG C 329 30.11 8.60 -25.90
CA ARG C 329 30.91 8.33 -27.12
C ARG C 329 30.89 9.50 -28.13
N ASP C 330 29.72 10.01 -28.49
CA ASP C 330 29.62 11.07 -29.52
C ASP C 330 29.95 12.46 -28.95
N ALA C 331 30.67 12.53 -27.83
CA ALA C 331 31.06 13.82 -27.22
C ALA C 331 32.44 13.71 -26.56
N ILE C 332 33.13 12.60 -26.82
CA ILE C 332 34.49 12.31 -26.28
C ILE C 332 35.44 13.49 -26.56
N HIS C 333 35.20 14.25 -27.63
CA HIS C 333 36.09 15.39 -27.99
C HIS C 333 35.98 16.52 -26.94
N LEU C 334 35.11 16.37 -25.93
CA LEU C 334 34.95 17.41 -24.89
C LEU C 334 35.48 16.87 -23.55
N LEU C 335 35.76 15.57 -23.48
CA LEU C 335 36.28 14.96 -22.23
C LEU C 335 37.80 14.87 -22.32
N THR C 336 38.32 14.52 -23.50
CA THR C 336 39.78 14.36 -23.75
C THR C 336 40.55 15.61 -23.32
N PRO C 337 40.10 16.84 -23.62
CA PRO C 337 40.83 18.04 -23.22
C PRO C 337 40.92 18.23 -21.70
N ARG C 338 40.04 17.55 -20.96
CA ARG C 338 39.99 17.68 -19.47
C ARG C 338 40.87 16.62 -18.80
N ALA C 339 41.53 15.73 -19.56
CA ALA C 339 42.42 14.72 -18.95
C ALA C 339 43.62 15.44 -18.31
N VAL C 340 44.06 15.01 -17.13
CA VAL C 340 45.21 15.68 -16.42
C VAL C 340 46.51 15.51 -17.23
N ASN C 341 46.61 14.45 -18.04
CA ASN C 341 47.86 14.22 -18.83
C ASN C 341 47.52 13.36 -20.06
N GLU C 342 48.48 13.18 -20.98
CA GLU C 342 48.23 12.41 -22.23
C GLU C 342 48.03 10.92 -21.95
N GLU C 343 48.80 10.32 -21.03
CA GLU C 343 48.61 8.87 -20.76
C GLU C 343 47.15 8.61 -20.34
N VAL C 344 46.54 9.53 -19.56
CA VAL C 344 45.13 9.40 -19.12
C VAL C 344 44.22 9.68 -20.32
N GLY C 345 44.66 10.55 -21.23
CA GLY C 345 43.87 10.88 -22.44
C GLY C 345 43.82 9.71 -23.42
N LYS C 346 44.98 9.11 -23.72
CA LYS C 346 45.06 7.95 -24.65
C LYS C 346 44.31 6.77 -24.03
N ARG C 347 44.35 6.68 -22.70
CA ARG C 347 43.69 5.60 -21.92
C ARG C 347 42.17 5.78 -22.07
N LEU C 348 41.73 7.03 -22.26
CA LEU C 348 40.30 7.37 -22.43
C LEU C 348 39.85 6.95 -23.84
N LEU C 349 40.70 7.20 -24.85
CA LEU C 349 40.41 6.82 -26.26
C LEU C 349 40.41 5.29 -26.38
N GLU C 350 41.30 4.63 -25.63
CA GLU C 350 41.44 3.15 -25.64
C GLU C 350 40.11 2.49 -25.25
N GLU C 351 39.39 3.09 -24.30
CA GLU C 351 38.09 2.52 -23.84
C GLU C 351 36.99 2.80 -24.86
N MSE C 352 37.14 3.88 -25.63
CA MSE C 352 36.14 4.23 -26.63
C MSE C 352 36.18 3.23 -27.78
O MSE C 352 35.15 2.71 -28.19
CB MSE C 352 36.36 5.65 -27.15
CG MSE C 352 36.13 6.76 -26.13
SE MSE C 352 34.29 6.82 -25.45
CE MSE C 352 34.40 6.61 -23.51
N GLU C 353 37.39 2.96 -28.30
CA GLU C 353 37.52 2.04 -29.42
C GLU C 353 37.22 0.61 -28.95
N TRP C 354 37.57 0.27 -27.71
CA TRP C 354 37.28 -1.10 -27.20
C TRP C 354 35.77 -1.37 -27.29
N TYR C 355 34.96 -0.35 -26.97
CA TYR C 355 33.49 -0.53 -26.98
C TYR C 355 32.99 -0.50 -28.43
N ASP C 356 33.52 0.40 -29.28
CA ASP C 356 33.12 0.44 -30.72
C ASP C 356 33.35 -0.95 -31.31
N ASN C 357 34.50 -1.55 -30.98
CA ASN C 357 34.89 -2.89 -31.49
C ASN C 357 33.92 -3.95 -30.96
N TYR C 358 33.59 -3.88 -29.67
CA TYR C 358 32.67 -4.84 -29.01
C TYR C 358 31.28 -4.83 -29.66
N LEU C 359 30.83 -3.69 -30.18
CA LEU C 359 29.49 -3.60 -30.82
C LEU C 359 29.54 -4.03 -32.29
N ASN C 360 30.54 -4.82 -32.70
CA ASN C 360 30.68 -5.32 -34.11
C ASN C 360 30.90 -6.85 -34.08
N ALA C 380 17.05 10.38 -31.80
CA ALA C 380 17.22 11.83 -32.11
C ALA C 380 18.69 12.13 -32.43
N ASN C 381 19.13 13.37 -32.19
CA ASN C 381 20.53 13.80 -32.47
C ASN C 381 21.45 13.19 -31.40
N VAL C 382 22.30 12.26 -31.80
CA VAL C 382 23.23 11.54 -30.88
C VAL C 382 24.27 12.50 -30.27
N VAL C 383 24.77 13.48 -31.04
CA VAL C 383 25.78 14.44 -30.50
C VAL C 383 25.13 15.33 -29.43
N GLU C 384 23.89 15.76 -29.70
CA GLU C 384 23.10 16.60 -28.77
C GLU C 384 22.89 15.84 -27.45
N LYS C 385 22.47 14.57 -27.54
CA LYS C 385 22.23 13.73 -26.34
C LYS C 385 23.53 13.55 -25.56
N ALA C 386 24.64 13.27 -26.27
CA ALA C 386 25.95 13.05 -25.62
C ALA C 386 26.39 14.30 -24.83
N LEU C 387 26.17 15.50 -25.38
CA LEU C 387 26.57 16.76 -24.69
C LEU C 387 25.79 16.84 -23.38
N GLY C 388 24.53 16.37 -23.41
CA GLY C 388 23.67 16.39 -22.21
C GLY C 388 24.14 15.41 -21.16
N SER C 389 24.72 14.29 -21.57
CA SER C 389 25.21 13.24 -20.64
C SER C 389 26.50 13.69 -19.94
N ILE C 390 27.47 14.22 -20.70
CA ILE C 390 28.78 14.61 -20.10
C ILE C 390 28.57 15.76 -19.09
N ALA C 391 27.38 16.38 -19.10
CA ALA C 391 27.10 17.47 -18.15
C ALA C 391 27.24 16.95 -16.70
N LYS C 392 27.03 15.64 -16.49
CA LYS C 392 27.14 15.03 -15.14
C LYS C 392 28.60 15.05 -14.66
N SER C 393 29.56 15.18 -15.59
CA SER C 393 31.00 15.15 -15.22
C SER C 393 31.43 16.47 -14.60
N GLY C 394 30.61 17.53 -14.76
CA GLY C 394 30.97 18.83 -14.19
C GLY C 394 32.11 19.48 -14.95
N LYS C 395 33.05 20.12 -14.24
CA LYS C 395 34.18 20.83 -14.89
C LYS C 395 35.54 20.37 -14.34
N SER C 396 35.54 19.49 -13.33
CA SER C 396 36.83 19.02 -12.73
C SER C 396 37.66 18.27 -13.77
N ALA C 397 38.92 18.00 -13.45
CA ALA C 397 39.84 17.27 -14.33
C ALA C 397 39.64 15.76 -14.18
N ILE C 398 39.76 15.00 -15.28
CA ILE C 398 39.65 13.52 -15.24
C ILE C 398 41.04 13.01 -14.85
N VAL C 399 41.18 12.47 -13.63
CA VAL C 399 42.51 12.02 -13.10
C VAL C 399 42.79 10.54 -13.42
N GLU C 400 41.78 9.76 -13.82
CA GLU C 400 42.04 8.33 -14.11
C GLU C 400 40.89 7.73 -14.91
N VAL C 401 41.20 6.73 -15.76
CA VAL C 401 40.21 5.99 -16.59
C VAL C 401 40.24 4.53 -16.15
N LEU C 402 39.08 3.91 -15.94
CA LEU C 402 39.05 2.49 -15.51
C LEU C 402 38.39 1.61 -16.58
N SER C 403 38.78 0.34 -16.62
CA SER C 403 38.16 -0.65 -17.54
C SER C 403 37.04 -1.31 -16.74
N PRO C 404 36.02 -1.92 -17.40
CA PRO C 404 34.91 -2.52 -16.69
C PRO C 404 35.30 -3.38 -15.47
N GLY C 405 34.96 -2.92 -14.26
CA GLY C 405 35.22 -3.68 -13.02
C GLY C 405 36.53 -3.34 -12.31
N GLN C 406 37.33 -2.40 -12.82
CA GLN C 406 38.61 -2.05 -12.13
C GLN C 406 38.35 -1.09 -10.96
N ARG C 407 39.30 -1.01 -10.02
CA ARG C 407 39.17 -0.09 -8.85
C ARG C 407 40.15 1.07 -9.03
N PRO C 408 39.78 2.31 -8.65
CA PRO C 408 40.66 3.46 -8.81
C PRO C 408 41.87 3.44 -7.85
N THR C 409 42.94 4.14 -8.22
CA THR C 409 44.15 4.24 -7.37
C THR C 409 44.36 5.72 -7.03
N LYS C 410 43.58 6.61 -7.65
CA LYS C 410 43.68 8.08 -7.44
C LYS C 410 42.33 8.63 -6.97
N ARG C 411 42.35 9.83 -6.37
CA ARG C 411 41.10 10.48 -5.90
C ARG C 411 40.77 11.66 -6.82
N GLY C 412 39.48 11.93 -7.02
CA GLY C 412 38.98 13.02 -7.89
C GLY C 412 37.95 12.48 -8.88
N LEU C 413 37.76 13.17 -9.99
CA LEU C 413 36.80 12.72 -11.04
C LEU C 413 37.42 11.56 -11.82
N ILE C 414 36.77 10.40 -11.79
CA ILE C 414 37.28 9.17 -12.49
C ILE C 414 36.30 8.78 -13.61
N TYR C 415 36.82 8.32 -14.74
CA TYR C 415 35.92 7.81 -15.80
C TYR C 415 35.98 6.29 -15.78
N ALA C 416 34.88 5.65 -15.38
CA ALA C 416 34.80 4.17 -15.30
C ALA C 416 34.00 3.66 -16.50
N ALA C 417 34.67 3.11 -17.50
CA ALA C 417 33.96 2.61 -18.70
C ALA C 417 33.01 1.47 -18.32
N THR C 418 31.75 1.57 -18.74
CA THR C 418 30.72 0.54 -18.46
C THR C 418 29.60 0.65 -19.48
N PRO C 419 28.79 -0.40 -19.69
CA PRO C 419 27.63 -0.30 -20.57
C PRO C 419 26.61 0.68 -19.99
N ALA C 420 25.73 1.24 -20.82
CA ALA C 420 24.71 2.19 -20.35
C ALA C 420 23.58 1.43 -19.63
N SER C 421 23.40 0.15 -19.97
CA SER C 421 22.35 -0.72 -19.36
C SER C 421 22.40 -0.54 -17.83
N ASP C 422 21.36 0.10 -17.29
CA ASP C 422 21.19 0.51 -15.86
C ASP C 422 21.67 -0.53 -14.84
N PHE C 423 21.14 -1.76 -14.86
CA PHE C 423 21.54 -2.74 -13.81
C PHE C 423 23.00 -3.16 -14.00
N VAL C 424 23.47 -3.25 -15.24
CA VAL C 424 24.90 -3.63 -15.48
C VAL C 424 25.81 -2.47 -15.02
N CYS C 425 25.48 -1.23 -15.40
CA CYS C 425 26.30 -0.05 -15.02
C CYS C 425 26.43 -0.01 -13.50
N GLY C 426 25.31 -0.13 -12.80
CA GLY C 426 25.30 -0.12 -11.32
C GLY C 426 26.19 -1.21 -10.76
N THR C 427 26.06 -2.43 -11.28
CA THR C 427 26.87 -3.58 -10.80
C THR C 427 28.36 -3.28 -11.01
N GLN C 428 28.71 -2.71 -12.17
CA GLN C 428 30.13 -2.40 -12.50
C GLN C 428 30.63 -1.26 -11.61
N GLN C 429 29.80 -0.24 -11.34
CA GLN C 429 30.26 0.88 -10.48
C GLN C 429 30.46 0.37 -9.05
N VAL C 430 29.57 -0.53 -8.60
CA VAL C 430 29.69 -1.12 -7.23
C VAL C 430 31.00 -1.90 -7.17
N ALA C 431 31.36 -2.54 -8.30
CA ALA C 431 32.62 -3.32 -8.38
C ALA C 431 33.81 -2.34 -8.27
N SER C 432 33.66 -1.14 -8.86
CA SER C 432 34.72 -0.12 -8.83
C SER C 432 34.86 0.48 -7.42
N GLY C 433 33.89 0.22 -6.53
CA GLY C 433 33.97 0.68 -5.13
C GLY C 433 33.06 1.83 -4.75
N ILE C 434 32.04 2.17 -5.55
CA ILE C 434 31.16 3.31 -5.12
C ILE C 434 30.41 2.89 -3.85
N THR C 435 30.09 3.86 -2.99
CA THR C 435 29.32 3.61 -1.74
C THR C 435 27.98 4.34 -1.82
N VAL C 436 27.81 5.19 -2.85
CA VAL C 436 26.55 5.94 -3.11
C VAL C 436 26.41 6.11 -4.62
N GLN C 437 25.18 6.02 -5.16
CA GLN C 437 24.99 6.23 -6.61
C GLN C 437 23.89 7.27 -6.84
N VAL C 438 24.09 8.18 -7.78
CA VAL C 438 23.06 9.18 -8.16
C VAL C 438 22.52 8.73 -9.52
N PHE C 439 21.20 8.57 -9.64
CA PHE C 439 20.57 8.08 -10.90
C PHE C 439 19.57 9.12 -11.41
N THR C 440 19.90 9.83 -12.49
CA THR C 440 18.97 10.83 -13.08
C THR C 440 18.04 10.10 -14.05
N THR C 441 16.81 10.59 -14.27
CA THR C 441 15.89 9.88 -15.19
C THR C 441 14.68 10.75 -15.52
N GLY C 442 14.10 10.51 -16.70
CA GLY C 442 12.89 11.22 -17.18
C GLY C 442 11.69 10.29 -17.23
N ARG C 443 11.87 9.05 -16.77
CA ARG C 443 10.82 8.00 -16.75
C ARG C 443 10.68 7.46 -15.32
N GLY C 444 9.49 6.96 -14.97
CA GLY C 444 9.26 6.41 -13.62
C GLY C 444 9.82 5.01 -13.49
N THR C 445 11.13 4.89 -13.33
CA THR C 445 11.81 3.57 -13.21
C THR C 445 11.94 3.15 -11.75
N PRO C 446 11.76 1.84 -11.43
CA PRO C 446 11.93 1.34 -10.07
C PRO C 446 13.35 0.82 -9.83
N TYR C 447 14.32 1.36 -10.57
CA TYR C 447 15.75 0.96 -10.45
C TYR C 447 16.27 1.19 -9.02
N GLY C 448 17.13 0.29 -8.56
CA GLY C 448 17.73 0.38 -7.21
C GLY C 448 18.71 -0.75 -6.96
N LEU C 449 19.60 -0.58 -5.98
CA LEU C 449 20.61 -1.60 -5.60
C LEU C 449 20.65 -1.73 -4.09
N MSE C 450 20.96 -2.94 -3.62
CA MSE C 450 21.07 -3.20 -2.18
C MSE C 450 22.48 -2.86 -1.73
O MSE C 450 22.68 -2.40 -0.62
CB MSE C 450 20.71 -4.65 -1.88
CG MSE C 450 21.11 -5.12 -0.50
SE MSE C 450 20.19 -4.16 0.94
CE MSE C 450 18.51 -5.11 1.23
N ALA C 451 23.46 -3.08 -2.61
CA ALA C 451 24.85 -2.82 -2.30
C ALA C 451 25.07 -1.38 -1.86
N VAL C 452 24.47 -0.42 -2.58
CA VAL C 452 24.65 1.02 -2.24
C VAL C 452 23.32 1.74 -2.35
N PRO C 453 23.12 2.84 -1.59
CA PRO C 453 21.88 3.61 -1.70
C PRO C 453 21.86 4.32 -3.05
N VAL C 454 20.70 4.32 -3.71
CA VAL C 454 20.54 4.97 -5.04
C VAL C 454 19.65 6.20 -4.90
N ILE C 455 20.19 7.37 -5.20
CA ILE C 455 19.44 8.67 -5.14
C ILE C 455 18.90 8.91 -6.54
N LYS C 456 17.58 8.89 -6.70
CA LYS C 456 16.94 9.05 -8.02
C LYS C 456 16.50 10.49 -8.20
N MSE C 457 16.99 11.15 -9.26
CA MSE C 457 16.68 12.54 -9.54
C MSE C 457 15.80 12.68 -10.79
O MSE C 457 16.14 12.16 -11.84
CB MSE C 457 17.99 13.31 -9.75
CG MSE C 457 17.80 14.76 -10.05
SE MSE C 457 19.51 15.67 -9.77
CE MSE C 457 19.41 16.41 -7.92
N ALA C 458 14.71 13.44 -10.66
CA ALA C 458 13.78 13.66 -11.76
C ALA C 458 14.24 14.84 -12.60
N THR C 459 13.94 14.82 -13.89
CA THR C 459 14.34 15.90 -14.84
C THR C 459 13.22 16.93 -14.98
N ARG C 460 11.98 16.55 -14.68
CA ARG C 460 10.80 17.45 -14.83
C ARG C 460 9.98 17.43 -13.54
N THR C 461 9.33 18.53 -13.21
CA THR C 461 8.48 18.59 -11.99
C THR C 461 7.27 17.65 -12.19
N GLU C 462 6.74 17.60 -13.41
CA GLU C 462 5.58 16.70 -13.70
C GLU C 462 5.95 15.27 -13.30
N LEU C 463 7.19 14.86 -13.56
CA LEU C 463 7.65 13.48 -13.24
C LEU C 463 7.76 13.28 -11.72
N ALA C 464 8.31 14.28 -11.02
CA ALA C 464 8.49 14.22 -9.55
C ALA C 464 7.13 14.11 -8.86
N ASN C 465 6.07 14.68 -9.45
CA ASN C 465 4.71 14.62 -8.86
C ASN C 465 4.06 13.28 -9.22
N ARG C 466 4.26 12.79 -10.44
CA ARG C 466 3.65 11.52 -10.87
C ARG C 466 4.25 10.37 -10.04
N TRP C 467 5.56 10.40 -9.79
CA TRP C 467 6.25 9.34 -9.01
C TRP C 467 6.86 9.93 -7.73
N PHE C 468 6.01 10.54 -6.89
CA PHE C 468 6.41 11.19 -5.62
C PHE C 468 7.09 10.20 -4.66
N ASP C 469 6.84 8.90 -4.82
CA ASP C 469 7.42 7.85 -3.94
C ASP C 469 8.58 7.13 -4.62
N LEU C 470 9.14 7.70 -5.69
CA LEU C 470 10.32 7.11 -6.41
C LEU C 470 11.40 8.17 -6.59
N MSE C 471 10.98 9.41 -6.90
CA MSE C 471 11.91 10.51 -7.11
C MSE C 471 12.35 11.11 -5.77
O MSE C 471 11.56 11.78 -5.10
CB MSE C 471 11.27 11.57 -8.01
CG MSE C 471 10.75 11.04 -9.33
SE MSE C 471 12.14 10.18 -10.43
CE MSE C 471 11.23 8.79 -11.49
N ASP C 472 13.61 10.86 -5.39
CA ASP C 472 14.17 11.36 -4.14
C ASP C 472 14.40 12.87 -4.20
N ILE C 473 14.74 13.40 -5.37
CA ILE C 473 14.99 14.86 -5.54
C ILE C 473 14.40 15.29 -6.89
N ASN C 474 13.90 16.54 -6.94
CA ASN C 474 13.35 17.12 -8.20
C ASN C 474 14.31 18.21 -8.73
N ALA C 475 14.77 18.06 -9.98
CA ALA C 475 15.67 19.05 -10.62
C ALA C 475 14.86 19.86 -11.66
N GLY C 476 13.58 19.50 -11.85
CA GLY C 476 12.69 20.20 -12.79
C GLY C 476 12.46 21.66 -12.42
N THR C 477 12.82 22.06 -11.19
CA THR C 477 12.66 23.46 -10.73
C THR C 477 13.63 24.38 -11.48
N ILE C 478 14.61 23.80 -12.17
CA ILE C 478 15.62 24.59 -12.94
C ILE C 478 14.98 25.05 -14.25
N ALA C 479 14.16 24.19 -14.86
CA ALA C 479 13.50 24.50 -16.15
C ALA C 479 12.53 25.68 -16.01
N THR C 480 11.93 25.85 -14.83
CA THR C 480 10.95 26.96 -14.61
C THR C 480 11.64 28.17 -13.96
N GLY C 481 12.94 28.06 -13.67
CA GLY C 481 13.70 29.17 -13.04
C GLY C 481 13.43 29.34 -11.55
N GLU C 482 12.68 28.42 -10.93
CA GLU C 482 12.37 28.50 -9.48
C GLU C 482 13.63 28.22 -8.66
N GLU C 483 14.53 27.38 -9.18
CA GLU C 483 15.82 27.04 -8.52
C GLU C 483 16.93 27.09 -9.58
N THR C 484 18.18 27.19 -9.13
CA THR C 484 19.35 27.26 -10.06
C THR C 484 20.14 25.95 -10.01
N ILE C 485 21.02 25.74 -10.97
CA ILE C 485 21.89 24.53 -11.00
C ILE C 485 22.67 24.45 -9.69
N GLU C 486 23.20 25.59 -9.22
CA GLU C 486 23.99 25.64 -7.96
C GLU C 486 23.11 25.19 -6.77
N GLU C 487 21.88 25.71 -6.67
CA GLU C 487 20.95 25.37 -5.55
C GLU C 487 20.65 23.87 -5.55
N VAL C 488 20.21 23.31 -6.69
CA VAL C 488 19.87 21.87 -6.78
C VAL C 488 21.14 21.05 -6.55
N GLY C 489 22.29 21.55 -7.01
CA GLY C 489 23.59 20.86 -6.82
C GLY C 489 23.93 20.74 -5.33
N TRP C 490 23.80 21.83 -4.58
CA TRP C 490 24.07 21.79 -3.11
C TRP C 490 23.03 20.92 -2.43
N LYS C 491 21.77 21.01 -2.87
CA LYS C 491 20.68 20.20 -2.25
C LYS C 491 21.05 18.72 -2.43
N LEU C 492 21.59 18.36 -3.59
CA LEU C 492 22.01 16.95 -3.86
C LEU C 492 23.20 16.59 -2.97
N PHE C 493 24.19 17.48 -2.89
CA PHE C 493 25.40 17.22 -2.04
C PHE C 493 24.97 16.90 -0.61
N HIS C 494 24.07 17.73 -0.04
CA HIS C 494 23.58 17.50 1.34
C HIS C 494 22.73 16.23 1.39
N PHE C 495 22.03 15.91 0.30
CA PHE C 495 21.19 14.68 0.29
C PHE C 495 22.13 13.47 0.34
N ILE C 496 23.26 13.57 -0.39
CA ILE C 496 24.27 12.47 -0.41
C ILE C 496 24.81 12.24 1.00
N LEU C 497 25.25 13.30 1.68
CA LEU C 497 25.82 13.16 3.06
C LEU C 497 24.77 12.56 4.01
N ASP C 498 23.51 12.98 3.89
CA ASP C 498 22.44 12.47 4.79
C ASP C 498 22.20 10.98 4.53
N VAL C 499 22.19 10.58 3.24
CA VAL C 499 21.95 9.15 2.88
C VAL C 499 23.17 8.32 3.29
N ALA C 500 24.37 8.84 3.06
CA ALA C 500 25.62 8.12 3.42
C ALA C 500 25.68 7.91 4.93
N SER C 501 25.13 8.86 5.70
CA SER C 501 25.13 8.79 7.18
C SER C 501 23.99 7.89 7.68
N GLY C 502 23.06 7.53 6.80
CA GLY C 502 21.91 6.70 7.20
C GLY C 502 20.86 7.50 7.95
N LYS C 503 20.91 8.83 7.84
CA LYS C 503 19.88 9.70 8.49
C LYS C 503 18.58 9.56 7.69
N LYS C 504 18.69 9.44 6.37
CA LYS C 504 17.51 9.24 5.49
C LYS C 504 17.78 8.02 4.62
N LYS C 505 16.70 7.38 4.18
CA LYS C 505 16.78 6.27 3.22
C LYS C 505 16.19 6.76 1.91
N THR C 506 16.84 6.45 0.80
CA THR C 506 16.29 6.80 -0.55
C THR C 506 15.04 5.95 -0.75
N PHE C 507 14.17 6.30 -1.71
CA PHE C 507 12.95 5.47 -1.94
C PHE C 507 13.34 4.03 -2.30
N SER C 508 14.46 3.84 -2.99
CA SER C 508 14.87 2.46 -3.35
C SER C 508 15.08 1.64 -2.07
N ASP C 509 15.75 2.20 -1.06
CA ASP C 509 15.99 1.45 0.20
C ASP C 509 14.73 1.43 1.08
N GLN C 510 13.83 2.41 0.93
CA GLN C 510 12.58 2.42 1.76
C GLN C 510 11.65 1.29 1.33
N TRP C 511 11.51 1.07 0.01
CA TRP C 511 10.57 0.00 -0.48
C TRP C 511 11.33 -1.30 -0.74
N GLY C 512 12.65 -1.26 -0.77
CA GLY C 512 13.43 -2.47 -1.07
C GLY C 512 13.42 -2.76 -2.56
N LEU C 513 13.56 -1.71 -3.38
CA LEU C 513 13.64 -1.83 -4.85
C LEU C 513 15.03 -2.35 -5.21
N HIS C 514 15.33 -3.60 -4.83
CA HIS C 514 16.69 -4.14 -5.10
C HIS C 514 16.66 -5.18 -6.22
N ASN C 515 17.27 -4.87 -7.36
CA ASN C 515 17.29 -5.84 -8.49
C ASN C 515 18.65 -6.57 -8.44
N GLN C 516 18.64 -7.89 -8.68
CA GLN C 516 19.86 -8.74 -8.60
C GLN C 516 21.02 -8.12 -9.41
N LEU C 517 22.25 -8.30 -8.93
CA LEU C 517 23.47 -7.79 -9.61
C LEU C 517 23.58 -8.41 -10.99
N ALA C 518 24.00 -7.62 -11.98
CA ALA C 518 24.14 -8.08 -13.38
C ALA C 518 25.57 -7.80 -13.85
N VAL C 519 26.46 -8.79 -13.69
CA VAL C 519 27.89 -8.64 -14.10
C VAL C 519 27.97 -8.52 -15.63
N PHE C 520 28.83 -7.62 -16.12
CA PHE C 520 29.02 -7.43 -17.57
C PHE C 520 29.85 -8.59 -18.12
N ASN C 521 29.30 -9.33 -19.09
CA ASN C 521 30.00 -10.50 -19.68
C ASN C 521 30.13 -10.29 -21.19
N PRO C 522 31.23 -9.65 -21.67
CA PRO C 522 31.41 -9.41 -23.10
C PRO C 522 31.77 -10.67 -23.91
N ALA C 523 32.14 -11.77 -23.23
CA ALA C 523 32.50 -13.02 -23.93
C ALA C 523 31.23 -13.78 -24.34
N PRO C 524 31.25 -14.51 -25.48
CA PRO C 524 30.09 -15.26 -25.94
C PRO C 524 29.76 -16.42 -24.99
N VAL C 525 28.48 -16.78 -24.87
CA VAL C 525 28.03 -17.88 -23.96
C VAL C 525 28.13 -19.21 -24.71
N THR C 526 28.77 -20.21 -24.09
CA THR C 526 28.91 -21.56 -24.72
C THR C 526 27.75 -22.45 -24.25
N THR D 15 34.76 -57.90 -8.73
CA THR D 15 35.23 -56.63 -8.13
C THR D 15 35.57 -55.63 -9.23
N ALA D 16 36.57 -55.96 -10.07
CA ALA D 16 37.03 -55.06 -11.16
C ALA D 16 36.07 -55.10 -12.35
N PHE D 17 35.76 -53.94 -12.92
CA PHE D 17 34.84 -53.86 -14.10
C PHE D 17 35.31 -52.80 -15.10
N TYR D 18 34.90 -52.96 -16.37
CA TYR D 18 35.20 -52.01 -17.47
C TYR D 18 33.89 -51.84 -18.24
N ILE D 19 33.68 -50.70 -18.92
CA ILE D 19 32.43 -50.54 -19.70
C ILE D 19 32.75 -50.30 -21.19
N LYS D 20 32.31 -51.24 -22.03
CA LYS D 20 32.44 -51.19 -23.51
C LYS D 20 31.06 -50.78 -24.05
N VAL D 21 30.95 -49.55 -24.56
CA VAL D 21 29.65 -49.01 -25.07
C VAL D 21 29.16 -49.80 -26.28
N HIS D 22 29.89 -49.76 -27.40
CA HIS D 22 29.45 -50.47 -28.63
C HIS D 22 30.27 -51.75 -28.83
N ASP D 23 29.68 -52.70 -29.56
CA ASP D 23 30.25 -54.05 -29.88
C ASP D 23 31.59 -53.94 -30.64
N THR D 24 31.67 -53.04 -31.62
CA THR D 24 32.89 -52.88 -32.46
C THR D 24 33.99 -52.05 -31.77
N ASP D 25 33.78 -51.59 -30.53
CA ASP D 25 34.81 -50.78 -29.83
C ASP D 25 36.06 -51.61 -29.56
N ASN D 26 37.22 -50.94 -29.49
CA ASN D 26 38.54 -51.56 -29.20
C ASN D 26 39.11 -50.91 -27.93
N VAL D 27 38.28 -50.12 -27.25
CA VAL D 27 38.66 -49.41 -25.99
C VAL D 27 37.51 -49.51 -24.99
N ALA D 28 37.81 -49.44 -23.70
CA ALA D 28 36.78 -49.51 -22.63
C ALA D 28 37.16 -48.51 -21.53
N ILE D 29 36.24 -48.26 -20.59
CA ILE D 29 36.47 -47.30 -19.48
C ILE D 29 36.50 -48.07 -18.15
N ILE D 30 37.40 -47.67 -17.25
CA ILE D 30 37.53 -48.31 -15.91
C ILE D 30 36.45 -47.70 -15.00
N VAL D 31 35.70 -48.51 -14.25
CA VAL D 31 34.62 -47.97 -13.38
C VAL D 31 35.05 -47.89 -11.90
N ASN D 32 35.83 -48.88 -11.40
CA ASN D 32 36.27 -48.90 -9.99
C ASN D 32 36.84 -47.53 -9.58
N ASP D 33 36.44 -47.02 -8.41
CA ASP D 33 36.80 -45.67 -7.88
C ASP D 33 38.29 -45.32 -7.92
N ASN D 34 39.17 -46.03 -7.19
CA ASN D 34 40.62 -45.70 -7.17
C ASN D 34 41.31 -46.17 -8.47
N GLY D 35 40.52 -46.63 -9.44
CA GLY D 35 41.05 -47.20 -10.69
C GLY D 35 41.43 -48.67 -10.46
N LEU D 36 42.09 -49.30 -11.42
CA LEU D 36 42.54 -50.72 -11.29
C LEU D 36 44.06 -50.80 -11.41
N LYS D 37 44.70 -51.54 -10.50
CA LYS D 37 46.18 -51.72 -10.54
C LYS D 37 46.51 -52.82 -11.53
N ALA D 38 47.78 -52.85 -11.97
CA ALA D 38 48.29 -53.83 -12.95
C ALA D 38 48.05 -55.25 -12.44
N GLY D 39 47.77 -56.17 -13.36
CA GLY D 39 47.54 -57.59 -12.99
C GLY D 39 46.08 -57.96 -13.12
N THR D 40 45.18 -56.99 -12.95
CA THR D 40 43.71 -57.26 -13.06
C THR D 40 43.41 -57.92 -14.42
N ARG D 41 42.69 -59.04 -14.41
CA ARG D 41 42.37 -59.81 -15.65
C ARG D 41 40.86 -59.79 -15.89
N PHE D 42 40.41 -60.04 -17.13
CA PHE D 42 38.95 -60.04 -17.45
C PHE D 42 38.59 -61.36 -18.14
N PRO D 43 37.29 -61.69 -18.26
CA PRO D 43 36.86 -62.95 -18.88
C PRO D 43 37.41 -63.19 -20.31
N ASP D 44 37.31 -62.20 -21.19
CA ASP D 44 37.79 -62.34 -22.60
C ASP D 44 39.26 -62.76 -22.64
N GLY D 45 40.08 -62.34 -21.65
CA GLY D 45 41.50 -62.73 -21.62
C GLY D 45 42.45 -61.54 -21.50
N LEU D 46 41.91 -60.32 -21.53
CA LEU D 46 42.76 -59.10 -21.42
C LEU D 46 43.36 -59.02 -20.02
N GLU D 47 44.42 -58.21 -19.86
CA GLU D 47 45.10 -57.98 -18.55
C GLU D 47 45.80 -56.62 -18.61
N LEU D 48 45.62 -55.79 -17.57
CA LEU D 48 46.27 -54.45 -17.55
C LEU D 48 47.77 -54.60 -17.32
N ILE D 49 48.57 -53.76 -17.98
CA ILE D 49 50.06 -53.79 -17.87
C ILE D 49 50.47 -52.71 -16.86
N GLU D 50 49.58 -51.75 -16.59
CA GLU D 50 49.88 -50.63 -15.66
C GLU D 50 48.60 -50.18 -14.93
N HIS D 51 48.73 -49.26 -13.97
CA HIS D 51 47.56 -48.73 -13.23
C HIS D 51 46.80 -47.78 -14.15
N ILE D 52 45.47 -47.87 -14.16
CA ILE D 52 44.62 -46.97 -15.00
C ILE D 52 43.54 -46.37 -14.10
N PRO D 53 43.44 -45.02 -14.00
CA PRO D 53 42.42 -44.37 -13.16
C PRO D 53 41.00 -44.58 -13.69
N GLN D 54 39.98 -44.29 -12.86
CA GLN D 54 38.58 -44.47 -13.33
C GLN D 54 38.27 -43.39 -14.38
N GLY D 55 37.45 -43.75 -15.37
CA GLY D 55 37.05 -42.80 -16.43
C GLY D 55 38.00 -42.82 -17.61
N HIS D 56 39.24 -43.28 -17.39
CA HIS D 56 40.24 -43.30 -18.49
C HIS D 56 40.08 -44.59 -19.31
N LYS D 57 40.50 -44.51 -20.57
CA LYS D 57 40.37 -45.64 -21.54
C LYS D 57 41.53 -46.62 -21.45
N VAL D 58 41.24 -47.89 -21.80
CA VAL D 58 42.20 -49.02 -21.81
C VAL D 58 42.10 -49.70 -23.18
N ALA D 59 43.24 -50.07 -23.78
CA ALA D 59 43.23 -50.74 -25.11
C ALA D 59 42.86 -52.21 -24.93
N LEU D 60 41.85 -52.70 -25.68
CA LEU D 60 41.42 -54.12 -25.63
C LEU D 60 42.13 -55.01 -26.65
N LEU D 61 42.16 -54.62 -27.94
CA LEU D 61 42.78 -55.44 -29.03
C LEU D 61 44.10 -54.81 -29.47
N ASP D 62 44.91 -55.57 -30.23
CA ASP D 62 46.22 -55.05 -30.74
C ASP D 62 45.93 -53.91 -31.71
N ILE D 63 46.34 -52.68 -31.38
CA ILE D 63 46.08 -51.51 -32.27
C ILE D 63 47.40 -51.11 -32.93
N PRO D 64 47.46 -51.03 -34.28
CA PRO D 64 48.71 -50.63 -34.96
C PRO D 64 48.95 -49.11 -34.92
N ALA D 65 50.11 -48.66 -35.41
CA ALA D 65 50.43 -47.21 -35.50
C ALA D 65 49.45 -46.56 -36.49
N ASN D 66 48.95 -45.35 -36.20
CA ASN D 66 47.97 -44.66 -37.09
C ASN D 66 46.69 -45.52 -37.17
N GLY D 67 46.54 -46.46 -36.23
CA GLY D 67 45.36 -47.34 -36.19
C GLY D 67 44.15 -46.63 -35.62
N GLU D 68 42.96 -46.99 -36.11
CA GLU D 68 41.69 -46.38 -35.65
C GLU D 68 41.42 -46.67 -34.17
N ILE D 69 40.93 -45.66 -33.45
CA ILE D 69 40.51 -45.78 -32.03
C ILE D 69 38.98 -45.71 -32.08
N ILE D 70 38.31 -46.82 -31.77
CA ILE D 70 36.81 -46.88 -31.88
C ILE D 70 36.13 -46.91 -30.52
N ARG D 71 35.16 -45.99 -30.33
CA ARG D 71 34.35 -45.92 -29.09
C ARG D 71 32.98 -45.37 -29.50
N TYR D 72 31.90 -45.98 -29.00
CA TYR D 72 30.51 -45.59 -29.35
C TYR D 72 30.22 -46.04 -30.80
N GLY D 73 31.06 -46.95 -31.32
CA GLY D 73 30.92 -47.47 -32.69
C GLY D 73 31.41 -46.51 -33.76
N GLU D 74 32.14 -45.45 -33.36
CA GLU D 74 32.66 -44.45 -34.33
C GLU D 74 34.14 -44.18 -34.06
N VAL D 75 34.85 -43.67 -35.07
CA VAL D 75 36.30 -43.36 -34.96
C VAL D 75 36.45 -42.08 -34.11
N ILE D 76 37.11 -42.17 -32.96
CA ILE D 76 37.32 -40.97 -32.08
C ILE D 76 38.73 -40.41 -32.31
N GLY D 77 39.58 -41.13 -33.05
CA GLY D 77 40.94 -40.67 -33.30
C GLY D 77 41.83 -41.77 -33.85
N TYR D 78 43.15 -41.51 -33.89
CA TYR D 78 44.16 -42.47 -34.41
C TYR D 78 45.33 -42.52 -33.42
N ALA D 79 45.96 -43.69 -33.29
CA ALA D 79 47.11 -43.87 -32.35
C ALA D 79 48.35 -43.15 -32.90
N VAL D 80 49.01 -42.34 -32.05
CA VAL D 80 50.25 -41.59 -32.45
C VAL D 80 51.39 -42.59 -32.61
N ARG D 81 51.38 -43.64 -31.79
CA ARG D 81 52.41 -44.71 -31.78
C ARG D 81 51.71 -46.05 -31.48
N ALA D 82 52.39 -47.18 -31.72
CA ALA D 82 51.78 -48.50 -31.45
C ALA D 82 51.38 -48.59 -29.97
N ILE D 83 50.11 -48.85 -29.69
CA ILE D 83 49.59 -48.95 -28.29
C ILE D 83 49.40 -50.43 -27.94
N PRO D 84 50.10 -50.95 -26.90
CA PRO D 84 49.96 -52.35 -26.51
C PRO D 84 48.63 -52.59 -25.76
N ARG D 85 48.22 -53.86 -25.68
CA ARG D 85 46.96 -54.28 -25.00
C ARG D 85 47.03 -53.95 -23.50
N GLY D 86 45.88 -53.67 -22.88
CA GLY D 86 45.82 -53.38 -21.43
C GLY D 86 46.66 -52.19 -21.00
N SER D 87 46.82 -51.22 -21.89
CA SER D 87 47.61 -49.99 -21.58
C SER D 87 46.67 -48.79 -21.43
N TRP D 88 47.07 -47.82 -20.62
CA TRP D 88 46.28 -46.58 -20.39
C TRP D 88 46.47 -45.61 -21.57
N ILE D 89 45.36 -45.29 -22.26
CA ILE D 89 45.37 -44.37 -23.42
C ILE D 89 45.05 -42.95 -22.93
N ASP D 90 46.07 -42.08 -22.88
CA ASP D 90 45.86 -40.67 -22.43
C ASP D 90 45.60 -39.82 -23.69
N GLU D 91 45.05 -38.61 -23.51
CA GLU D 91 44.70 -37.70 -24.64
C GLU D 91 45.94 -37.36 -25.49
N SER D 92 47.15 -37.65 -25.01
CA SER D 92 48.38 -37.33 -25.79
C SER D 92 48.77 -38.48 -26.71
N MSE D 93 48.07 -39.61 -26.63
CA MSE D 93 48.36 -40.78 -27.45
C MSE D 93 47.38 -40.88 -28.62
O MSE D 93 47.49 -41.80 -29.44
CB MSE D 93 48.28 -42.06 -26.63
CG MSE D 93 49.53 -42.40 -25.85
SE MSE D 93 49.13 -43.61 -24.34
CE MSE D 93 49.29 -45.49 -24.88
N VAL D 94 46.43 -39.95 -28.72
CA VAL D 94 45.44 -39.99 -29.79
C VAL D 94 45.53 -38.72 -30.64
N VAL D 95 45.17 -38.83 -31.93
CA VAL D 95 45.15 -37.67 -32.88
C VAL D 95 43.70 -37.50 -33.33
N LEU D 96 43.08 -36.36 -33.02
CA LEU D 96 41.65 -36.14 -33.42
C LEU D 96 41.55 -36.11 -34.93
N PRO D 97 40.48 -36.70 -35.53
CA PRO D 97 40.30 -36.68 -36.98
C PRO D 97 39.68 -35.35 -37.40
N GLU D 98 40.31 -34.64 -38.35
CA GLU D 98 39.79 -33.32 -38.80
C GLU D 98 38.33 -33.47 -39.24
N ALA D 99 37.45 -32.63 -38.68
CA ALA D 99 36.01 -32.70 -39.00
C ALA D 99 35.77 -32.28 -40.44
N PRO D 100 34.88 -32.97 -41.18
CA PRO D 100 34.58 -32.59 -42.57
C PRO D 100 33.66 -31.37 -42.61
N PRO D 101 33.64 -30.59 -43.73
CA PRO D 101 32.77 -29.43 -43.86
C PRO D 101 31.29 -29.79 -43.62
N LEU D 102 30.47 -28.80 -43.28
CA LEU D 102 29.03 -29.02 -42.98
C LEU D 102 28.24 -29.31 -44.27
N HIS D 103 28.58 -28.68 -45.39
CA HIS D 103 27.83 -28.88 -46.65
C HIS D 103 28.07 -30.28 -47.24
N THR D 104 29.00 -31.05 -46.67
CA THR D 104 29.34 -32.41 -47.19
C THR D 104 28.80 -33.50 -46.26
N LEU D 105 28.03 -33.14 -45.23
CA LEU D 105 27.48 -34.14 -44.28
C LEU D 105 26.20 -34.75 -44.86
N PRO D 106 26.03 -36.08 -44.80
CA PRO D 106 24.83 -36.74 -45.33
C PRO D 106 23.56 -36.38 -44.54
N LEU D 107 22.46 -36.13 -45.26
CA LEU D 107 21.17 -35.73 -44.63
C LEU D 107 20.11 -36.81 -44.87
N ALA D 108 19.47 -37.29 -43.80
CA ALA D 108 18.37 -38.30 -43.87
C ALA D 108 18.84 -39.58 -44.58
N THR D 109 20.13 -39.92 -44.48
CA THR D 109 20.66 -41.14 -45.15
C THR D 109 20.33 -42.40 -44.34
N LYS D 110 19.90 -42.26 -43.08
CA LYS D 110 19.58 -43.45 -42.25
C LYS D 110 18.46 -43.13 -41.25
N VAL D 111 17.22 -42.95 -41.75
CA VAL D 111 16.03 -42.69 -40.88
C VAL D 111 15.54 -44.06 -40.40
N PRO D 112 15.54 -44.33 -39.07
CA PRO D 112 15.13 -45.64 -38.58
C PRO D 112 13.64 -45.91 -38.76
N GLU D 113 13.28 -47.20 -38.83
CA GLU D 113 11.84 -47.58 -38.97
C GLU D 113 11.17 -47.26 -37.64
N PRO D 114 10.01 -46.55 -37.63
CA PRO D 114 9.34 -46.21 -36.38
C PRO D 114 9.11 -47.46 -35.52
N LEU D 115 9.47 -47.38 -34.23
CA LEU D 115 9.30 -48.52 -33.30
C LEU D 115 7.82 -48.67 -32.96
N PRO D 116 7.35 -49.86 -32.52
CA PRO D 116 5.94 -50.07 -32.21
C PRO D 116 5.48 -49.06 -31.17
N PRO D 117 4.31 -48.40 -31.36
CA PRO D 117 3.84 -47.38 -30.42
C PRO D 117 3.40 -47.95 -29.06
N LEU D 118 3.55 -47.13 -28.00
CA LEU D 118 3.12 -47.49 -26.62
C LEU D 118 1.82 -46.75 -26.36
N GLU D 119 0.73 -47.48 -26.09
CA GLU D 119 -0.60 -46.85 -25.89
C GLU D 119 -1.10 -47.11 -24.46
N GLY D 120 -2.00 -46.25 -23.99
CA GLY D 120 -2.61 -46.40 -22.65
C GLY D 120 -1.87 -45.68 -21.54
N TYR D 121 -0.63 -45.22 -21.76
CA TYR D 121 0.11 -44.52 -20.67
C TYR D 121 -0.52 -43.14 -20.46
N THR D 122 -0.69 -42.77 -19.20
CA THR D 122 -1.32 -41.47 -18.82
C THR D 122 -0.57 -40.81 -17.66
N PHE D 123 -1.02 -39.61 -17.28
CA PHE D 123 -0.45 -38.86 -16.12
C PHE D 123 -1.50 -37.84 -15.71
N GLU D 124 -1.59 -37.55 -14.41
CA GLU D 124 -2.59 -36.56 -13.91
C GLU D 124 -2.04 -35.16 -14.18
N GLY D 125 -2.65 -34.41 -15.11
CA GLY D 125 -2.18 -33.06 -15.45
C GLY D 125 -3.29 -32.04 -15.42
N TYR D 126 -2.93 -30.76 -15.63
CA TYR D 126 -3.90 -29.64 -15.63
C TYR D 126 -4.23 -29.30 -17.08
N ARG D 127 -5.43 -29.67 -17.54
CA ARG D 127 -5.80 -29.40 -18.95
C ARG D 127 -6.10 -27.91 -19.10
N ASN D 128 -5.58 -27.31 -20.18
CA ASN D 128 -5.76 -25.87 -20.48
C ASN D 128 -6.84 -25.75 -21.58
N ALA D 129 -7.36 -24.54 -21.77
CA ALA D 129 -8.43 -24.31 -22.78
C ALA D 129 -7.92 -24.59 -24.21
N ASP D 130 -6.61 -24.40 -24.44
CA ASP D 130 -5.98 -24.58 -25.77
C ASP D 130 -5.64 -26.06 -26.05
N GLY D 131 -5.93 -26.96 -25.10
CA GLY D 131 -5.66 -28.40 -25.30
C GLY D 131 -4.35 -28.86 -24.66
N SER D 132 -3.43 -27.93 -24.37
CA SER D 132 -2.12 -28.31 -23.75
C SER D 132 -2.36 -28.82 -22.32
N VAL D 133 -1.39 -29.54 -21.77
CA VAL D 133 -1.51 -30.08 -20.39
C VAL D 133 -0.28 -29.68 -19.58
N GLY D 134 -0.52 -29.04 -18.44
CA GLY D 134 0.58 -28.62 -17.56
C GLY D 134 0.89 -29.66 -16.51
N THR D 135 2.14 -29.71 -16.06
CA THR D 135 2.58 -30.64 -15.00
C THR D 135 2.58 -29.88 -13.66
N LYS D 136 2.47 -28.55 -13.74
CA LYS D 136 2.43 -27.68 -12.54
C LYS D 136 1.36 -26.59 -12.73
N ASN D 137 0.92 -26.00 -11.62
CA ASN D 137 -0.11 -24.93 -11.61
C ASN D 137 0.59 -23.66 -11.13
N LEU D 138 1.11 -22.86 -12.07
CA LEU D 138 1.90 -21.63 -11.74
C LEU D 138 1.18 -20.33 -12.12
N LEU D 139 1.61 -19.23 -11.50
CA LEU D 139 1.12 -17.87 -11.80
C LEU D 139 2.23 -17.16 -12.56
N GLY D 140 1.95 -16.73 -13.79
CA GLY D 140 2.96 -16.03 -14.60
C GLY D 140 2.74 -14.54 -14.58
N ILE D 141 3.81 -13.77 -14.38
CA ILE D 141 3.71 -12.28 -14.39
C ILE D 141 4.74 -11.74 -15.38
N THR D 142 4.31 -10.89 -16.30
CA THR D 142 5.22 -10.33 -17.33
C THR D 142 4.90 -8.85 -17.51
N THR D 143 5.49 -8.22 -18.54
CA THR D 143 5.30 -6.78 -18.82
C THR D 143 5.64 -6.53 -20.30
N SER D 144 5.00 -5.53 -20.93
CA SER D 144 5.30 -5.22 -22.35
C SER D 144 6.77 -4.79 -22.45
N VAL D 145 7.39 -5.07 -23.60
CA VAL D 145 8.83 -4.74 -23.83
C VAL D 145 9.05 -3.22 -23.81
N HIS D 146 8.00 -2.41 -23.98
CA HIS D 146 8.15 -0.92 -23.99
C HIS D 146 8.07 -0.33 -22.58
N CYS D 147 7.74 -1.15 -21.56
CA CYS D 147 7.64 -0.64 -20.17
C CYS D 147 9.00 -0.76 -19.46
N VAL D 148 9.14 -0.07 -18.32
CA VAL D 148 10.39 -0.09 -17.51
C VAL D 148 10.51 -1.47 -16.82
N ALA D 149 11.75 -1.92 -16.61
CA ALA D 149 12.03 -3.23 -15.96
C ALA D 149 12.24 -3.06 -14.45
N GLY D 150 12.01 -4.13 -13.69
CA GLY D 150 12.21 -4.11 -12.22
C GLY D 150 10.91 -4.22 -11.44
N VAL D 151 9.77 -3.88 -12.07
CA VAL D 151 8.46 -3.95 -11.37
C VAL D 151 8.05 -5.41 -11.16
N VAL D 152 8.29 -6.26 -12.14
CA VAL D 152 7.89 -7.71 -12.05
C VAL D 152 8.63 -8.40 -10.91
N ASP D 153 9.95 -8.23 -10.81
CA ASP D 153 10.71 -8.90 -9.71
C ASP D 153 10.21 -8.42 -8.35
N TYR D 154 9.92 -7.13 -8.20
CA TYR D 154 9.45 -6.58 -6.91
C TYR D 154 8.10 -7.20 -6.53
N VAL D 155 7.12 -7.18 -7.44
CA VAL D 155 5.75 -7.70 -7.20
C VAL D 155 5.79 -9.22 -6.94
N VAL D 156 6.55 -9.96 -7.75
CA VAL D 156 6.62 -11.45 -7.59
C VAL D 156 7.12 -11.79 -6.19
N LYS D 157 8.15 -11.07 -5.71
CA LYS D 157 8.72 -11.33 -4.36
C LYS D 157 7.66 -11.09 -3.29
N ILE D 158 6.86 -10.01 -3.40
CA ILE D 158 5.80 -9.73 -2.39
C ILE D 158 4.69 -10.79 -2.47
N ILE D 159 4.35 -11.25 -3.69
CA ILE D 159 3.28 -12.28 -3.85
C ILE D 159 3.76 -13.62 -3.24
N GLU D 160 5.03 -13.95 -3.41
CA GLU D 160 5.56 -15.25 -2.89
C GLU D 160 5.52 -15.32 -1.35
N ARG D 161 5.79 -14.22 -0.64
CA ARG D 161 5.80 -14.37 0.84
C ARG D 161 4.47 -13.95 1.47
N ASP D 162 3.67 -13.09 0.83
CA ASP D 162 2.40 -12.63 1.48
C ASP D 162 1.15 -13.36 0.95
N LEU D 163 1.10 -13.80 -0.32
CA LEU D 163 -0.16 -14.41 -0.83
C LEU D 163 -0.04 -15.91 -1.12
N LEU D 164 1.00 -16.30 -1.85
CA LEU D 164 1.22 -17.73 -2.25
C LEU D 164 0.93 -18.70 -1.11
N PRO D 165 1.42 -18.49 0.14
CA PRO D 165 1.16 -19.44 1.22
C PRO D 165 -0.32 -19.70 1.50
N LYS D 166 -1.20 -18.75 1.15
CA LYS D 166 -2.67 -18.87 1.37
C LYS D 166 -3.33 -19.73 0.27
N TYR D 167 -2.59 -20.06 -0.80
CA TYR D 167 -3.14 -20.86 -1.93
C TYR D 167 -2.25 -22.08 -2.17
N PRO D 168 -2.37 -23.13 -1.33
CA PRO D 168 -1.52 -24.32 -1.43
C PRO D 168 -1.56 -25.12 -2.73
N ASN D 169 -2.67 -25.04 -3.48
N ASN D 169 -2.66 -25.04 -3.49
CA ASN D 169 -2.80 -25.80 -4.76
CA ASN D 169 -2.77 -25.82 -4.75
C ASN D 169 -1.99 -25.11 -5.86
C ASN D 169 -2.01 -25.10 -5.87
N VAL D 170 -1.47 -23.90 -5.59
CA VAL D 170 -0.67 -23.14 -6.59
C VAL D 170 0.79 -23.51 -6.30
N ASP D 171 1.48 -24.06 -7.30
CA ASP D 171 2.88 -24.53 -7.12
C ASP D 171 3.83 -23.35 -6.92
N GLY D 172 3.55 -22.21 -7.55
CA GLY D 172 4.46 -21.05 -7.40
C GLY D 172 4.14 -19.92 -8.35
N VAL D 173 4.95 -18.86 -8.29
CA VAL D 173 4.82 -17.63 -9.12
C VAL D 173 6.15 -17.43 -9.86
N VAL D 174 6.09 -17.11 -11.15
CA VAL D 174 7.31 -16.89 -11.96
C VAL D 174 7.20 -15.53 -12.65
N GLY D 175 8.27 -14.72 -12.53
CA GLY D 175 8.36 -13.41 -13.20
C GLY D 175 9.11 -13.54 -14.51
N LEU D 176 8.55 -12.97 -15.58
CA LEU D 176 9.15 -13.03 -16.95
C LEU D 176 9.59 -11.61 -17.34
N ASN D 177 10.88 -11.33 -17.19
CA ASN D 177 11.43 -9.97 -17.44
C ASN D 177 12.01 -9.84 -18.84
N HIS D 178 11.77 -8.71 -19.51
CA HIS D 178 12.39 -8.41 -20.84
C HIS D 178 13.75 -7.74 -20.58
N LEU D 179 14.68 -7.82 -21.54
CA LEU D 179 16.04 -7.22 -21.36
C LEU D 179 15.99 -5.73 -21.68
N TYR D 180 16.80 -4.94 -20.95
CA TYR D 180 16.89 -3.46 -21.09
C TYR D 180 16.88 -3.05 -22.56
N ALA D 188 18.35 -2.18 -31.61
CA ALA D 188 17.16 -2.63 -30.84
C ALA D 188 16.37 -3.69 -31.62
N PRO D 189 16.06 -3.50 -32.93
CA PRO D 189 15.30 -4.49 -33.69
C PRO D 189 16.11 -5.66 -34.28
N ALA D 190 17.14 -6.12 -33.57
CA ALA D 190 17.97 -7.27 -34.00
C ALA D 190 18.06 -8.30 -32.86
N ALA D 191 17.62 -7.91 -31.65
CA ALA D 191 17.61 -8.79 -30.47
C ALA D 191 16.26 -9.53 -30.45
N VAL D 192 16.05 -10.36 -31.48
CA VAL D 192 14.77 -11.12 -31.65
C VAL D 192 14.76 -12.35 -30.71
N VAL D 193 15.94 -12.90 -30.38
CA VAL D 193 16.03 -14.11 -29.51
C VAL D 193 15.40 -13.86 -28.14
N PRO D 194 15.83 -12.83 -27.37
CA PRO D 194 15.24 -12.56 -26.05
C PRO D 194 13.74 -12.24 -26.04
N ILE D 195 13.24 -11.51 -27.03
CA ILE D 195 11.78 -11.15 -27.10
C ILE D 195 10.96 -12.42 -27.35
N ARG D 196 11.34 -13.18 -28.38
CA ARG D 196 10.67 -14.45 -28.77
C ARG D 196 10.67 -15.42 -27.60
N THR D 197 11.78 -15.48 -26.85
CA THR D 197 11.93 -16.39 -25.68
C THR D 197 10.92 -16.00 -24.59
N ILE D 198 10.84 -14.72 -24.22
CA ILE D 198 9.92 -14.28 -23.13
C ILE D 198 8.46 -14.48 -23.55
N HIS D 199 8.12 -14.20 -24.81
CA HIS D 199 6.72 -14.38 -25.25
C HIS D 199 6.33 -15.86 -25.24
N ASN D 200 7.23 -16.75 -25.69
CA ASN D 200 6.93 -18.21 -25.75
C ASN D 200 6.88 -18.81 -24.34
N ILE D 201 7.63 -18.26 -23.38
CA ILE D 201 7.60 -18.82 -21.99
C ILE D 201 6.18 -18.64 -21.43
N SER D 202 5.54 -17.51 -21.76
CA SER D 202 4.16 -17.26 -21.25
C SER D 202 3.15 -18.22 -21.91
N LEU D 203 3.55 -18.91 -22.97
CA LEU D 203 2.65 -19.89 -23.67
C LEU D 203 2.89 -21.30 -23.11
N ASN D 204 3.85 -21.43 -22.18
CA ASN D 204 4.14 -22.76 -21.59
C ASN D 204 2.87 -23.26 -20.88
N PRO D 205 2.50 -24.55 -21.00
CA PRO D 205 1.28 -25.07 -20.36
C PRO D 205 1.21 -24.96 -18.83
N ASN D 206 2.38 -24.89 -18.17
CA ASN D 206 2.42 -24.80 -16.68
C ASN D 206 1.88 -23.45 -16.19
N PHE D 207 1.61 -22.49 -17.09
CA PHE D 207 1.04 -21.19 -16.67
C PHE D 207 -0.50 -21.23 -16.79
N GLY D 208 -1.05 -22.28 -17.39
CA GLY D 208 -2.51 -22.42 -17.48
C GLY D 208 -3.18 -21.56 -18.53
N GLY D 209 -2.44 -20.74 -19.29
CA GLY D 209 -3.06 -19.95 -20.37
C GLY D 209 -3.61 -18.60 -19.95
N GLU D 210 -3.14 -18.02 -18.83
CA GLU D 210 -3.63 -16.67 -18.45
C GLU D 210 -2.55 -15.99 -17.58
N VAL D 211 -1.48 -15.53 -18.22
CA VAL D 211 -0.37 -14.83 -17.49
C VAL D 211 -0.81 -13.39 -17.25
N MSE D 212 -0.32 -12.81 -16.15
CA MSE D 212 -0.62 -11.43 -15.80
C MSE D 212 0.33 -10.50 -16.54
O MSE D 212 1.53 -10.77 -16.62
CB MSE D 212 -0.43 -11.23 -14.30
CG MSE D 212 -1.62 -11.60 -13.46
SE MSE D 212 -1.23 -11.00 -11.64
CE MSE D 212 -1.30 -9.05 -11.75
N VAL D 213 -0.20 -9.40 -17.07
CA VAL D 213 0.60 -8.41 -17.78
C VAL D 213 0.49 -7.09 -17.01
N ILE D 214 1.58 -6.65 -16.39
CA ILE D 214 1.60 -5.39 -15.59
C ILE D 214 2.47 -4.36 -16.33
N GLY D 215 2.11 -3.08 -16.25
CA GLY D 215 2.87 -1.99 -16.92
C GLY D 215 2.96 -0.74 -16.05
N LEU D 216 4.19 -0.29 -15.76
CA LEU D 216 4.37 0.96 -14.96
C LEU D 216 4.33 2.14 -15.93
N GLY D 217 3.32 3.01 -15.79
CA GLY D 217 3.13 4.18 -16.66
C GLY D 217 2.16 3.90 -17.78
N HIS D 251 -2.59 11.99 -9.29
CA HIS D 251 -1.41 11.10 -9.47
C HIS D 251 -1.61 9.82 -8.65
N VAL D 252 -1.20 8.67 -9.18
CA VAL D 252 -1.37 7.36 -8.50
C VAL D 252 -0.16 7.10 -7.60
N GLY D 253 1.03 6.97 -8.19
CA GLY D 253 2.27 6.71 -7.42
C GLY D 253 2.65 5.25 -7.50
N PHE D 254 3.86 4.90 -7.07
CA PHE D 254 4.37 3.50 -7.16
C PHE D 254 3.68 2.57 -6.16
N GLN D 255 3.59 2.93 -4.86
CA GLN D 255 2.96 2.04 -3.86
C GLN D 255 1.52 1.71 -4.27
N SER D 256 0.80 2.72 -4.74
CA SER D 256 -0.61 2.58 -5.15
C SER D 256 -0.76 1.59 -6.29
N MSE D 257 0.15 1.70 -7.27
CA MSE D 257 0.15 0.82 -8.43
C MSE D 257 0.29 -0.63 -7.98
O MSE D 257 -0.48 -1.47 -8.40
CB MSE D 257 1.28 1.23 -9.39
CG MSE D 257 1.25 0.55 -10.75
SE MSE D 257 2.95 0.58 -11.74
CE MSE D 257 4.47 0.31 -10.51
N VAL D 258 1.27 -0.88 -7.09
CA VAL D 258 1.54 -2.23 -6.60
C VAL D 258 0.30 -2.78 -5.85
N GLU D 259 -0.33 -1.97 -5.00
CA GLU D 259 -1.53 -2.44 -4.24
C GLU D 259 -2.57 -3.00 -5.22
N ASP D 260 -2.80 -2.28 -6.32
CA ASP D 260 -3.79 -2.70 -7.35
C ASP D 260 -3.33 -4.03 -7.97
N ILE D 261 -2.04 -4.15 -8.28
CA ILE D 261 -1.47 -5.39 -8.88
C ILE D 261 -1.66 -6.56 -7.92
N LEU D 262 -1.45 -6.35 -6.61
CA LEU D 262 -1.62 -7.45 -5.62
C LEU D 262 -3.09 -7.90 -5.57
N GLN D 263 -4.04 -6.99 -5.83
CA GLN D 263 -5.48 -7.38 -5.82
C GLN D 263 -5.77 -8.21 -7.06
N ILE D 264 -5.22 -7.80 -8.20
CA ILE D 264 -5.40 -8.58 -9.47
C ILE D 264 -4.74 -9.94 -9.28
N ALA D 265 -3.57 -9.96 -8.62
CA ALA D 265 -2.80 -11.20 -8.37
C ALA D 265 -3.59 -12.13 -7.46
N GLU D 266 -4.26 -11.59 -6.45
CA GLU D 266 -5.00 -12.47 -5.52
C GLU D 266 -6.23 -13.05 -6.23
N ARG D 267 -6.78 -12.32 -7.21
CA ARG D 267 -7.96 -12.83 -7.97
C ARG D 267 -7.50 -14.04 -8.79
N HIS D 268 -6.31 -13.95 -9.42
CA HIS D 268 -5.76 -15.08 -10.22
C HIS D 268 -5.43 -16.27 -9.31
N LEU D 269 -4.78 -16.01 -8.17
CA LEU D 269 -4.41 -17.12 -7.25
C LEU D 269 -5.67 -17.88 -6.79
N GLN D 270 -6.73 -17.15 -6.42
CA GLN D 270 -7.99 -17.80 -5.98
C GLN D 270 -8.51 -18.73 -7.08
N LYS D 271 -8.45 -18.31 -8.34
CA LYS D 271 -8.95 -19.12 -9.46
C LYS D 271 -8.02 -20.32 -9.72
N LEU D 272 -6.69 -20.12 -9.69
CA LEU D 272 -5.73 -21.23 -9.93
C LEU D 272 -5.79 -22.25 -8.78
N ASN D 273 -6.08 -21.78 -7.57
CA ASN D 273 -6.14 -22.66 -6.37
C ASN D 273 -7.30 -23.65 -6.48
N GLN D 274 -8.26 -23.39 -7.37
CA GLN D 274 -9.45 -24.28 -7.52
C GLN D 274 -9.23 -25.31 -8.65
N ARG D 275 -8.10 -25.25 -9.36
CA ARG D 275 -7.89 -26.21 -10.47
C ARG D 275 -7.54 -27.59 -9.91
N GLN D 276 -7.90 -28.64 -10.64
CA GLN D 276 -7.61 -30.05 -10.24
C GLN D 276 -6.99 -30.78 -11.44
N ARG D 277 -6.16 -31.80 -11.16
CA ARG D 277 -5.53 -32.58 -12.24
C ARG D 277 -6.54 -33.56 -12.81
N GLU D 278 -6.39 -33.91 -14.10
CA GLU D 278 -7.29 -34.90 -14.76
C GLU D 278 -6.41 -35.89 -15.55
N THR D 279 -6.88 -37.12 -15.71
CA THR D 279 -6.11 -38.15 -16.44
C THR D 279 -5.93 -37.68 -17.90
N CYS D 280 -4.69 -37.54 -18.35
CA CYS D 280 -4.37 -37.09 -19.74
C CYS D 280 -3.40 -38.10 -20.38
N PRO D 281 -3.42 -38.29 -21.72
CA PRO D 281 -2.51 -39.23 -22.35
C PRO D 281 -1.05 -38.74 -22.26
N ALA D 282 -0.10 -39.66 -22.16
CA ALA D 282 1.34 -39.32 -22.04
C ALA D 282 1.81 -38.55 -23.28
N SER D 283 1.03 -38.59 -24.36
CA SER D 283 1.37 -37.90 -25.62
C SER D 283 1.37 -36.37 -25.41
N GLU D 284 0.72 -35.89 -24.36
CA GLU D 284 0.65 -34.42 -24.10
C GLU D 284 1.89 -33.94 -23.34
N LEU D 285 2.80 -34.85 -22.95
CA LEU D 285 4.04 -34.42 -22.23
C LEU D 285 5.03 -33.83 -23.23
N VAL D 286 5.88 -32.92 -22.75
CA VAL D 286 6.97 -32.29 -23.54
C VAL D 286 8.20 -32.35 -22.64
N VAL D 287 9.11 -33.28 -22.89
CA VAL D 287 10.29 -33.49 -21.99
C VAL D 287 11.57 -32.95 -22.63
N GLY D 288 12.35 -32.22 -21.83
CA GLY D 288 13.64 -31.66 -22.25
C GLY D 288 14.77 -32.38 -21.52
N MSE D 289 15.91 -32.54 -22.21
CA MSE D 289 17.05 -33.21 -21.62
C MSE D 289 18.31 -32.35 -21.80
O MSE D 289 18.49 -31.76 -22.85
CB MSE D 289 17.28 -34.57 -22.30
CG MSE D 289 16.04 -35.25 -22.85
SE MSE D 289 15.08 -36.23 -21.45
CE MSE D 289 14.11 -37.73 -22.27
N GLN D 290 19.12 -32.24 -20.73
CA GLN D 290 20.38 -31.53 -20.83
C GLN D 290 21.40 -32.18 -19.89
N CYS D 291 22.68 -31.86 -20.09
CA CYS D 291 23.80 -32.35 -19.25
C CYS D 291 24.27 -31.22 -18.34
N GLY D 292 24.77 -31.58 -17.15
CA GLY D 292 25.28 -30.61 -16.17
C GLY D 292 26.79 -30.63 -16.13
N GLY D 293 27.34 -31.30 -15.12
CA GLY D 293 28.81 -31.44 -14.97
C GLY D 293 29.31 -32.63 -15.76
N SER D 294 29.80 -32.39 -16.98
CA SER D 294 30.32 -33.47 -17.87
C SER D 294 31.15 -34.45 -17.05
N ASP D 295 30.90 -35.75 -17.21
CA ASP D 295 31.61 -36.80 -16.45
C ASP D 295 32.11 -37.86 -17.43
N ALA D 296 33.08 -38.68 -17.00
CA ALA D 296 33.61 -39.75 -17.88
C ALA D 296 32.56 -40.86 -18.04
N PHE D 297 31.52 -40.86 -17.20
CA PHE D 297 30.46 -41.90 -17.24
C PHE D 297 29.20 -41.36 -17.93
N SER D 298 29.12 -40.03 -18.10
CA SER D 298 28.03 -39.41 -18.89
C SER D 298 28.31 -39.90 -20.32
N GLY D 299 27.51 -40.80 -20.83
CA GLY D 299 27.77 -41.38 -22.17
C GLY D 299 27.73 -42.88 -22.07
N VAL D 300 28.08 -43.42 -20.90
CA VAL D 300 28.03 -44.90 -20.73
C VAL D 300 26.95 -45.27 -19.71
N THR D 301 26.41 -44.30 -18.96
CA THR D 301 25.37 -44.63 -17.94
C THR D 301 24.09 -43.81 -18.13
N ALA D 302 24.08 -42.60 -17.57
CA ALA D 302 22.90 -41.70 -17.60
C ALA D 302 22.44 -41.37 -19.02
N ASN D 303 23.34 -40.90 -19.88
CA ASN D 303 22.95 -40.49 -21.26
C ASN D 303 22.24 -41.61 -22.00
N PRO D 304 22.82 -42.82 -22.16
CA PRO D 304 22.13 -43.90 -22.87
C PRO D 304 20.77 -44.22 -22.24
N ALA D 305 20.68 -44.18 -20.90
CA ALA D 305 19.40 -44.45 -20.21
C ALA D 305 18.38 -43.38 -20.59
N VAL D 306 18.81 -42.12 -20.60
CA VAL D 306 17.92 -40.98 -20.98
C VAL D 306 17.47 -41.17 -22.42
N GLY D 307 18.38 -41.68 -23.28
CA GLY D 307 18.05 -41.90 -24.70
C GLY D 307 17.02 -43.01 -24.86
N TYR D 308 17.03 -43.99 -23.95
CA TYR D 308 16.05 -45.08 -24.04
C TYR D 308 14.69 -44.54 -23.59
N ALA D 309 14.68 -43.74 -22.50
CA ALA D 309 13.42 -43.13 -22.03
C ALA D 309 12.92 -42.17 -23.10
N SER D 310 13.85 -41.54 -23.81
CA SER D 310 13.51 -40.58 -24.90
C SER D 310 12.72 -41.33 -25.99
N ASP D 311 13.20 -42.51 -26.36
CA ASP D 311 12.53 -43.34 -27.40
C ASP D 311 11.15 -43.80 -26.91
N LEU D 312 11.02 -44.11 -25.62
CA LEU D 312 9.71 -44.55 -25.08
C LEU D 312 8.70 -43.38 -25.18
N LEU D 313 9.14 -42.17 -24.85
CA LEU D 313 8.24 -40.97 -24.93
C LEU D 313 7.84 -40.73 -26.38
N VAL D 314 8.77 -40.89 -27.32
CA VAL D 314 8.46 -40.69 -28.77
C VAL D 314 7.40 -41.71 -29.18
N ARG D 315 7.53 -42.94 -28.69
CA ARG D 315 6.58 -44.05 -29.03
C ARG D 315 5.20 -43.75 -28.42
N CYS D 316 5.15 -43.01 -27.31
CA CYS D 316 3.86 -42.64 -26.67
C CYS D 316 3.20 -41.50 -27.43
N GLY D 317 3.92 -40.91 -28.40
CA GLY D 317 3.40 -39.77 -29.18
C GLY D 317 3.71 -38.43 -28.51
N ALA D 318 4.61 -38.44 -27.53
CA ALA D 318 4.99 -37.21 -26.80
C ALA D 318 6.09 -36.46 -27.58
N THR D 319 6.58 -35.37 -27.01
CA THR D 319 7.63 -34.54 -27.65
C THR D 319 8.86 -34.52 -26.74
N VAL D 320 10.01 -34.95 -27.25
CA VAL D 320 11.28 -34.95 -26.47
C VAL D 320 12.20 -33.92 -27.12
N MSE D 321 13.06 -33.30 -26.29
CA MSE D 321 13.96 -32.27 -26.76
C MSE D 321 15.37 -32.45 -26.20
O MSE D 321 15.55 -32.72 -25.02
CB MSE D 321 13.45 -30.91 -26.26
CG MSE D 321 12.97 -29.98 -27.34
SE MSE D 321 12.02 -28.44 -26.56
CE MSE D 321 13.35 -27.68 -25.39
N PHE D 322 16.36 -32.30 -27.07
CA PHE D 322 17.75 -32.33 -26.64
C PHE D 322 18.37 -31.07 -27.24
N SER D 323 19.28 -30.42 -26.51
CA SER D 323 19.85 -29.13 -26.95
C SER D 323 21.38 -29.13 -26.84
N GLU D 324 21.93 -27.99 -26.43
CA GLU D 324 23.39 -27.83 -26.18
C GLU D 324 24.17 -28.01 -27.48
N VAL D 325 24.29 -26.94 -28.26
CA VAL D 325 25.01 -26.93 -29.57
C VAL D 325 26.50 -27.21 -29.35
N THR D 326 27.10 -26.55 -28.35
CA THR D 326 28.55 -26.71 -28.04
C THR D 326 28.88 -28.16 -27.64
N GLU D 327 27.90 -28.89 -27.07
CA GLU D 327 28.10 -30.29 -26.60
C GLU D 327 27.95 -31.31 -27.73
N VAL D 328 27.13 -31.02 -28.75
CA VAL D 328 26.88 -31.99 -29.86
C VAL D 328 27.60 -31.58 -31.15
N ARG D 329 28.14 -30.36 -31.22
CA ARG D 329 28.81 -29.82 -32.44
C ARG D 329 29.82 -30.79 -33.07
N ASP D 330 30.71 -31.36 -32.27
CA ASP D 330 31.77 -32.26 -32.82
C ASP D 330 31.23 -33.68 -33.10
N ALA D 331 29.92 -33.83 -33.24
CA ALA D 331 29.31 -35.15 -33.53
C ALA D 331 28.09 -34.98 -34.45
N ILE D 332 27.92 -33.78 -35.00
CA ILE D 332 26.77 -33.43 -35.90
C ILE D 332 26.68 -34.43 -37.06
N HIS D 333 27.81 -35.03 -37.46
CA HIS D 333 27.82 -35.99 -38.59
C HIS D 333 27.06 -37.28 -38.22
N LEU D 334 26.58 -37.40 -36.97
CA LEU D 334 25.84 -38.61 -36.53
C LEU D 334 24.37 -38.25 -36.29
N LEU D 335 24.05 -36.95 -36.27
CA LEU D 335 22.64 -36.50 -36.06
C LEU D 335 22.00 -36.24 -37.43
N THR D 336 22.75 -35.65 -38.36
CA THR D 336 22.26 -35.30 -39.72
C THR D 336 21.65 -36.52 -40.41
N PRO D 337 22.26 -37.73 -40.35
CA PRO D 337 21.68 -38.90 -41.01
C PRO D 337 20.34 -39.33 -40.41
N ARG D 338 20.03 -38.88 -39.19
CA ARG D 338 18.77 -39.26 -38.50
C ARG D 338 17.65 -38.24 -38.78
N ALA D 339 17.92 -37.19 -39.56
CA ALA D 339 16.86 -36.21 -39.89
C ALA D 339 15.81 -36.91 -40.79
N VAL D 340 14.53 -36.63 -40.58
CA VAL D 340 13.44 -37.29 -41.38
C VAL D 340 13.51 -36.86 -42.85
N ASN D 341 14.07 -35.68 -43.14
CA ASN D 341 14.16 -35.19 -44.55
C ASN D 341 15.30 -34.18 -44.66
N GLU D 342 15.62 -33.74 -45.89
CA GLU D 342 16.74 -32.79 -46.13
C GLU D 342 16.44 -31.40 -45.55
N GLU D 343 15.21 -30.89 -45.70
CA GLU D 343 14.91 -29.54 -45.15
C GLU D 343 15.22 -29.52 -43.65
N VAL D 344 14.92 -30.61 -42.93
CA VAL D 344 15.20 -30.69 -41.47
C VAL D 344 16.71 -30.87 -41.26
N GLY D 345 17.39 -31.52 -42.22
CA GLY D 345 18.84 -31.72 -42.14
C GLY D 345 19.59 -30.41 -42.31
N LYS D 346 19.26 -29.66 -43.38
CA LYS D 346 19.93 -28.36 -43.67
C LYS D 346 19.62 -27.38 -42.53
N ARG D 347 18.41 -27.50 -41.96
CA ARG D 347 17.95 -26.64 -40.84
C ARG D 347 18.82 -26.95 -39.61
N LEU D 348 19.32 -28.19 -39.52
CA LEU D 348 20.17 -28.64 -38.39
C LEU D 348 21.58 -28.05 -38.59
N LEU D 349 22.08 -28.04 -39.82
CA LEU D 349 23.41 -27.47 -40.15
C LEU D 349 23.37 -25.95 -39.96
N GLU D 350 22.23 -25.33 -40.28
CA GLU D 350 22.04 -23.86 -40.17
C GLU D 350 22.27 -23.42 -38.72
N GLU D 351 21.83 -24.23 -37.74
CA GLU D 351 22.00 -23.88 -36.31
C GLU D 351 23.45 -24.10 -35.87
N MSE D 352 24.15 -25.03 -36.53
CA MSE D 352 25.53 -25.31 -36.18
C MSE D 352 26.42 -24.15 -36.58
O MSE D 352 27.23 -23.68 -35.77
CB MSE D 352 26.02 -26.61 -36.83
CG MSE D 352 25.34 -27.86 -36.33
SE MSE D 352 25.62 -28.20 -34.41
CE MSE D 352 23.85 -28.33 -33.54
N GLU D 353 26.29 -23.67 -37.82
CA GLU D 353 27.11 -22.58 -38.31
C GLU D 353 26.72 -21.28 -37.57
N TRP D 354 25.43 -21.10 -37.25
CA TRP D 354 25.01 -19.87 -36.54
C TRP D 354 25.78 -19.76 -35.21
N TYR D 355 25.98 -20.90 -34.53
CA TYR D 355 26.67 -20.89 -33.21
C TYR D 355 28.18 -20.73 -33.45
N ASP D 356 28.75 -21.42 -34.46
CA ASP D 356 30.19 -21.27 -34.77
C ASP D 356 30.48 -19.78 -35.02
N ASN D 357 29.60 -19.13 -35.77
CA ASN D 357 29.72 -17.70 -36.14
C ASN D 357 29.62 -16.84 -34.87
N TYR D 358 28.67 -17.16 -33.99
CA TYR D 358 28.45 -16.42 -32.72
C TYR D 358 29.69 -16.47 -31.82
N LEU D 359 30.47 -17.55 -31.86
CA LEU D 359 31.70 -17.66 -31.02
C LEU D 359 32.92 -17.04 -31.75
N ASN D 360 32.71 -16.06 -32.63
CA ASN D 360 33.82 -15.43 -33.42
C ASN D 360 35.08 -16.30 -33.33
N ASN D 381 39.33 -35.47 -25.43
CA ASN D 381 38.90 -35.70 -26.83
C ASN D 381 37.49 -35.13 -27.00
N VAL D 382 37.36 -34.05 -27.78
CA VAL D 382 36.05 -33.35 -28.01
C VAL D 382 35.08 -34.25 -28.78
N VAL D 383 35.56 -35.04 -29.74
CA VAL D 383 34.67 -35.94 -30.54
C VAL D 383 34.12 -37.04 -29.62
N GLU D 384 34.96 -37.57 -28.75
CA GLU D 384 34.59 -38.65 -27.79
C GLU D 384 33.49 -38.11 -26.86
N LYS D 385 33.68 -36.91 -26.31
CA LYS D 385 32.69 -36.30 -25.40
C LYS D 385 31.36 -36.06 -26.14
N ALA D 386 31.44 -35.55 -27.38
CA ALA D 386 30.23 -35.27 -28.18
C ALA D 386 29.41 -36.55 -28.41
N LEU D 387 30.08 -37.67 -28.69
CA LEU D 387 29.39 -38.97 -28.91
C LEU D 387 28.62 -39.34 -27.63
N GLY D 388 29.20 -39.02 -26.48
CA GLY D 388 28.57 -39.31 -25.17
C GLY D 388 27.34 -38.45 -24.93
N SER D 389 27.34 -37.22 -25.46
CA SER D 389 26.20 -36.30 -25.30
C SER D 389 25.01 -36.71 -26.18
N ILE D 390 25.27 -37.01 -27.46
CA ILE D 390 24.16 -37.37 -28.40
C ILE D 390 23.49 -38.66 -27.95
N ALA D 391 24.11 -39.39 -27.01
CA ALA D 391 23.50 -40.65 -26.52
C ALA D 391 22.12 -40.36 -25.91
N LYS D 392 21.91 -39.13 -25.41
CA LYS D 392 20.61 -38.74 -24.80
C LYS D 392 19.50 -38.67 -25.87
N SER D 393 19.89 -38.56 -27.15
CA SER D 393 18.90 -38.46 -28.26
C SER D 393 18.29 -39.81 -28.57
N GLY D 394 18.91 -40.90 -28.11
CA GLY D 394 18.38 -42.25 -28.39
C GLY D 394 18.58 -42.63 -29.84
N LYS D 395 17.59 -43.29 -30.47
CA LYS D 395 17.72 -43.74 -31.87
C LYS D 395 16.56 -43.24 -32.74
N SER D 396 15.57 -42.55 -32.15
CA SER D 396 14.41 -42.04 -32.93
C SER D 396 14.87 -41.05 -34.01
N ALA D 397 13.96 -40.73 -34.93
CA ALA D 397 14.26 -39.76 -36.01
C ALA D 397 14.05 -38.33 -35.52
N ILE D 398 14.90 -37.40 -35.98
CA ILE D 398 14.77 -35.96 -35.61
C ILE D 398 13.74 -35.36 -36.57
N VAL D 399 12.55 -35.02 -36.05
CA VAL D 399 11.43 -34.52 -36.90
C VAL D 399 11.43 -32.99 -37.04
N GLU D 400 12.19 -32.27 -36.20
CA GLU D 400 12.19 -30.78 -36.33
C GLU D 400 13.37 -30.19 -35.57
N VAL D 401 13.87 -29.04 -36.04
CA VAL D 401 15.00 -28.29 -35.42
C VAL D 401 14.45 -26.91 -35.02
N LEU D 402 14.75 -26.45 -33.80
CA LEU D 402 14.24 -25.14 -33.34
C LEU D 402 15.40 -24.18 -33.10
N SER D 403 15.13 -22.88 -33.29
CA SER D 403 16.14 -21.84 -33.00
C SER D 403 15.93 -21.43 -31.54
N PRO D 404 16.93 -20.85 -30.85
CA PRO D 404 16.77 -20.48 -29.45
C PRO D 404 15.44 -19.77 -29.12
N GLY D 405 14.56 -20.44 -28.36
CA GLY D 405 13.28 -19.86 -27.92
C GLY D 405 12.08 -20.16 -28.82
N GLN D 406 12.24 -20.95 -29.88
CA GLN D 406 11.08 -21.27 -30.76
C GLN D 406 10.25 -22.41 -30.18
N ARG D 407 9.00 -22.54 -30.62
CA ARG D 407 8.10 -23.63 -30.14
C ARG D 407 7.90 -24.63 -31.28
N PRO D 408 7.81 -25.94 -30.97
CA PRO D 408 7.65 -26.94 -32.01
C PRO D 408 6.25 -26.95 -32.65
N THR D 409 6.17 -27.48 -33.87
CA THR D 409 4.87 -27.59 -34.61
C THR D 409 4.58 -29.07 -34.86
N LYS D 410 5.57 -29.93 -34.59
CA LYS D 410 5.46 -31.40 -34.81
C LYS D 410 5.74 -32.15 -33.51
N ARG D 411 5.35 -33.42 -33.44
CA ARG D 411 5.60 -34.25 -32.23
C ARG D 411 6.67 -35.30 -32.56
N GLY D 412 7.47 -35.67 -31.54
CA GLY D 412 8.56 -36.66 -31.68
C GLY D 412 9.85 -36.11 -31.12
N LEU D 413 11.00 -36.63 -31.58
CA LEU D 413 12.32 -36.14 -31.10
C LEU D 413 12.64 -34.82 -31.81
N ILE D 414 12.78 -33.74 -31.04
CA ILE D 414 13.05 -32.37 -31.59
C ILE D 414 14.44 -31.90 -31.15
N TYR D 415 15.15 -31.20 -32.03
CA TYR D 415 16.46 -30.63 -31.62
C TYR D 415 16.27 -29.14 -31.40
N ALA D 416 16.35 -28.69 -30.15
CA ALA D 416 16.19 -27.27 -29.79
C ALA D 416 17.58 -26.66 -29.55
N ALA D 417 18.11 -25.89 -30.51
CA ALA D 417 19.46 -25.30 -30.34
C ALA D 417 19.46 -24.34 -29.14
N THR D 418 20.43 -24.51 -28.23
CA THR D 418 20.58 -23.64 -27.03
C THR D 418 22.01 -23.71 -26.53
N PRO D 419 22.48 -22.73 -25.74
CA PRO D 419 23.82 -22.81 -25.14
C PRO D 419 23.86 -23.98 -24.13
N ALA D 420 25.06 -24.47 -23.81
CA ALA D 420 25.18 -25.60 -22.85
C ALA D 420 25.00 -25.09 -21.42
N SER D 421 25.26 -23.79 -21.20
CA SER D 421 25.12 -23.15 -19.86
C SER D 421 23.77 -23.56 -19.25
N ASP D 422 23.83 -24.39 -18.21
CA ASP D 422 22.68 -25.02 -17.47
C ASP D 422 21.46 -24.10 -17.29
N PHE D 423 21.60 -22.95 -16.64
CA PHE D 423 20.40 -22.10 -16.38
C PHE D 423 19.85 -21.52 -17.68
N VAL D 424 20.72 -21.20 -18.64
CA VAL D 424 20.25 -20.64 -19.93
C VAL D 424 19.54 -21.75 -20.73
N CYS D 425 20.14 -22.94 -20.79
CA CYS D 425 19.54 -24.09 -21.52
C CYS D 425 18.13 -24.34 -20.99
N GLY D 426 18.01 -24.44 -19.67
CA GLY D 426 16.71 -24.69 -19.02
C GLY D 426 15.70 -23.62 -19.38
N THR D 427 16.10 -22.35 -19.29
CA THR D 427 15.21 -21.21 -19.61
C THR D 427 14.74 -21.32 -21.07
N GLN D 428 15.65 -21.66 -21.98
CA GLN D 428 15.31 -21.76 -23.42
C GLN D 428 14.41 -22.97 -23.67
N GLN D 429 14.65 -24.09 -22.98
CA GLN D 429 13.78 -25.28 -23.19
C GLN D 429 12.38 -24.97 -22.65
N VAL D 430 12.30 -24.27 -21.52
CA VAL D 430 10.98 -23.88 -20.92
C VAL D 430 10.26 -22.99 -21.93
N ALA D 431 11.02 -22.15 -22.64
CA ALA D 431 10.43 -21.25 -23.65
C ALA D 431 9.89 -22.10 -24.82
N SER D 432 10.58 -23.20 -25.13
CA SER D 432 10.17 -24.10 -26.23
C SER D 432 8.91 -24.88 -25.83
N GLY D 433 8.55 -24.87 -24.54
CA GLY D 433 7.31 -25.53 -24.07
C GLY D 433 7.49 -26.82 -23.29
N ILE D 434 8.70 -27.14 -22.81
CA ILE D 434 8.83 -28.41 -22.03
C ILE D 434 8.03 -28.26 -20.74
N THR D 435 7.50 -29.38 -20.22
CA THR D 435 6.73 -29.40 -18.96
C THR D 435 7.49 -30.24 -17.93
N VAL D 436 8.54 -30.93 -18.37
CA VAL D 436 9.41 -31.77 -17.49
C VAL D 436 10.84 -31.72 -18.04
N GLN D 437 11.85 -31.68 -17.16
CA GLN D 437 13.25 -31.67 -17.65
C GLN D 437 14.05 -32.75 -16.92
N VAL D 438 14.88 -33.49 -17.66
CA VAL D 438 15.77 -34.52 -17.07
C VAL D 438 17.18 -33.92 -17.12
N PHE D 439 17.88 -33.88 -15.99
CA PHE D 439 19.22 -33.27 -15.92
C PHE D 439 20.22 -34.31 -15.42
N THR D 440 21.10 -34.80 -16.32
CA THR D 440 22.13 -35.79 -15.94
C THR D 440 23.34 -35.02 -15.40
N THR D 441 24.11 -35.60 -14.48
CA THR D 441 25.28 -34.86 -13.92
C THR D 441 26.19 -35.79 -13.12
N GLY D 442 27.48 -35.43 -13.07
CA GLY D 442 28.50 -36.19 -12.33
C GLY D 442 29.01 -35.41 -11.13
N ARG D 443 28.40 -34.24 -10.89
CA ARG D 443 28.76 -33.34 -9.76
C ARG D 443 27.49 -33.05 -8.94
N GLY D 444 27.66 -32.77 -7.64
CA GLY D 444 26.52 -32.46 -6.75
C GLY D 444 26.06 -31.03 -6.98
N THR D 445 25.31 -30.79 -8.05
CA THR D 445 24.81 -29.42 -8.39
C THR D 445 23.41 -29.20 -7.81
N PRO D 446 23.10 -27.98 -7.32
CA PRO D 446 21.78 -27.66 -6.81
C PRO D 446 20.89 -27.04 -7.91
N TYR D 447 21.16 -27.38 -9.17
CA TYR D 447 20.38 -26.87 -10.33
C TYR D 447 18.90 -27.26 -10.20
N GLY D 448 18.02 -26.35 -10.62
CA GLY D 448 16.56 -26.61 -10.58
C GLY D 448 15.79 -25.43 -11.16
N LEU D 449 14.53 -25.66 -11.55
CA LEU D 449 13.65 -24.61 -12.12
C LEU D 449 12.29 -24.70 -11.46
N MSE D 450 11.62 -23.55 -11.34
CA MSE D 450 10.28 -23.49 -10.78
C MSE D 450 9.27 -23.75 -11.90
O MSE D 450 8.23 -24.35 -11.66
CB MSE D 450 10.05 -22.13 -10.12
CG MSE D 450 8.59 -21.79 -9.85
SE MSE D 450 7.77 -23.04 -8.56
CE MSE D 450 8.31 -22.40 -6.77
N ALA D 451 9.60 -23.31 -13.12
CA ALA D 451 8.71 -23.45 -14.25
C ALA D 451 8.33 -24.91 -14.50
N VAL D 452 9.30 -25.81 -14.40
CA VAL D 452 9.05 -27.26 -14.64
C VAL D 452 9.80 -28.07 -13.60
N PRO D 453 9.32 -29.29 -13.27
CA PRO D 453 10.01 -30.15 -12.31
C PRO D 453 11.29 -30.67 -12.98
N VAL D 454 12.40 -30.67 -12.25
CA VAL D 454 13.70 -31.12 -12.80
C VAL D 454 14.09 -32.45 -12.14
N ILE D 455 14.22 -33.50 -12.95
CA ILE D 455 14.62 -34.86 -12.49
C ILE D 455 16.13 -34.91 -12.66
N LYS D 456 16.87 -35.02 -11.54
CA LYS D 456 18.34 -35.01 -11.57
C LYS D 456 18.85 -36.45 -11.48
N MSE D 457 19.60 -36.87 -12.51
CA MSE D 457 20.11 -38.24 -12.61
C MSE D 457 21.62 -38.27 -12.42
O MSE D 457 22.36 -37.57 -13.11
CB MSE D 457 19.73 -38.82 -13.97
CG MSE D 457 20.30 -40.20 -14.24
SE MSE D 457 19.45 -40.98 -15.84
CE MSE D 457 18.03 -42.14 -15.18
N ALA D 458 22.06 -39.14 -11.50
CA ALA D 458 23.48 -39.30 -11.21
C ALA D 458 24.12 -40.29 -12.18
N THR D 459 25.40 -40.09 -12.49
CA THR D 459 26.15 -40.96 -13.44
C THR D 459 26.86 -42.08 -12.69
N ARG D 460 27.15 -41.89 -11.41
CA ARG D 460 27.87 -42.89 -10.58
C ARG D 460 27.09 -43.17 -9.29
N THR D 461 27.18 -44.38 -8.75
CA THR D 461 26.47 -44.72 -7.50
C THR D 461 27.09 -43.92 -6.35
N GLU D 462 28.41 -43.74 -6.36
CA GLU D 462 29.12 -42.97 -5.32
C GLU D 462 28.48 -41.58 -5.20
N LEU D 463 28.12 -40.98 -6.34
CA LEU D 463 27.52 -39.61 -6.37
C LEU D 463 26.09 -39.65 -5.80
N ALA D 464 25.30 -40.66 -6.17
CA ALA D 464 23.90 -40.81 -5.69
C ALA D 464 23.87 -40.97 -4.16
N ASN D 465 24.92 -41.56 -3.59
CA ASN D 465 24.99 -41.78 -2.12
C ASN D 465 25.50 -40.49 -1.44
N ARG D 466 26.47 -39.80 -2.06
CA ARG D 466 27.03 -38.56 -1.47
C ARG D 466 25.94 -37.49 -1.45
N TRP D 467 25.12 -37.40 -2.50
CA TRP D 467 24.04 -36.38 -2.59
C TRP D 467 22.67 -37.06 -2.66
N PHE D 468 22.36 -37.88 -1.65
CA PHE D 468 21.10 -38.65 -1.55
C PHE D 468 19.87 -37.73 -1.54
N ASP D 469 20.04 -36.46 -1.19
CA ASP D 469 18.91 -35.49 -1.14
C ASP D 469 18.93 -34.54 -2.36
N LEU D 470 19.67 -34.90 -3.42
CA LEU D 470 19.71 -34.09 -4.67
C LEU D 470 19.47 -34.99 -5.88
N MSE D 471 20.04 -36.21 -5.84
CA MSE D 471 19.90 -37.16 -6.94
C MSE D 471 18.57 -37.90 -6.83
O MSE D 471 18.38 -38.75 -5.96
CB MSE D 471 21.09 -38.12 -6.95
CG MSE D 471 22.44 -37.43 -7.00
SE MSE D 471 22.66 -36.24 -8.54
CE MSE D 471 23.96 -34.88 -8.02
N ASP D 472 17.66 -37.59 -7.75
CA ASP D 472 16.33 -38.18 -7.79
C ASP D 472 16.41 -39.63 -8.28
N ILE D 473 17.36 -39.94 -9.17
CA ILE D 473 17.49 -41.32 -9.73
C ILE D 473 18.97 -41.62 -9.98
N ASN D 474 19.37 -42.88 -9.80
CA ASN D 474 20.79 -43.32 -9.98
C ASN D 474 20.94 -44.17 -11.24
N ALA D 475 21.85 -43.80 -12.14
CA ALA D 475 22.14 -44.57 -13.38
C ALA D 475 23.47 -45.30 -13.23
N GLY D 476 24.16 -45.07 -12.11
CA GLY D 476 25.47 -45.69 -11.84
C GLY D 476 25.39 -47.20 -11.72
N THR D 477 24.18 -47.75 -11.59
CA THR D 477 24.00 -49.22 -11.49
C THR D 477 24.36 -49.90 -12.81
N ILE D 478 24.47 -49.12 -13.89
CA ILE D 478 24.83 -49.67 -15.23
C ILE D 478 26.35 -49.96 -15.26
N ALA D 479 27.14 -49.08 -14.64
CA ALA D 479 28.62 -49.22 -14.60
C ALA D 479 29.04 -50.49 -13.85
N THR D 480 28.26 -50.92 -12.85
CA THR D 480 28.61 -52.14 -12.06
C THR D 480 27.90 -53.37 -12.61
N GLY D 481 27.06 -53.19 -13.65
CA GLY D 481 26.33 -54.31 -14.28
C GLY D 481 25.12 -54.77 -13.47
N GLU D 482 24.76 -54.04 -12.39
CA GLU D 482 23.61 -54.41 -11.53
C GLU D 482 22.30 -54.17 -12.30
N GLU D 483 22.28 -53.15 -13.18
CA GLU D 483 21.10 -52.81 -14.00
C GLU D 483 21.54 -52.57 -15.45
N THR D 484 20.60 -52.62 -16.40
CA THR D 484 20.90 -52.41 -17.83
C THR D 484 20.33 -51.05 -18.28
N ILE D 485 20.75 -50.58 -19.46
CA ILE D 485 20.25 -49.30 -20.03
C ILE D 485 18.71 -49.36 -20.12
N GLU D 486 18.18 -50.50 -20.57
CA GLU D 486 16.70 -50.68 -20.72
C GLU D 486 16.01 -50.55 -19.35
N GLU D 487 16.56 -51.22 -18.32
CA GLU D 487 15.96 -51.18 -16.95
C GLU D 487 15.95 -49.75 -16.41
N VAL D 488 17.10 -49.06 -16.44
CA VAL D 488 17.18 -47.67 -15.92
C VAL D 488 16.30 -46.77 -16.79
N GLY D 489 16.23 -47.04 -18.09
CA GLY D 489 15.40 -46.27 -19.03
C GLY D 489 13.93 -46.35 -18.66
N TRP D 490 13.42 -47.56 -18.40
CA TRP D 490 12.00 -47.73 -18.00
C TRP D 490 11.78 -47.11 -16.62
N LYS D 491 12.75 -47.27 -15.72
CA LYS D 491 12.62 -46.71 -14.35
C LYS D 491 12.47 -45.18 -14.49
N LEU D 492 13.23 -44.58 -15.40
CA LEU D 492 13.17 -43.12 -15.63
C LEU D 492 11.80 -42.74 -16.25
N PHE D 493 11.36 -43.51 -17.25
CA PHE D 493 10.05 -43.24 -17.92
C PHE D 493 8.95 -43.21 -16.86
N HIS D 494 8.91 -44.22 -15.97
CA HIS D 494 7.86 -44.25 -14.92
C HIS D 494 8.09 -43.11 -13.92
N PHE D 495 9.33 -42.72 -13.69
CA PHE D 495 9.61 -41.61 -12.75
C PHE D 495 9.06 -40.32 -13.37
N ILE D 496 9.21 -40.17 -14.69
CA ILE D 496 8.72 -38.97 -15.43
C ILE D 496 7.20 -38.88 -15.28
N LEU D 497 6.47 -39.96 -15.56
CA LEU D 497 4.99 -39.93 -15.44
C LEU D 497 4.58 -39.61 -14.00
N ASP D 498 5.26 -40.17 -13.01
CA ASP D 498 4.92 -39.93 -11.58
C ASP D 498 5.18 -38.45 -11.21
N VAL D 499 6.29 -37.87 -11.71
CA VAL D 499 6.61 -36.43 -11.42
C VAL D 499 5.61 -35.54 -12.15
N ALA D 500 5.29 -35.87 -13.41
CA ALA D 500 4.33 -35.07 -14.20
C ALA D 500 2.95 -35.11 -13.52
N SER D 501 2.62 -36.22 -12.88
CA SER D 501 1.32 -36.41 -12.18
C SER D 501 1.34 -35.74 -10.81
N GLY D 502 2.52 -35.35 -10.32
CA GLY D 502 2.64 -34.73 -8.99
C GLY D 502 2.57 -35.77 -7.88
N LYS D 503 2.71 -37.06 -8.24
CA LYS D 503 2.66 -38.16 -7.23
C LYS D 503 3.99 -38.15 -6.47
N LYS D 504 5.08 -37.82 -7.18
CA LYS D 504 6.43 -37.71 -6.56
C LYS D 504 6.95 -36.30 -6.82
N LYS D 505 7.66 -35.73 -5.84
CA LYS D 505 8.26 -34.38 -6.02
C LYS D 505 9.77 -34.58 -6.16
N THR D 506 10.37 -33.94 -7.16
CA THR D 506 11.84 -34.03 -7.34
C THR D 506 12.49 -33.29 -6.17
N PHE D 507 13.77 -33.55 -5.90
CA PHE D 507 14.43 -32.85 -4.77
C PHE D 507 14.46 -31.34 -5.06
N SER D 508 14.54 -30.95 -6.34
CA SER D 508 14.57 -29.50 -6.64
C SER D 508 13.27 -28.85 -6.13
N ASP D 509 12.12 -29.48 -6.35
CA ASP D 509 10.83 -28.90 -5.88
C ASP D 509 10.65 -29.12 -4.37
N GLN D 510 11.26 -30.16 -3.79
CA GLN D 510 11.11 -30.40 -2.32
C GLN D 510 11.85 -29.33 -1.52
N TRP D 511 13.07 -28.95 -1.94
CA TRP D 511 13.85 -27.93 -1.18
C TRP D 511 13.65 -26.53 -1.76
N GLY D 512 13.06 -26.43 -2.94
CA GLY D 512 12.88 -25.10 -3.56
C GLY D 512 14.17 -24.62 -4.19
N LEU D 513 14.87 -25.53 -4.87
CA LEU D 513 16.14 -25.19 -5.59
C LEU D 513 15.77 -24.49 -6.89
N HIS D 514 15.19 -23.29 -6.80
CA HIS D 514 14.77 -22.59 -8.04
C HIS D 514 15.67 -21.40 -8.33
N ASN D 515 16.44 -21.44 -9.42
CA ASN D 515 17.31 -20.30 -9.78
C ASN D 515 16.54 -19.46 -10.83
N GLN D 516 16.61 -18.13 -10.72
CA GLN D 516 15.89 -17.20 -11.63
C GLN D 516 16.17 -17.56 -13.10
N LEU D 517 15.17 -17.35 -13.96
CA LEU D 517 15.27 -17.63 -15.42
C LEU D 517 16.40 -16.77 -16.01
N ALA D 518 17.17 -17.36 -16.93
CA ALA D 518 18.30 -16.67 -17.59
C ALA D 518 18.11 -16.73 -19.12
N VAL D 519 17.46 -15.70 -19.67
CA VAL D 519 17.19 -15.63 -21.14
C VAL D 519 18.51 -15.49 -21.90
N PHE D 520 18.64 -16.21 -23.02
CA PHE D 520 19.86 -16.15 -23.86
C PHE D 520 19.84 -14.84 -24.64
N ASN D 521 20.89 -14.01 -24.46
CA ASN D 521 21.00 -12.70 -25.17
C ASN D 521 22.29 -12.69 -25.97
N PRO D 522 22.28 -13.14 -27.25
CA PRO D 522 23.50 -13.15 -28.06
C PRO D 522 23.93 -11.77 -28.55
N ALA D 523 23.07 -10.75 -28.42
CA ALA D 523 23.42 -9.39 -28.88
C ALA D 523 24.31 -8.70 -27.84
N PRO D 524 25.26 -7.83 -28.28
CA PRO D 524 26.14 -7.12 -27.36
C PRO D 524 25.33 -6.12 -26.51
N VAL D 525 25.80 -5.86 -25.29
CA VAL D 525 25.14 -4.93 -24.34
C VAL D 525 25.60 -3.49 -24.63
N THR D 526 24.66 -2.57 -24.76
CA THR D 526 25.00 -1.13 -25.01
C THR D 526 25.06 -0.40 -23.66
CA CA E . -13.85 -1.22 20.20
CA CA F . -5.93 3.11 -3.10
CA CA G . 4.52 -23.75 11.43
CL CL H . 2.67 5.53 45.09
CL CL I . -1.14 7.43 36.50
CL CL J . -4.13 16.23 28.86
CL CL K . 11.78 -12.26 13.84
CA CA L . -30.75 25.74 16.63
CA CA M . -42.13 49.59 2.43
CA CA N . 22.16 3.75 -17.38
CA CA O . 14.69 30.48 -6.27
CA CA P . 23.88 -27.86 -19.50
CA CA Q . 20.04 -56.63 -11.16
CL CL R . 0.38 -44.47 -14.96
CL CL S . 12.44 -27.97 -39.29
CL CL T . 8.62 -18.81 -32.70
#